data_2CSP
#
_entry.id   2CSP
#
_entity_poly.entity_id   1
_entity_poly.type   'polypeptide(L)'
_entity_poly.pdbx_seq_one_letter_code
;GSSGSSGVEFSTLPAGPPAPPQDVTVQAGVTPATIRVSWRPPVLTPTGLSNGANVTGYGVYAKGQRVAEVIFPTADSTAV
ELVRLRSLEAKGVTVRTLSAQGESVDSAVAAVPPELLVPPTPHPSGPSSG
;
_entity_poly.pdbx_strand_id   A
#
# COMPACT_ATOMS: atom_id res chain seq x y z
N GLY A 1 29.83 -1.61 17.95
CA GLY A 1 30.82 -2.56 18.44
C GLY A 1 30.63 -3.94 17.85
N SER A 2 31.34 -4.23 16.77
CA SER A 2 31.25 -5.53 16.11
C SER A 2 31.84 -6.62 16.98
N SER A 3 31.05 -7.14 17.91
CA SER A 3 31.51 -8.18 18.81
C SER A 3 32.72 -7.72 19.62
N GLY A 4 32.67 -6.49 20.09
CA GLY A 4 33.76 -5.94 20.88
C GLY A 4 33.51 -6.02 22.37
N SER A 5 32.69 -5.10 22.88
CA SER A 5 32.36 -5.07 24.29
C SER A 5 31.31 -4.00 24.59
N SER A 6 30.62 -4.15 25.71
CA SER A 6 29.58 -3.20 26.11
C SER A 6 29.44 -3.15 27.62
N GLY A 7 28.62 -2.23 28.11
CA GLY A 7 28.41 -2.08 29.53
C GLY A 7 27.38 -1.02 29.87
N VAL A 8 27.55 0.16 29.30
CA VAL A 8 26.63 1.27 29.54
C VAL A 8 25.19 0.78 29.60
N GLU A 9 24.60 0.81 30.79
CA GLU A 9 23.23 0.37 30.97
C GLU A 9 22.32 0.90 29.86
N PHE A 10 21.77 -0.01 29.07
CA PHE A 10 20.89 0.35 27.97
C PHE A 10 20.02 -0.82 27.55
N SER A 11 18.72 -0.58 27.44
CA SER A 11 17.78 -1.62 27.05
C SER A 11 17.06 -1.25 25.76
N THR A 12 17.51 -1.81 24.65
CA THR A 12 16.91 -1.53 23.35
C THR A 12 16.41 -2.82 22.70
N LEU A 13 15.09 -3.01 22.75
CA LEU A 13 14.48 -4.20 22.15
C LEU A 13 14.32 -4.04 20.64
N PRO A 14 14.38 -5.17 19.92
CA PRO A 14 14.25 -5.18 18.46
C PRO A 14 12.83 -4.85 18.01
N ALA A 15 12.73 -4.01 16.99
CA ALA A 15 11.43 -3.61 16.45
C ALA A 15 11.33 -3.93 14.97
N GLY A 16 10.11 -4.23 14.52
CA GLY A 16 9.91 -4.55 13.11
C GLY A 16 10.80 -5.68 12.64
N PRO A 17 10.63 -6.07 11.36
CA PRO A 17 9.67 -5.44 10.46
C PRO A 17 8.23 -5.77 10.84
N PRO A 18 7.32 -4.83 10.56
CA PRO A 18 5.88 -5.00 10.87
C PRO A 18 5.23 -6.05 9.97
N ALA A 19 4.39 -6.88 10.57
CA ALA A 19 3.69 -7.93 9.83
C ALA A 19 2.97 -7.35 8.62
N PRO A 20 3.32 -7.84 7.43
CA PRO A 20 2.71 -7.38 6.18
C PRO A 20 1.26 -7.83 6.04
N PRO A 21 0.46 -7.03 5.30
CA PRO A 21 -0.96 -7.33 5.07
C PRO A 21 -1.16 -8.54 4.18
N GLN A 22 -2.42 -8.93 4.01
CA GLN A 22 -2.75 -10.08 3.16
C GLN A 22 -4.12 -9.90 2.52
N ASP A 23 -4.50 -10.85 1.67
CA ASP A 23 -5.79 -10.80 0.99
C ASP A 23 -5.89 -9.56 0.11
N VAL A 24 -4.75 -9.14 -0.43
CA VAL A 24 -4.71 -7.97 -1.30
C VAL A 24 -5.54 -8.18 -2.55
N THR A 25 -6.26 -7.13 -2.96
CA THR A 25 -7.12 -7.19 -4.14
C THR A 25 -7.43 -5.81 -4.67
N VAL A 26 -7.84 -5.74 -5.94
CA VAL A 26 -8.17 -4.47 -6.56
C VAL A 26 -9.64 -4.43 -6.96
N GLN A 27 -10.43 -3.62 -6.24
CA GLN A 27 -11.85 -3.50 -6.53
C GLN A 27 -12.10 -2.43 -7.59
N ALA A 28 -12.00 -1.17 -7.19
CA ALA A 28 -12.21 -0.05 -8.11
C ALA A 28 -11.94 1.28 -7.43
N GLY A 29 -11.29 2.19 -8.15
CA GLY A 29 -10.97 3.49 -7.60
C GLY A 29 -12.05 4.51 -7.89
N VAL A 30 -12.31 5.39 -6.91
CA VAL A 30 -13.32 6.42 -7.07
C VAL A 30 -13.32 6.99 -8.49
N THR A 31 -12.17 6.92 -9.15
CA THR A 31 -12.04 7.42 -10.50
C THR A 31 -11.58 6.33 -11.45
N PRO A 32 -11.86 6.49 -12.75
CA PRO A 32 -11.47 5.53 -13.79
C PRO A 32 -9.97 5.51 -14.03
N ALA A 33 -9.26 6.41 -13.37
CA ALA A 33 -7.80 6.49 -13.51
C ALA A 33 -7.10 6.02 -12.24
N THR A 34 -7.88 5.41 -11.34
CA THR A 34 -7.32 4.90 -10.09
C THR A 34 -7.99 3.58 -9.69
N ILE A 35 -7.45 2.94 -8.67
CA ILE A 35 -7.98 1.67 -8.19
C ILE A 35 -8.05 1.65 -6.67
N ARG A 36 -8.64 0.59 -6.12
CA ARG A 36 -8.77 0.44 -4.68
C ARG A 36 -8.15 -0.87 -4.20
N VAL A 37 -6.92 -0.77 -3.69
CA VAL A 37 -6.21 -1.95 -3.20
C VAL A 37 -6.69 -2.34 -1.80
N SER A 38 -7.61 -3.30 -1.74
CA SER A 38 -8.15 -3.76 -0.47
C SER A 38 -7.30 -4.89 0.09
N TRP A 39 -7.10 -4.86 1.41
CA TRP A 39 -6.30 -5.89 2.08
C TRP A 39 -6.79 -6.10 3.52
N ARG A 40 -6.17 -7.06 4.21
CA ARG A 40 -6.54 -7.35 5.59
C ARG A 40 -5.38 -7.05 6.53
N PRO A 41 -5.51 -5.96 7.31
CA PRO A 41 -4.50 -5.54 8.27
C PRO A 41 -4.37 -6.51 9.45
N PRO A 42 -3.13 -6.91 9.77
CA PRO A 42 -2.85 -7.83 10.87
C PRO A 42 -3.08 -7.18 12.23
N VAL A 43 -3.66 -7.95 13.15
CA VAL A 43 -3.94 -7.46 14.50
C VAL A 43 -2.74 -6.70 15.06
N LEU A 44 -3.03 -5.57 15.71
CA LEU A 44 -1.97 -4.74 16.29
C LEU A 44 -2.03 -4.78 17.82
N THR A 45 -0.89 -5.01 18.46
CA THR A 45 -0.83 -5.07 19.91
C THR A 45 -1.75 -4.03 20.54
N PRO A 46 -2.12 -4.28 21.80
CA PRO A 46 -3.01 -3.38 22.56
C PRO A 46 -2.33 -2.07 22.91
N THR A 47 -1.21 -1.78 22.25
CA THR A 47 -0.47 -0.55 22.50
C THR A 47 -0.20 0.20 21.20
N GLY A 48 -0.44 -0.47 20.07
CA GLY A 48 -0.22 0.15 18.79
C GLY A 48 1.07 -0.32 18.13
N LEU A 49 1.16 -1.62 17.87
CA LEU A 49 2.34 -2.20 17.24
C LEU A 49 2.01 -3.52 16.56
N SER A 50 2.52 -3.70 15.35
CA SER A 50 2.27 -4.92 14.59
C SER A 50 3.23 -6.02 15.01
N ASN A 51 4.49 -5.90 14.60
CA ASN A 51 5.50 -6.89 14.94
C ASN A 51 6.60 -6.27 15.81
N GLY A 52 6.23 -5.25 16.58
CA GLY A 52 7.19 -4.60 17.44
C GLY A 52 7.49 -3.17 17.00
N ALA A 53 7.02 -2.82 15.82
CA ALA A 53 7.24 -1.48 15.27
C ALA A 53 5.95 -0.66 15.32
N ASN A 54 6.09 0.66 15.21
CA ASN A 54 4.94 1.56 15.23
C ASN A 54 4.40 1.78 13.82
N VAL A 55 3.36 1.04 13.46
CA VAL A 55 2.74 1.15 12.14
C VAL A 55 1.94 2.44 12.04
N THR A 56 2.35 3.31 11.13
CA THR A 56 1.66 4.58 10.92
C THR A 56 0.79 4.54 9.67
N GLY A 57 1.00 3.53 8.84
CA GLY A 57 0.22 3.39 7.62
C GLY A 57 0.79 2.33 6.69
N TYR A 58 0.28 2.29 5.46
CA TYR A 58 0.73 1.32 4.48
C TYR A 58 1.26 2.02 3.23
N GLY A 59 1.82 1.23 2.31
CA GLY A 59 2.35 1.79 1.08
C GLY A 59 2.17 0.85 -0.10
N VAL A 60 1.66 1.40 -1.21
CA VAL A 60 1.45 0.62 -2.42
C VAL A 60 2.62 0.77 -3.39
N TYR A 61 3.05 -0.35 -3.97
CA TYR A 61 4.15 -0.33 -4.92
C TYR A 61 3.81 -1.16 -6.16
N ALA A 62 4.33 -0.73 -7.31
CA ALA A 62 4.09 -1.43 -8.56
C ALA A 62 5.34 -2.15 -9.04
N LYS A 63 6.30 -1.38 -9.55
CA LYS A 63 7.55 -1.94 -10.05
C LYS A 63 8.74 -1.40 -9.26
N GLY A 64 8.56 -1.28 -7.96
CA GLY A 64 9.63 -0.77 -7.11
C GLY A 64 9.55 0.73 -6.91
N GLN A 65 8.44 1.32 -7.34
CA GLN A 65 8.23 2.76 -7.19
C GLN A 65 6.95 3.06 -6.43
N ARG A 66 7.09 3.62 -5.24
CA ARG A 66 5.94 3.96 -4.40
C ARG A 66 4.91 4.77 -5.18
N VAL A 67 3.76 4.16 -5.44
CA VAL A 67 2.70 4.84 -6.18
C VAL A 67 1.70 5.50 -5.24
N ALA A 68 1.40 4.82 -4.14
CA ALA A 68 0.46 5.34 -3.15
C ALA A 68 0.91 5.00 -1.74
N GLU A 69 0.36 5.71 -0.76
CA GLU A 69 0.70 5.49 0.64
C GLU A 69 -0.39 6.02 1.56
N VAL A 70 -0.97 5.13 2.36
CA VAL A 70 -2.03 5.50 3.29
C VAL A 70 -1.50 5.61 4.71
N ILE A 71 -1.67 6.77 5.32
CA ILE A 71 -1.21 7.01 6.68
C ILE A 71 -2.19 6.42 7.70
N PHE A 72 -2.65 5.20 7.43
CA PHE A 72 -3.59 4.53 8.31
C PHE A 72 -3.16 3.09 8.57
N PRO A 73 -2.83 2.78 9.83
CA PRO A 73 -2.40 1.44 10.23
C PRO A 73 -3.53 0.42 10.18
N THR A 74 -4.76 0.90 10.35
CA THR A 74 -5.93 0.03 10.31
C THR A 74 -6.66 0.15 8.99
N ALA A 75 -5.95 0.56 7.95
CA ALA A 75 -6.53 0.71 6.62
C ALA A 75 -6.67 -0.63 5.93
N ASP A 76 -7.84 -0.87 5.33
CA ASP A 76 -8.09 -2.12 4.63
C ASP A 76 -8.27 -1.88 3.13
N SER A 77 -8.04 -0.64 2.71
CA SER A 77 -8.18 -0.27 1.30
C SER A 77 -7.67 1.15 1.06
N THR A 78 -6.93 1.32 -0.03
CA THR A 78 -6.38 2.62 -0.38
C THR A 78 -6.46 2.87 -1.89
N ALA A 79 -6.48 4.14 -2.27
CA ALA A 79 -6.56 4.52 -3.68
C ALA A 79 -5.16 4.63 -4.29
N VAL A 80 -5.03 4.22 -5.54
CA VAL A 80 -3.76 4.28 -6.24
C VAL A 80 -3.94 4.71 -7.69
N GLU A 81 -3.05 5.57 -8.17
CA GLU A 81 -3.12 6.06 -9.54
C GLU A 81 -2.75 4.96 -10.53
N LEU A 82 -3.59 4.78 -11.55
CA LEU A 82 -3.35 3.75 -12.56
C LEU A 82 -2.28 4.20 -13.55
N VAL A 83 -2.21 5.51 -13.78
CA VAL A 83 -1.22 6.07 -14.70
C VAL A 83 0.19 5.70 -14.29
N ARG A 84 0.44 5.68 -12.98
CA ARG A 84 1.75 5.34 -12.45
C ARG A 84 2.15 3.92 -12.84
N LEU A 85 1.15 3.08 -13.08
CA LEU A 85 1.39 1.68 -13.46
C LEU A 85 1.62 1.57 -14.96
N ARG A 86 1.06 2.51 -15.71
CA ARG A 86 1.21 2.52 -17.17
C ARG A 86 2.66 2.75 -17.57
N SER A 87 3.23 3.86 -17.12
CA SER A 87 4.62 4.19 -17.43
C SER A 87 5.54 3.02 -17.14
N LEU A 88 5.25 2.31 -16.05
CA LEU A 88 6.06 1.16 -15.65
C LEU A 88 5.49 -0.13 -16.24
N GLU A 89 4.26 -0.05 -16.76
CA GLU A 89 3.61 -1.21 -17.35
C GLU A 89 3.49 -2.35 -16.33
N ALA A 90 3.24 -1.98 -15.08
CA ALA A 90 3.11 -2.96 -14.01
C ALA A 90 1.73 -3.63 -14.06
N LYS A 91 1.73 -4.95 -14.04
CA LYS A 91 0.48 -5.71 -14.08
C LYS A 91 0.10 -6.21 -12.69
N GLY A 92 0.56 -5.50 -11.67
CA GLY A 92 0.25 -5.89 -10.30
C GLY A 92 0.89 -4.95 -9.28
N VAL A 93 0.27 -4.84 -8.11
CA VAL A 93 0.78 -3.99 -7.05
C VAL A 93 0.91 -4.75 -5.74
N THR A 94 1.60 -4.14 -4.78
CA THR A 94 1.80 -4.77 -3.47
C THR A 94 1.59 -3.77 -2.34
N VAL A 95 1.35 -4.28 -1.15
CA VAL A 95 1.13 -3.43 0.02
C VAL A 95 2.15 -3.72 1.12
N ARG A 96 2.82 -2.68 1.59
CA ARG A 96 3.81 -2.81 2.64
C ARG A 96 3.42 -2.02 3.88
N THR A 97 3.54 -2.65 5.04
CA THR A 97 3.19 -2.00 6.30
C THR A 97 4.24 -0.96 6.69
N LEU A 98 3.87 0.31 6.63
CA LEU A 98 4.77 1.40 6.98
C LEU A 98 4.74 1.68 8.48
N SER A 99 5.91 1.90 9.06
CA SER A 99 6.02 2.18 10.49
C SER A 99 7.14 3.17 10.76
N ALA A 100 7.28 3.56 12.03
CA ALA A 100 8.31 4.51 12.43
C ALA A 100 9.70 3.92 12.22
N GLN A 101 9.78 2.59 12.19
CA GLN A 101 11.05 1.90 12.01
C GLN A 101 11.41 1.81 10.52
N GLY A 102 10.39 1.62 9.68
CA GLY A 102 10.62 1.52 8.25
C GLY A 102 9.43 0.93 7.52
N GLU A 103 9.70 -0.05 6.66
CA GLU A 103 8.63 -0.69 5.89
C GLU A 103 8.75 -2.21 5.96
N SER A 104 7.72 -2.90 5.50
CA SER A 104 7.70 -4.36 5.51
C SER A 104 7.74 -4.92 4.09
N VAL A 105 7.88 -6.24 3.98
CA VAL A 105 7.93 -6.89 2.68
C VAL A 105 6.70 -6.56 1.85
N ASP A 106 6.73 -6.94 0.58
CA ASP A 106 5.61 -6.67 -0.32
C ASP A 106 4.56 -7.77 -0.22
N SER A 107 3.32 -7.38 0.08
CA SER A 107 2.23 -8.33 0.21
C SER A 107 1.98 -9.07 -1.11
N ALA A 108 0.97 -9.93 -1.12
CA ALA A 108 0.63 -10.68 -2.31
C ALA A 108 0.36 -9.75 -3.49
N VAL A 109 1.28 -9.74 -4.45
CA VAL A 109 1.14 -8.90 -5.64
C VAL A 109 -0.24 -9.06 -6.27
N ALA A 110 -1.09 -8.06 -6.07
CA ALA A 110 -2.44 -8.08 -6.62
C ALA A 110 -2.46 -7.63 -8.07
N ALA A 111 -2.47 -8.59 -8.99
CA ALA A 111 -2.48 -8.28 -10.41
C ALA A 111 -3.70 -7.46 -10.79
N VAL A 112 -3.48 -6.18 -11.10
CA VAL A 112 -4.57 -5.29 -11.47
C VAL A 112 -5.24 -5.76 -12.76
N PRO A 113 -6.59 -5.70 -12.78
CA PRO A 113 -7.39 -6.12 -13.93
C PRO A 113 -7.24 -5.16 -15.11
N PRO A 114 -7.30 -5.70 -16.33
CA PRO A 114 -7.17 -4.91 -17.57
C PRO A 114 -8.39 -4.01 -17.79
N GLU A 115 -9.51 -4.38 -17.20
CA GLU A 115 -10.74 -3.60 -17.35
C GLU A 115 -10.62 -2.27 -16.63
N LEU A 116 -9.92 -2.26 -15.50
CA LEU A 116 -9.74 -1.04 -14.72
C LEU A 116 -8.57 -0.22 -15.27
N LEU A 117 -7.56 -0.90 -15.78
CA LEU A 117 -6.38 -0.23 -16.34
C LEU A 117 -6.76 0.58 -17.57
N VAL A 118 -7.67 0.05 -18.38
CA VAL A 118 -8.12 0.72 -19.59
C VAL A 118 -9.19 1.76 -19.27
N PRO A 119 -9.05 2.95 -19.87
CA PRO A 119 -10.00 4.05 -19.67
C PRO A 119 -11.36 3.78 -20.31
N PRO A 120 -12.38 4.50 -19.86
CA PRO A 120 -13.75 4.36 -20.39
C PRO A 120 -13.88 4.88 -21.81
N THR A 121 -14.94 4.44 -22.50
CA THR A 121 -15.18 4.86 -23.87
C THR A 121 -16.64 4.65 -24.25
N PRO A 122 -17.21 5.65 -24.96
CA PRO A 122 -18.61 5.61 -25.40
C PRO A 122 -18.83 4.57 -26.50
N HIS A 123 -20.07 4.09 -26.60
CA HIS A 123 -20.41 3.08 -27.60
C HIS A 123 -20.20 3.63 -29.01
N PRO A 124 -19.28 3.00 -29.76
CA PRO A 124 -18.96 3.40 -31.13
C PRO A 124 -20.10 3.11 -32.10
N SER A 125 -20.02 3.69 -33.29
CA SER A 125 -21.04 3.50 -34.32
C SER A 125 -20.50 3.86 -35.70
N GLY A 126 -21.18 3.37 -36.73
CA GLY A 126 -20.76 3.66 -38.09
C GLY A 126 -21.93 3.94 -39.01
N PRO A 127 -21.71 3.79 -40.33
CA PRO A 127 -22.74 4.04 -41.33
C PRO A 127 -23.85 2.99 -41.29
N SER A 128 -25.03 3.39 -40.83
CA SER A 128 -26.17 2.49 -40.74
C SER A 128 -26.85 2.34 -42.10
N SER A 129 -26.74 1.16 -42.68
CA SER A 129 -27.36 0.89 -43.98
C SER A 129 -28.63 0.07 -43.83
N GLY A 130 -28.54 -1.00 -43.05
CA GLY A 130 -29.70 -1.86 -42.83
C GLY A 130 -29.74 -2.43 -41.43
N GLY A 1 43.80 14.34 22.47
CA GLY A 1 42.49 13.74 22.25
C GLY A 1 42.14 12.72 23.33
N SER A 2 40.94 12.84 23.87
CA SER A 2 40.47 11.92 24.91
C SER A 2 38.96 12.04 25.11
N SER A 3 38.31 10.91 25.33
CA SER A 3 36.87 10.88 25.52
C SER A 3 36.43 9.57 26.18
N GLY A 4 35.17 9.50 26.57
CA GLY A 4 34.65 8.31 27.22
C GLY A 4 33.34 7.84 26.62
N SER A 5 33.41 6.97 25.62
CA SER A 5 32.23 6.47 24.95
C SER A 5 31.71 5.21 25.65
N SER A 6 30.50 4.80 25.29
CA SER A 6 29.88 3.62 25.89
C SER A 6 29.64 3.82 27.37
N GLY A 7 29.14 5.00 27.72
CA GLY A 7 28.87 5.30 29.12
C GLY A 7 27.49 4.82 29.55
N VAL A 8 26.45 5.34 28.90
CA VAL A 8 25.09 4.96 29.22
C VAL A 8 24.29 4.63 27.96
N GLU A 9 23.57 3.52 28.00
CA GLU A 9 22.76 3.09 26.86
C GLU A 9 21.46 2.45 27.32
N PHE A 10 20.36 2.82 26.68
CA PHE A 10 19.05 2.27 27.03
C PHE A 10 18.85 0.90 26.41
N SER A 11 17.91 0.13 26.96
CA SER A 11 17.63 -1.21 26.45
C SER A 11 16.91 -1.14 25.10
N THR A 12 17.68 -1.33 24.02
CA THR A 12 17.13 -1.30 22.68
C THR A 12 16.64 -2.67 22.26
N LEU A 13 15.32 -2.86 22.31
CA LEU A 13 14.71 -4.13 21.92
C LEU A 13 14.50 -4.19 20.41
N PRO A 14 14.43 -5.42 19.88
CA PRO A 14 14.22 -5.65 18.45
C PRO A 14 12.80 -5.28 18.00
N ALA A 15 12.72 -4.38 17.03
CA ALA A 15 11.43 -3.94 16.51
C ALA A 15 11.38 -4.06 14.99
N GLY A 16 10.22 -4.47 14.47
CA GLY A 16 10.06 -4.62 13.04
C GLY A 16 10.91 -5.74 12.48
N PRO A 17 10.71 -6.06 11.19
CA PRO A 17 9.74 -5.35 10.34
C PRO A 17 8.30 -5.66 10.74
N PRO A 18 7.38 -4.72 10.45
CA PRO A 18 5.97 -4.86 10.77
C PRO A 18 5.29 -5.92 9.90
N ALA A 19 4.44 -6.73 10.53
CA ALA A 19 3.72 -7.79 9.82
C ALA A 19 2.97 -7.23 8.62
N PRO A 20 3.33 -7.71 7.42
CA PRO A 20 2.71 -7.27 6.17
C PRO A 20 1.27 -7.75 6.04
N PRO A 21 0.43 -6.96 5.35
CA PRO A 21 -0.98 -7.29 5.14
C PRO A 21 -1.16 -8.47 4.19
N GLN A 22 -2.40 -8.94 4.07
CA GLN A 22 -2.71 -10.06 3.19
C GLN A 22 -4.06 -9.87 2.52
N ASP A 23 -4.48 -10.87 1.74
CA ASP A 23 -5.76 -10.81 1.06
C ASP A 23 -5.85 -9.56 0.18
N VAL A 24 -4.72 -9.17 -0.40
CA VAL A 24 -4.69 -7.99 -1.26
C VAL A 24 -5.50 -8.21 -2.54
N THR A 25 -6.34 -7.23 -2.86
CA THR A 25 -7.18 -7.32 -4.05
C THR A 25 -7.48 -5.93 -4.61
N VAL A 26 -7.98 -5.89 -5.84
CA VAL A 26 -8.31 -4.62 -6.48
C VAL A 26 -9.77 -4.59 -6.92
N GLN A 27 -10.54 -3.71 -6.30
CA GLN A 27 -11.95 -3.58 -6.62
C GLN A 27 -12.18 -2.50 -7.67
N ALA A 28 -12.09 -1.24 -7.26
CA ALA A 28 -12.27 -0.12 -8.18
C ALA A 28 -12.01 1.20 -7.48
N GLY A 29 -11.28 2.09 -8.15
CA GLY A 29 -10.97 3.38 -7.58
C GLY A 29 -12.03 4.42 -7.87
N VAL A 30 -12.29 5.29 -6.91
CA VAL A 30 -13.29 6.34 -7.07
C VAL A 30 -13.32 6.86 -8.50
N THR A 31 -12.16 6.89 -9.13
CA THR A 31 -12.05 7.37 -10.51
C THR A 31 -11.62 6.25 -11.44
N PRO A 32 -11.93 6.41 -12.74
CA PRO A 32 -11.58 5.41 -13.76
C PRO A 32 -10.08 5.36 -14.03
N ALA A 33 -9.34 6.27 -13.42
CA ALA A 33 -7.89 6.34 -13.59
C ALA A 33 -7.17 5.82 -12.35
N THR A 34 -7.94 5.28 -11.41
CA THR A 34 -7.38 4.76 -10.18
C THR A 34 -8.05 3.44 -9.78
N ILE A 35 -7.49 2.78 -8.77
CA ILE A 35 -8.04 1.52 -8.29
C ILE A 35 -8.09 1.48 -6.76
N ARG A 36 -8.85 0.54 -6.22
CA ARG A 36 -8.98 0.38 -4.78
C ARG A 36 -8.31 -0.90 -4.30
N VAL A 37 -7.11 -0.78 -3.74
CA VAL A 37 -6.37 -1.92 -3.24
C VAL A 37 -6.81 -2.29 -1.84
N SER A 38 -7.68 -3.30 -1.74
CA SER A 38 -8.18 -3.74 -0.44
C SER A 38 -7.35 -4.89 0.10
N TRP A 39 -7.10 -4.89 1.40
CA TRP A 39 -6.31 -5.93 2.04
C TRP A 39 -6.80 -6.18 3.46
N ARG A 40 -6.11 -7.09 4.17
CA ARG A 40 -6.48 -7.42 5.53
C ARG A 40 -5.34 -7.08 6.50
N PRO A 41 -5.53 -6.00 7.28
CA PRO A 41 -4.53 -5.55 8.26
C PRO A 41 -4.39 -6.51 9.44
N PRO A 42 -3.15 -6.90 9.73
CA PRO A 42 -2.85 -7.82 10.84
C PRO A 42 -3.08 -7.18 12.21
N VAL A 43 -3.63 -7.96 13.13
CA VAL A 43 -3.91 -7.47 14.47
C VAL A 43 -2.71 -6.70 15.04
N LEU A 44 -2.98 -5.59 15.71
CA LEU A 44 -1.93 -4.78 16.29
C LEU A 44 -2.01 -4.80 17.81
N THR A 45 -0.87 -5.01 18.46
CA THR A 45 -0.81 -5.06 19.92
C THR A 45 -1.75 -4.04 20.54
N PRO A 46 -2.14 -4.29 21.80
CA PRO A 46 -3.04 -3.40 22.54
C PRO A 46 -2.38 -2.07 22.89
N THR A 47 -1.26 -1.78 22.24
CA THR A 47 -0.54 -0.53 22.49
C THR A 47 -0.27 0.21 21.19
N GLY A 48 -0.41 -0.49 20.07
CA GLY A 48 -0.18 0.12 18.78
C GLY A 48 1.11 -0.35 18.13
N LEU A 49 1.23 -1.67 17.95
CA LEU A 49 2.42 -2.25 17.34
C LEU A 49 2.10 -3.59 16.69
N SER A 50 2.52 -3.75 15.45
CA SER A 50 2.28 -4.99 14.71
C SER A 50 3.30 -6.06 15.09
N ASN A 51 4.56 -5.83 14.72
CA ASN A 51 5.63 -6.77 15.01
C ASN A 51 6.72 -6.11 15.85
N GLY A 52 6.32 -5.11 16.64
CA GLY A 52 7.27 -4.41 17.48
C GLY A 52 7.51 -2.99 17.03
N ALA A 53 7.15 -2.70 15.79
CA ALA A 53 7.32 -1.36 15.23
C ALA A 53 6.00 -0.58 15.24
N ASN A 54 6.09 0.74 15.26
CA ASN A 54 4.92 1.60 15.27
C ASN A 54 4.40 1.82 13.85
N VAL A 55 3.33 1.12 13.49
CA VAL A 55 2.74 1.26 12.17
C VAL A 55 1.89 2.52 12.07
N THR A 56 2.30 3.44 11.20
CA THR A 56 1.57 4.69 11.01
C THR A 56 0.70 4.63 9.78
N GLY A 57 0.95 3.64 8.92
CA GLY A 57 0.17 3.50 7.70
C GLY A 57 0.72 2.42 6.79
N TYR A 58 0.27 2.42 5.54
CA TYR A 58 0.72 1.42 4.57
C TYR A 58 1.28 2.10 3.32
N GLY A 59 1.83 1.29 2.42
CA GLY A 59 2.39 1.83 1.19
C GLY A 59 2.18 0.90 0.01
N VAL A 60 1.75 1.47 -1.12
CA VAL A 60 1.52 0.69 -2.33
C VAL A 60 2.69 0.81 -3.30
N TYR A 61 3.11 -0.32 -3.83
CA TYR A 61 4.23 -0.34 -4.78
C TYR A 61 3.88 -1.17 -6.01
N ALA A 62 4.36 -0.73 -7.17
CA ALA A 62 4.10 -1.42 -8.42
C ALA A 62 5.36 -2.10 -8.94
N LYS A 63 6.32 -1.30 -9.39
CA LYS A 63 7.57 -1.82 -9.93
C LYS A 63 8.76 -1.31 -9.10
N GLY A 64 8.57 -1.23 -7.79
CA GLY A 64 9.64 -0.75 -6.93
C GLY A 64 9.57 0.74 -6.70
N GLN A 65 8.49 1.37 -7.16
CA GLN A 65 8.31 2.80 -7.01
C GLN A 65 7.02 3.12 -6.28
N ARG A 66 7.14 3.68 -5.07
CA ARG A 66 5.98 4.02 -4.26
C ARG A 66 4.95 4.78 -5.09
N VAL A 67 3.83 4.12 -5.40
CA VAL A 67 2.78 4.73 -6.18
C VAL A 67 1.73 5.38 -5.29
N ALA A 68 1.49 4.78 -4.13
CA ALA A 68 0.52 5.31 -3.18
C ALA A 68 0.95 5.03 -1.74
N GLU A 69 0.34 5.73 -0.79
CA GLU A 69 0.67 5.57 0.63
C GLU A 69 -0.45 6.11 1.51
N VAL A 70 -0.99 5.25 2.37
CA VAL A 70 -2.06 5.64 3.27
C VAL A 70 -1.56 5.74 4.72
N ILE A 71 -1.72 6.90 5.32
CA ILE A 71 -1.28 7.13 6.69
C ILE A 71 -2.27 6.53 7.68
N PHE A 72 -2.68 5.29 7.42
CA PHE A 72 -3.62 4.59 8.28
C PHE A 72 -3.19 3.15 8.52
N PRO A 73 -2.86 2.84 9.77
CA PRO A 73 -2.42 1.49 10.16
C PRO A 73 -3.54 0.47 10.10
N THR A 74 -4.78 0.95 10.23
CA THR A 74 -5.95 0.08 10.20
C THR A 74 -6.69 0.22 8.87
N ALA A 75 -5.98 0.67 7.83
CA ALA A 75 -6.57 0.84 6.52
C ALA A 75 -6.66 -0.50 5.78
N ASP A 76 -7.85 -0.80 5.25
CA ASP A 76 -8.07 -2.04 4.53
C ASP A 76 -8.34 -1.76 3.05
N SER A 77 -8.07 -0.53 2.62
CA SER A 77 -8.30 -0.14 1.24
C SER A 77 -7.75 1.26 0.97
N THR A 78 -6.98 1.40 -0.09
CA THR A 78 -6.38 2.67 -0.46
C THR A 78 -6.44 2.91 -1.96
N ALA A 79 -6.54 4.17 -2.36
CA ALA A 79 -6.60 4.53 -3.77
C ALA A 79 -5.20 4.60 -4.38
N VAL A 80 -5.10 4.18 -5.64
CA VAL A 80 -3.82 4.20 -6.34
C VAL A 80 -3.99 4.66 -7.78
N GLU A 81 -3.06 5.50 -8.24
CA GLU A 81 -3.11 6.02 -9.60
C GLU A 81 -2.71 4.94 -10.61
N LEU A 82 -3.59 4.70 -11.58
CA LEU A 82 -3.34 3.70 -12.61
C LEU A 82 -2.24 4.16 -13.57
N VAL A 83 -2.17 5.48 -13.78
CA VAL A 83 -1.18 6.06 -14.67
C VAL A 83 0.24 5.64 -14.27
N ARG A 84 0.48 5.63 -12.97
CA ARG A 84 1.79 5.25 -12.44
C ARG A 84 2.16 3.83 -12.88
N LEU A 85 1.16 2.99 -13.07
CA LEU A 85 1.38 1.61 -13.50
C LEU A 85 1.65 1.54 -14.99
N ARG A 86 1.13 2.51 -15.73
CA ARG A 86 1.32 2.57 -17.18
C ARG A 86 2.78 2.83 -17.53
N SER A 87 3.32 3.94 -17.04
CA SER A 87 4.70 4.30 -17.31
C SER A 87 5.64 3.14 -16.98
N LEU A 88 5.36 2.46 -15.88
CA LEU A 88 6.18 1.33 -15.46
C LEU A 88 5.66 0.03 -16.06
N GLU A 89 4.43 0.06 -16.56
CA GLU A 89 3.82 -1.12 -17.17
C GLU A 89 3.66 -2.24 -16.14
N ALA A 90 3.34 -1.86 -14.91
CA ALA A 90 3.15 -2.83 -13.84
C ALA A 90 1.79 -3.51 -13.94
N LYS A 91 1.80 -4.83 -13.98
CA LYS A 91 0.56 -5.60 -14.08
C LYS A 91 0.13 -6.10 -12.71
N GLY A 92 0.53 -5.39 -11.66
CA GLY A 92 0.18 -5.79 -10.31
C GLY A 92 0.71 -4.82 -9.27
N VAL A 93 0.08 -4.79 -8.10
CA VAL A 93 0.49 -3.92 -7.02
C VAL A 93 0.68 -4.70 -5.71
N THR A 94 1.22 -4.03 -4.71
CA THR A 94 1.45 -4.66 -3.41
C THR A 94 1.23 -3.66 -2.28
N VAL A 95 1.22 -4.17 -1.05
CA VAL A 95 1.03 -3.33 0.13
C VAL A 95 2.06 -3.63 1.20
N ARG A 96 2.67 -2.58 1.73
CA ARG A 96 3.69 -2.73 2.77
C ARG A 96 3.32 -1.94 4.02
N THR A 97 3.44 -2.57 5.19
CA THR A 97 3.11 -1.92 6.44
C THR A 97 4.16 -0.90 6.83
N LEU A 98 3.85 0.38 6.62
CA LEU A 98 4.78 1.46 6.95
C LEU A 98 4.82 1.72 8.44
N SER A 99 6.02 1.94 8.97
CA SER A 99 6.20 2.19 10.40
C SER A 99 7.41 3.07 10.64
N ALA A 100 7.55 3.56 11.88
CA ALA A 100 8.67 4.41 12.25
C ALA A 100 10.00 3.69 12.04
N GLN A 101 9.98 2.37 12.24
CA GLN A 101 11.19 1.57 12.08
C GLN A 101 11.55 1.42 10.61
N GLY A 102 10.55 1.12 9.79
CA GLY A 102 10.78 0.96 8.37
C GLY A 102 9.61 0.29 7.67
N GLU A 103 9.79 -0.03 6.39
CA GLU A 103 8.74 -0.67 5.61
C GLU A 103 8.87 -2.19 5.67
N SER A 104 7.79 -2.88 5.31
CA SER A 104 7.78 -4.34 5.32
C SER A 104 7.69 -4.90 3.91
N VAL A 105 7.97 -6.19 3.78
CA VAL A 105 7.92 -6.86 2.48
C VAL A 105 6.64 -6.50 1.74
N ASP A 106 6.63 -6.75 0.43
CA ASP A 106 5.46 -6.47 -0.39
C ASP A 106 4.43 -7.60 -0.30
N SER A 107 3.21 -7.25 0.08
CA SER A 107 2.14 -8.23 0.21
C SER A 107 1.90 -8.94 -1.11
N ALA A 108 0.96 -9.89 -1.10
CA ALA A 108 0.63 -10.65 -2.29
C ALA A 108 0.34 -9.73 -3.47
N VAL A 109 1.24 -9.76 -4.46
CA VAL A 109 1.09 -8.92 -5.64
C VAL A 109 -0.29 -9.12 -6.29
N ALA A 110 -1.17 -8.14 -6.10
CA ALA A 110 -2.51 -8.21 -6.67
C ALA A 110 -2.52 -7.73 -8.11
N ALA A 111 -2.49 -8.68 -9.04
CA ALA A 111 -2.49 -8.35 -10.47
C ALA A 111 -3.73 -7.53 -10.83
N VAL A 112 -3.50 -6.27 -11.19
CA VAL A 112 -4.58 -5.37 -11.56
C VAL A 112 -5.27 -5.84 -12.84
N PRO A 113 -6.61 -5.76 -12.86
CA PRO A 113 -7.41 -6.17 -14.02
C PRO A 113 -7.23 -5.24 -15.22
N PRO A 114 -7.28 -5.80 -16.43
CA PRO A 114 -7.14 -5.04 -17.67
C PRO A 114 -8.32 -4.13 -17.94
N GLU A 115 -9.45 -4.44 -17.32
CA GLU A 115 -10.66 -3.64 -17.49
C GLU A 115 -10.54 -2.30 -16.78
N LEU A 116 -9.90 -2.31 -15.61
CA LEU A 116 -9.71 -1.09 -14.83
C LEU A 116 -8.56 -0.26 -15.40
N LEU A 117 -7.54 -0.94 -15.91
CA LEU A 117 -6.38 -0.27 -16.48
C LEU A 117 -6.77 0.56 -17.70
N VAL A 118 -7.75 0.08 -18.45
CA VAL A 118 -8.23 0.78 -19.64
C VAL A 118 -9.26 1.84 -19.28
N PRO A 119 -9.14 3.02 -19.92
CA PRO A 119 -10.06 4.13 -19.68
C PRO A 119 -11.45 3.87 -20.23
N PRO A 120 -12.48 4.36 -19.51
CA PRO A 120 -13.87 4.19 -19.91
C PRO A 120 -14.23 4.99 -21.16
N THR A 121 -15.22 4.52 -21.91
CA THR A 121 -15.65 5.19 -23.12
C THR A 121 -17.12 4.91 -23.41
N PRO A 122 -17.88 5.97 -23.72
CA PRO A 122 -19.31 5.87 -24.02
C PRO A 122 -19.56 5.19 -25.36
N HIS A 123 -20.20 4.02 -25.31
CA HIS A 123 -20.50 3.25 -26.51
C HIS A 123 -21.37 4.07 -27.46
N PRO A 124 -21.07 4.00 -28.76
CA PRO A 124 -21.81 4.72 -29.80
C PRO A 124 -23.22 4.16 -29.99
N SER A 125 -23.31 2.85 -30.11
CA SER A 125 -24.60 2.19 -30.31
C SER A 125 -25.53 2.43 -29.12
N GLY A 126 -26.84 2.48 -29.39
CA GLY A 126 -27.80 2.70 -28.34
C GLY A 126 -28.92 1.68 -28.35
N PRO A 127 -30.05 2.04 -28.98
CA PRO A 127 -31.22 1.16 -29.08
C PRO A 127 -30.98 -0.03 -29.99
N SER A 128 -31.18 -1.24 -29.45
CA SER A 128 -30.98 -2.46 -30.22
C SER A 128 -31.91 -2.50 -31.43
N SER A 129 -33.20 -2.39 -31.17
CA SER A 129 -34.20 -2.42 -32.25
C SER A 129 -34.23 -1.09 -33.00
N GLY A 130 -34.32 -1.17 -34.33
CA GLY A 130 -34.35 0.04 -35.14
C GLY A 130 -35.72 0.70 -35.12
N GLY A 1 28.20 6.69 10.92
CA GLY A 1 28.15 7.37 12.21
C GLY A 1 28.19 6.40 13.37
N SER A 2 29.30 6.39 14.09
CA SER A 2 29.48 5.50 15.23
C SER A 2 30.37 6.14 16.30
N SER A 3 30.24 5.67 17.53
CA SER A 3 31.02 6.19 18.64
C SER A 3 32.32 5.41 18.80
N GLY A 4 33.37 6.10 19.27
CA GLY A 4 34.66 5.45 19.46
C GLY A 4 34.95 5.19 20.92
N SER A 5 34.88 6.23 21.74
CA SER A 5 35.16 6.11 23.17
C SER A 5 33.96 5.50 23.90
N SER A 6 34.25 4.67 24.90
CA SER A 6 33.21 4.02 25.68
C SER A 6 32.66 4.96 26.76
N GLY A 7 31.33 5.01 26.86
CA GLY A 7 30.71 5.87 27.86
C GLY A 7 29.30 5.43 28.20
N VAL A 8 28.33 5.91 27.42
CA VAL A 8 26.93 5.57 27.66
C VAL A 8 26.39 4.68 26.53
N GLU A 9 25.53 3.73 26.89
CA GLU A 9 24.95 2.82 25.91
C GLU A 9 23.59 3.34 25.43
N PHE A 10 23.04 2.68 24.42
CA PHE A 10 21.75 3.07 23.86
C PHE A 10 20.85 1.86 23.67
N SER A 11 19.60 1.98 24.09
CA SER A 11 18.64 0.89 23.97
C SER A 11 18.19 0.71 22.52
N THR A 12 18.84 -0.22 21.83
CA THR A 12 18.52 -0.49 20.43
C THR A 12 17.63 -1.72 20.30
N LEU A 13 16.67 -1.85 21.19
CA LEU A 13 15.75 -2.99 21.18
C LEU A 13 15.28 -3.29 19.76
N PRO A 14 15.18 -4.58 19.43
CA PRO A 14 14.74 -5.03 18.10
C PRO A 14 13.26 -4.76 17.86
N ALA A 15 12.94 -4.23 16.69
CA ALA A 15 11.57 -3.92 16.33
C ALA A 15 11.36 -3.98 14.82
N GLY A 16 10.41 -4.78 14.38
CA GLY A 16 10.13 -4.91 12.96
C GLY A 16 10.92 -6.03 12.31
N PRO A 17 10.69 -6.26 11.01
CA PRO A 17 9.72 -5.48 10.24
C PRO A 17 8.28 -5.75 10.66
N PRO A 18 7.38 -4.81 10.36
CA PRO A 18 5.95 -4.93 10.70
C PRO A 18 5.26 -6.00 9.85
N ALA A 19 4.35 -6.74 10.47
CA ALA A 19 3.61 -7.79 9.77
C ALA A 19 2.86 -7.22 8.57
N PRO A 20 3.21 -7.71 7.37
CA PRO A 20 2.60 -7.26 6.12
C PRO A 20 1.15 -7.73 5.99
N PRO A 21 0.32 -6.94 5.30
CA PRO A 21 -1.09 -7.25 5.09
C PRO A 21 -1.29 -8.45 4.15
N GLN A 22 -2.53 -8.91 4.06
CA GLN A 22 -2.85 -10.04 3.20
C GLN A 22 -4.21 -9.85 2.52
N ASP A 23 -4.56 -10.79 1.65
CA ASP A 23 -5.83 -10.73 0.93
C ASP A 23 -5.89 -9.48 0.06
N VAL A 24 -4.75 -9.08 -0.50
CA VAL A 24 -4.68 -7.91 -1.35
C VAL A 24 -5.43 -8.14 -2.66
N THR A 25 -6.31 -7.21 -3.01
CA THR A 25 -7.10 -7.30 -4.23
C THR A 25 -7.40 -5.92 -4.80
N VAL A 26 -7.92 -5.89 -6.01
CA VAL A 26 -8.26 -4.63 -6.68
C VAL A 26 -9.73 -4.60 -7.09
N GLN A 27 -10.49 -3.74 -6.43
CA GLN A 27 -11.92 -3.60 -6.72
C GLN A 27 -12.16 -2.54 -7.79
N ALA A 28 -12.06 -1.28 -7.40
CA ALA A 28 -12.26 -0.17 -8.32
C ALA A 28 -12.01 1.17 -7.64
N GLY A 29 -11.27 2.04 -8.31
CA GLY A 29 -10.96 3.35 -7.76
C GLY A 29 -12.04 4.37 -8.05
N VAL A 30 -12.31 5.24 -7.08
CA VAL A 30 -13.33 6.26 -7.24
C VAL A 30 -13.33 6.82 -8.66
N THR A 31 -12.17 6.78 -9.30
CA THR A 31 -12.03 7.29 -10.67
C THR A 31 -11.53 6.20 -11.61
N PRO A 32 -11.79 6.36 -12.91
CA PRO A 32 -11.37 5.41 -13.94
C PRO A 32 -9.86 5.42 -14.15
N ALA A 33 -9.18 6.34 -13.49
CA ALA A 33 -7.73 6.46 -13.60
C ALA A 33 -7.04 5.95 -12.34
N THR A 34 -7.82 5.37 -11.44
CA THR A 34 -7.29 4.85 -10.18
C THR A 34 -7.97 3.55 -9.79
N ILE A 35 -7.42 2.87 -8.79
CA ILE A 35 -7.98 1.61 -8.32
C ILE A 35 -8.10 1.59 -6.81
N ARG A 36 -8.72 0.55 -6.28
CA ARG A 36 -8.90 0.41 -4.84
C ARG A 36 -8.28 -0.89 -4.33
N VAL A 37 -7.08 -0.79 -3.78
CA VAL A 37 -6.38 -1.96 -3.25
C VAL A 37 -6.87 -2.31 -1.85
N SER A 38 -7.68 -3.37 -1.78
CA SER A 38 -8.24 -3.81 -0.50
C SER A 38 -7.41 -4.96 0.07
N TRP A 39 -7.24 -4.96 1.40
CA TRP A 39 -6.47 -5.99 2.07
C TRP A 39 -6.99 -6.23 3.49
N ARG A 40 -6.34 -7.12 4.22
CA ARG A 40 -6.73 -7.42 5.59
C ARG A 40 -5.64 -7.04 6.57
N PRO A 41 -5.86 -5.96 7.33
CA PRO A 41 -4.90 -5.47 8.32
C PRO A 41 -4.78 -6.39 9.51
N PRO A 42 -3.54 -6.80 9.83
CA PRO A 42 -3.26 -7.70 10.97
C PRO A 42 -3.49 -7.02 12.30
N VAL A 43 -3.78 -7.82 13.33
CA VAL A 43 -4.02 -7.29 14.67
C VAL A 43 -2.79 -6.56 15.20
N LEU A 44 -3.02 -5.44 15.88
CA LEU A 44 -1.95 -4.63 16.43
C LEU A 44 -1.97 -4.67 17.96
N THR A 45 -0.82 -4.92 18.56
CA THR A 45 -0.71 -4.98 20.01
C THR A 45 -1.58 -3.93 20.66
N PRO A 46 -1.93 -4.17 21.94
CA PRO A 46 -2.78 -3.25 22.71
C PRO A 46 -2.06 -1.94 23.04
N THR A 47 -0.95 -1.68 22.35
CA THR A 47 -0.18 -0.47 22.56
C THR A 47 0.05 0.28 21.26
N GLY A 48 -0.17 -0.41 20.14
CA GLY A 48 0.02 0.21 18.85
C GLY A 48 1.28 -0.27 18.14
N LEU A 49 1.37 -1.58 17.95
CA LEU A 49 2.52 -2.18 17.29
C LEU A 49 2.16 -3.53 16.68
N SER A 50 2.63 -3.76 15.46
CA SER A 50 2.37 -5.01 14.76
C SER A 50 3.40 -6.08 15.12
N ASN A 51 4.61 -5.92 14.60
CA ASN A 51 5.69 -6.86 14.87
C ASN A 51 6.76 -6.22 15.73
N GLY A 52 6.42 -5.11 16.38
CA GLY A 52 7.37 -4.42 17.23
C GLY A 52 7.58 -2.98 16.81
N ALA A 53 7.22 -2.66 15.57
CA ALA A 53 7.37 -1.31 15.05
C ALA A 53 6.06 -0.53 15.16
N ASN A 54 6.14 0.78 15.05
CA ASN A 54 4.97 1.65 15.14
C ASN A 54 4.35 1.86 13.76
N VAL A 55 3.33 1.07 13.43
CA VAL A 55 2.66 1.18 12.15
C VAL A 55 1.86 2.48 12.05
N THR A 56 2.28 3.35 11.14
CA THR A 56 1.61 4.63 10.95
C THR A 56 0.87 4.68 9.62
N GLY A 57 0.87 3.55 8.91
CA GLY A 57 0.21 3.48 7.63
C GLY A 57 0.80 2.43 6.71
N TYR A 58 0.23 2.28 5.53
CA TYR A 58 0.71 1.30 4.56
C TYR A 58 1.29 1.98 3.33
N GLY A 59 1.86 1.18 2.43
CA GLY A 59 2.44 1.73 1.22
C GLY A 59 2.28 0.79 0.03
N VAL A 60 1.72 1.32 -1.05
CA VAL A 60 1.51 0.54 -2.26
C VAL A 60 2.68 0.67 -3.22
N TYR A 61 3.09 -0.46 -3.80
CA TYR A 61 4.21 -0.47 -4.73
C TYR A 61 3.87 -1.29 -5.97
N ALA A 62 4.43 -0.89 -7.12
CA ALA A 62 4.19 -1.58 -8.37
C ALA A 62 5.47 -2.22 -8.90
N LYS A 63 6.42 -1.37 -9.30
CA LYS A 63 7.70 -1.85 -9.83
C LYS A 63 8.87 -1.25 -9.05
N GLY A 64 8.75 -1.24 -7.73
CA GLY A 64 9.81 -0.70 -6.89
C GLY A 64 9.68 0.79 -6.71
N GLN A 65 8.53 1.35 -7.08
CA GLN A 65 8.28 2.77 -6.95
C GLN A 65 6.96 3.04 -6.23
N ARG A 66 7.05 3.60 -5.02
CA ARG A 66 5.87 3.90 -4.23
C ARG A 66 4.83 4.64 -5.07
N VAL A 67 3.72 3.96 -5.34
CA VAL A 67 2.64 4.54 -6.13
C VAL A 67 1.61 5.23 -5.24
N ALA A 68 1.41 4.68 -4.05
CA ALA A 68 0.45 5.22 -3.10
C ALA A 68 0.87 4.93 -1.66
N GLU A 69 0.24 5.63 -0.71
CA GLU A 69 0.56 5.44 0.70
C GLU A 69 -0.58 5.96 1.57
N VAL A 70 -1.06 5.12 2.47
CA VAL A 70 -2.15 5.49 3.37
C VAL A 70 -1.65 5.64 4.80
N ILE A 71 -1.83 6.82 5.37
CA ILE A 71 -1.39 7.09 6.73
C ILE A 71 -2.36 6.49 7.75
N PHE A 72 -2.76 5.24 7.51
CA PHE A 72 -3.69 4.55 8.40
C PHE A 72 -3.24 3.12 8.65
N PRO A 73 -2.88 2.83 9.90
CA PRO A 73 -2.41 1.48 10.30
C PRO A 73 -3.54 0.46 10.28
N THR A 74 -4.78 0.93 10.46
CA THR A 74 -5.93 0.04 10.46
C THR A 74 -6.72 0.17 9.16
N ALA A 75 -6.02 0.53 8.09
CA ALA A 75 -6.66 0.69 6.78
C ALA A 75 -6.89 -0.67 6.13
N ASP A 76 -7.98 -0.78 5.38
CA ASP A 76 -8.32 -2.02 4.70
C ASP A 76 -8.40 -1.82 3.19
N SER A 77 -8.32 -0.56 2.77
CA SER A 77 -8.37 -0.22 1.35
C SER A 77 -7.77 1.16 1.10
N THR A 78 -7.06 1.29 -0.01
CA THR A 78 -6.42 2.55 -0.38
C THR A 78 -6.50 2.79 -1.89
N ALA A 79 -6.53 4.06 -2.27
CA ALA A 79 -6.60 4.43 -3.68
C ALA A 79 -5.21 4.54 -4.30
N VAL A 80 -5.10 4.18 -5.56
CA VAL A 80 -3.82 4.24 -6.26
C VAL A 80 -4.00 4.74 -7.69
N GLU A 81 -3.04 5.53 -8.16
CA GLU A 81 -3.09 6.07 -9.52
C GLU A 81 -2.67 5.02 -10.54
N LEU A 82 -3.55 4.76 -11.51
CA LEU A 82 -3.26 3.79 -12.55
C LEU A 82 -2.14 4.27 -13.46
N VAL A 83 -2.09 5.58 -13.68
CA VAL A 83 -1.07 6.17 -14.53
C VAL A 83 0.33 5.75 -14.09
N ARG A 84 0.53 5.67 -12.78
CA ARG A 84 1.82 5.27 -12.23
C ARG A 84 2.21 3.87 -12.68
N LEU A 85 1.20 3.04 -12.95
CA LEU A 85 1.43 1.68 -13.39
C LEU A 85 1.72 1.63 -14.89
N ARG A 86 1.20 2.62 -15.61
CA ARG A 86 1.40 2.68 -17.06
C ARG A 86 2.87 2.95 -17.39
N SER A 87 3.40 4.05 -16.86
CA SER A 87 4.79 4.43 -17.10
C SER A 87 5.72 3.25 -16.84
N LEU A 88 5.44 2.51 -15.77
CA LEU A 88 6.26 1.36 -15.41
C LEU A 88 5.71 0.09 -16.04
N GLU A 89 4.47 0.15 -16.52
CA GLU A 89 3.84 -1.00 -17.16
C GLU A 89 3.67 -2.15 -16.17
N ALA A 90 3.34 -1.81 -14.92
CA ALA A 90 3.14 -2.81 -13.88
C ALA A 90 1.77 -3.46 -14.00
N LYS A 91 1.75 -4.78 -13.98
CA LYS A 91 0.50 -5.53 -14.10
C LYS A 91 0.06 -6.04 -12.73
N GLY A 92 0.56 -5.42 -11.67
CA GLY A 92 0.21 -5.82 -10.33
C GLY A 92 0.75 -4.88 -9.27
N VAL A 93 0.09 -4.85 -8.12
CA VAL A 93 0.51 -3.98 -7.02
C VAL A 93 0.66 -4.76 -5.72
N THR A 94 1.20 -4.10 -4.69
CA THR A 94 1.39 -4.73 -3.39
C THR A 94 1.15 -3.73 -2.26
N VAL A 95 1.27 -4.22 -1.04
CA VAL A 95 1.07 -3.37 0.14
C VAL A 95 2.14 -3.64 1.20
N ARG A 96 2.76 -2.57 1.69
CA ARG A 96 3.80 -2.69 2.70
C ARG A 96 3.43 -1.91 3.96
N THR A 97 3.44 -2.59 5.11
CA THR A 97 3.10 -1.97 6.37
C THR A 97 4.15 -0.96 6.79
N LEU A 98 3.82 0.33 6.66
CA LEU A 98 4.74 1.40 7.02
C LEU A 98 4.76 1.61 8.52
N SER A 99 5.91 2.06 9.04
CA SER A 99 6.06 2.30 10.48
C SER A 99 7.21 3.27 10.73
N ALA A 100 7.44 3.57 12.01
CA ALA A 100 8.50 4.50 12.40
C ALA A 100 9.87 3.86 12.20
N GLN A 101 9.91 2.53 12.19
CA GLN A 101 11.16 1.81 11.99
C GLN A 101 11.48 1.65 10.51
N GLY A 102 10.46 1.31 9.73
CA GLY A 102 10.65 1.13 8.30
C GLY A 102 9.46 0.48 7.63
N GLU A 103 9.68 -0.08 6.44
CA GLU A 103 8.60 -0.73 5.69
C GLU A 103 8.74 -2.25 5.76
N SER A 104 7.71 -2.94 5.29
CA SER A 104 7.71 -4.40 5.30
C SER A 104 7.64 -4.96 3.88
N VAL A 105 7.86 -6.27 3.75
CA VAL A 105 7.82 -6.92 2.45
C VAL A 105 6.54 -6.58 1.70
N ASP A 106 6.54 -6.81 0.40
CA ASP A 106 5.38 -6.53 -0.44
C ASP A 106 4.37 -7.67 -0.35
N SER A 107 3.15 -7.34 0.06
CA SER A 107 2.10 -8.35 0.18
C SER A 107 1.86 -9.05 -1.14
N ALA A 108 0.93 -10.00 -1.15
CA ALA A 108 0.61 -10.75 -2.36
C ALA A 108 0.33 -9.81 -3.53
N VAL A 109 1.22 -9.83 -4.51
CA VAL A 109 1.07 -8.98 -5.70
C VAL A 109 -0.29 -9.19 -6.35
N ALA A 110 -1.18 -8.23 -6.16
CA ALA A 110 -2.52 -8.30 -6.74
C ALA A 110 -2.52 -7.80 -8.18
N ALA A 111 -2.47 -8.73 -9.13
CA ALA A 111 -2.47 -8.38 -10.55
C ALA A 111 -3.70 -7.56 -10.90
N VAL A 112 -3.47 -6.29 -11.24
CA VAL A 112 -4.56 -5.39 -11.61
C VAL A 112 -5.22 -5.83 -12.91
N PRO A 113 -6.56 -5.76 -12.95
CA PRO A 113 -7.34 -6.15 -14.12
C PRO A 113 -7.15 -5.18 -15.28
N PRO A 114 -7.18 -5.71 -16.52
CA PRO A 114 -7.01 -4.91 -17.73
C PRO A 114 -8.21 -4.01 -18.00
N GLU A 115 -9.37 -4.38 -17.43
CA GLU A 115 -10.58 -3.61 -17.61
C GLU A 115 -10.52 -2.29 -16.85
N LEU A 116 -9.79 -2.29 -15.74
CA LEU A 116 -9.63 -1.10 -14.91
C LEU A 116 -8.47 -0.25 -15.40
N LEU A 117 -7.48 -0.90 -16.00
CA LEU A 117 -6.29 -0.21 -16.51
C LEU A 117 -6.65 0.64 -17.72
N VAL A 118 -7.53 0.12 -18.57
CA VAL A 118 -7.95 0.83 -19.78
C VAL A 118 -9.03 1.85 -19.45
N PRO A 119 -8.88 3.06 -20.03
CA PRO A 119 -9.84 4.16 -19.81
C PRO A 119 -11.18 3.89 -20.47
N PRO A 120 -12.26 4.39 -19.86
CA PRO A 120 -13.62 4.23 -20.37
C PRO A 120 -13.86 5.02 -21.65
N THR A 121 -14.78 4.54 -22.48
CA THR A 121 -15.10 5.21 -23.73
C THR A 121 -16.58 5.11 -24.04
N PRO A 122 -17.15 6.20 -24.57
CA PRO A 122 -18.58 6.26 -24.92
C PRO A 122 -18.91 5.39 -26.12
N HIS A 123 -19.98 4.62 -26.02
CA HIS A 123 -20.41 3.75 -27.10
C HIS A 123 -20.22 4.42 -28.46
N PRO A 124 -19.79 3.63 -29.45
CA PRO A 124 -19.56 4.13 -30.81
C PRO A 124 -20.85 4.49 -31.52
N SER A 125 -21.83 3.58 -31.49
CA SER A 125 -23.12 3.80 -32.13
C SER A 125 -24.22 4.01 -31.10
N GLY A 126 -24.53 5.26 -30.80
CA GLY A 126 -25.57 5.56 -29.84
C GLY A 126 -25.57 4.59 -28.67
N PRO A 127 -26.73 4.45 -28.01
CA PRO A 127 -26.89 3.55 -26.86
C PRO A 127 -26.84 2.09 -27.27
N SER A 128 -25.95 1.33 -26.63
CA SER A 128 -25.80 -0.09 -26.93
C SER A 128 -26.14 -0.94 -25.70
N SER A 129 -26.47 -2.20 -25.95
CA SER A 129 -26.82 -3.12 -24.87
C SER A 129 -25.59 -3.84 -24.35
N GLY A 130 -25.28 -3.65 -23.06
CA GLY A 130 -24.13 -4.28 -22.46
C GLY A 130 -23.34 -3.34 -21.58
N GLY A 1 6.72 28.67 5.51
CA GLY A 1 7.47 29.88 5.81
C GLY A 1 8.84 29.59 6.37
N SER A 2 8.89 29.04 7.58
CA SER A 2 10.15 28.73 8.23
C SER A 2 10.00 27.51 9.14
N SER A 3 11.14 26.98 9.59
CA SER A 3 11.14 25.81 10.47
C SER A 3 12.53 25.57 11.04
N GLY A 4 12.62 24.60 11.95
CA GLY A 4 13.90 24.27 12.57
C GLY A 4 14.11 22.79 12.74
N SER A 5 15.02 22.41 13.64
CA SER A 5 15.32 21.01 13.88
C SER A 5 15.52 20.76 15.38
N SER A 6 14.70 19.88 15.94
CA SER A 6 14.80 19.56 17.37
C SER A 6 14.22 18.17 17.64
N GLY A 7 15.10 17.25 18.03
CA GLY A 7 14.66 15.89 18.31
C GLY A 7 15.36 15.31 19.53
N VAL A 8 15.35 13.98 19.64
CA VAL A 8 15.98 13.30 20.76
C VAL A 8 16.65 12.01 20.31
N GLU A 9 17.75 11.66 20.97
CA GLU A 9 18.49 10.45 20.64
C GLU A 9 17.53 9.30 20.29
N PHE A 10 17.97 8.43 19.41
CA PHE A 10 17.16 7.29 18.99
C PHE A 10 17.52 6.04 19.77
N SER A 11 16.77 5.77 20.84
CA SER A 11 17.02 4.60 21.68
C SER A 11 17.30 3.37 20.82
N THR A 12 18.22 2.53 21.28
CA THR A 12 18.59 1.32 20.57
C THR A 12 17.70 0.16 20.98
N LEU A 13 16.71 -0.16 20.16
CA LEU A 13 15.80 -1.27 20.44
C LEU A 13 15.29 -1.90 19.14
N PRO A 14 15.20 -3.24 19.15
CA PRO A 14 14.74 -4.00 17.98
C PRO A 14 13.24 -3.79 17.72
N ALA A 15 12.90 -3.52 16.46
CA ALA A 15 11.52 -3.30 16.06
C ALA A 15 11.30 -3.63 14.59
N GLY A 16 10.18 -4.29 14.30
CA GLY A 16 9.87 -4.66 12.93
C GLY A 16 10.75 -5.79 12.43
N PRO A 17 10.55 -6.17 11.16
CA PRO A 17 9.56 -5.53 10.28
C PRO A 17 8.13 -5.87 10.70
N PRO A 18 7.21 -4.91 10.47
CA PRO A 18 5.80 -5.08 10.82
C PRO A 18 5.10 -6.10 9.93
N ALA A 19 4.29 -6.95 10.54
CA ALA A 19 3.56 -7.98 9.80
C ALA A 19 2.83 -7.38 8.60
N PRO A 20 3.19 -7.83 7.39
CA PRO A 20 2.59 -7.35 6.15
C PRO A 20 1.14 -7.81 5.99
N PRO A 21 0.33 -7.00 5.29
CA PRO A 21 -1.08 -7.31 5.06
C PRO A 21 -1.28 -8.48 4.11
N GLN A 22 -2.51 -8.94 3.98
CA GLN A 22 -2.83 -10.06 3.10
C GLN A 22 -4.17 -9.85 2.41
N ASP A 23 -4.59 -10.85 1.65
CA ASP A 23 -5.86 -10.78 0.93
C ASP A 23 -5.94 -9.52 0.07
N VAL A 24 -4.78 -9.11 -0.46
CA VAL A 24 -4.72 -7.92 -1.30
C VAL A 24 -5.47 -8.13 -2.61
N THR A 25 -6.38 -7.21 -2.92
CA THR A 25 -7.16 -7.29 -4.16
C THR A 25 -7.46 -5.91 -4.71
N VAL A 26 -7.96 -5.86 -5.94
CA VAL A 26 -8.29 -4.60 -6.58
C VAL A 26 -9.76 -4.58 -7.02
N GLN A 27 -10.54 -3.70 -6.40
CA GLN A 27 -11.96 -3.58 -6.72
C GLN A 27 -12.18 -2.49 -7.77
N ALA A 28 -12.10 -1.24 -7.34
CA ALA A 28 -12.30 -0.10 -8.23
C ALA A 28 -12.05 1.21 -7.51
N GLY A 29 -11.30 2.11 -8.16
CA GLY A 29 -11.01 3.40 -7.56
C GLY A 29 -12.08 4.43 -7.84
N VAL A 30 -12.34 5.29 -6.86
CA VAL A 30 -13.35 6.33 -7.01
C VAL A 30 -13.34 6.91 -8.42
N THR A 31 -12.16 6.98 -9.02
CA THR A 31 -12.02 7.52 -10.37
C THR A 31 -11.55 6.44 -11.35
N PRO A 32 -11.84 6.64 -12.64
CA PRO A 32 -11.46 5.70 -13.69
C PRO A 32 -9.95 5.68 -13.93
N ALA A 33 -9.24 6.58 -13.26
CA ALA A 33 -7.78 6.65 -13.39
C ALA A 33 -7.09 6.08 -12.17
N THR A 34 -7.88 5.57 -11.23
CA THR A 34 -7.34 4.98 -10.01
C THR A 34 -8.07 3.69 -9.64
N ILE A 35 -7.52 2.97 -8.67
CA ILE A 35 -8.12 1.71 -8.24
C ILE A 35 -8.23 1.66 -6.71
N ARG A 36 -8.78 0.57 -6.20
CA ARG A 36 -8.94 0.39 -4.76
C ARG A 36 -8.29 -0.91 -4.30
N VAL A 37 -7.12 -0.81 -3.69
CA VAL A 37 -6.40 -1.97 -3.20
C VAL A 37 -6.87 -2.35 -1.80
N SER A 38 -7.73 -3.37 -1.73
CA SER A 38 -8.26 -3.84 -0.46
C SER A 38 -7.44 -5.00 0.08
N TRP A 39 -7.18 -4.99 1.39
CA TRP A 39 -6.41 -6.04 2.02
C TRP A 39 -6.90 -6.30 3.45
N ARG A 40 -6.20 -7.18 4.16
CA ARG A 40 -6.57 -7.52 5.53
C ARG A 40 -5.46 -7.13 6.50
N PRO A 41 -5.68 -6.04 7.25
CA PRO A 41 -4.70 -5.55 8.23
C PRO A 41 -4.57 -6.47 9.44
N PRO A 42 -3.33 -6.90 9.73
CA PRO A 42 -3.04 -7.79 10.85
C PRO A 42 -3.23 -7.10 12.20
N VAL A 43 -3.78 -7.84 13.17
CA VAL A 43 -4.01 -7.30 14.50
C VAL A 43 -2.79 -6.54 15.00
N LEU A 44 -3.04 -5.49 15.80
CA LEU A 44 -1.96 -4.68 16.35
C LEU A 44 -2.03 -4.65 17.88
N THR A 45 -0.90 -4.89 18.52
CA THR A 45 -0.83 -4.89 19.97
C THR A 45 -1.71 -3.80 20.57
N PRO A 46 -2.10 -3.97 21.84
CA PRO A 46 -2.94 -3.01 22.54
C PRO A 46 -2.22 -1.70 22.83
N THR A 47 -1.10 -1.48 22.15
CA THR A 47 -0.32 -0.27 22.33
C THR A 47 -0.05 0.43 21.00
N GLY A 48 -0.21 -0.31 19.91
CA GLY A 48 0.00 0.25 18.59
C GLY A 48 1.25 -0.32 17.92
N LEU A 49 1.27 -1.63 17.74
CA LEU A 49 2.41 -2.29 17.11
C LEU A 49 1.98 -3.60 16.44
N SER A 50 2.58 -3.89 15.29
CA SER A 50 2.26 -5.11 14.55
C SER A 50 3.23 -6.23 14.91
N ASN A 51 4.50 -6.02 14.58
CA ASN A 51 5.53 -7.01 14.85
C ASN A 51 6.64 -6.42 15.72
N GLY A 52 6.28 -5.45 16.55
CA GLY A 52 7.25 -4.81 17.42
C GLY A 52 7.59 -3.39 16.98
N ALA A 53 7.18 -3.05 15.76
CA ALA A 53 7.45 -1.72 15.23
C ALA A 53 6.19 -0.86 15.23
N ASN A 54 6.36 0.45 15.19
CA ASN A 54 5.24 1.38 15.18
C ASN A 54 4.71 1.58 13.77
N VAL A 55 3.52 1.05 13.51
CA VAL A 55 2.90 1.16 12.19
C VAL A 55 2.04 2.43 12.11
N THR A 56 2.39 3.31 11.17
CA THR A 56 1.65 4.55 10.99
C THR A 56 0.72 4.47 9.78
N GLY A 57 0.99 3.50 8.91
CA GLY A 57 0.17 3.33 7.72
C GLY A 57 0.71 2.26 6.79
N TYR A 58 0.30 2.30 5.53
CA TYR A 58 0.73 1.33 4.53
C TYR A 58 1.30 2.03 3.30
N GLY A 59 1.86 1.24 2.40
CA GLY A 59 2.43 1.80 1.18
C GLY A 59 2.23 0.90 -0.02
N VAL A 60 1.71 1.47 -1.11
CA VAL A 60 1.46 0.71 -2.32
C VAL A 60 2.64 0.83 -3.29
N TYR A 61 3.01 -0.29 -3.90
CA TYR A 61 4.12 -0.32 -4.84
C TYR A 61 3.75 -1.10 -6.10
N ALA A 62 4.42 -0.79 -7.20
CA ALA A 62 4.17 -1.48 -8.46
C ALA A 62 5.43 -2.14 -8.98
N LYS A 63 6.41 -1.33 -9.37
CA LYS A 63 7.67 -1.86 -9.89
C LYS A 63 8.86 -1.32 -9.09
N GLY A 64 8.72 -1.33 -7.77
CA GLY A 64 9.78 -0.84 -6.91
C GLY A 64 9.72 0.66 -6.70
N GLN A 65 8.57 1.26 -7.04
CA GLN A 65 8.39 2.69 -6.88
C GLN A 65 7.09 3.00 -6.16
N ARG A 66 7.20 3.55 -4.96
CA ARG A 66 6.03 3.89 -4.16
C ARG A 66 5.00 4.67 -4.99
N VAL A 67 3.88 4.04 -5.28
CA VAL A 67 2.82 4.67 -6.06
C VAL A 67 1.75 5.28 -5.16
N ALA A 68 1.49 4.62 -4.03
CA ALA A 68 0.49 5.10 -3.08
C ALA A 68 0.95 4.88 -1.65
N GLU A 69 0.26 5.52 -0.71
CA GLU A 69 0.60 5.40 0.70
C GLU A 69 -0.52 5.94 1.58
N VAL A 70 -1.04 5.08 2.47
CA VAL A 70 -2.11 5.48 3.37
C VAL A 70 -1.62 5.58 4.80
N ILE A 71 -1.79 6.76 5.40
CA ILE A 71 -1.37 7.00 6.77
C ILE A 71 -2.34 6.37 7.76
N PHE A 72 -2.73 5.13 7.51
CA PHE A 72 -3.66 4.43 8.38
C PHE A 72 -3.22 2.97 8.58
N PRO A 73 -2.86 2.63 9.82
CA PRO A 73 -2.42 1.27 10.17
C PRO A 73 -3.56 0.26 10.12
N THR A 74 -4.79 0.75 10.28
CA THR A 74 -5.96 -0.11 10.24
C THR A 74 -6.73 0.05 8.94
N ALA A 75 -6.03 0.48 7.90
CA ALA A 75 -6.65 0.68 6.59
C ALA A 75 -6.72 -0.63 5.82
N ASP A 76 -7.90 -0.94 5.29
CA ASP A 76 -8.11 -2.17 4.53
C ASP A 76 -8.41 -1.85 3.07
N SER A 77 -8.12 -0.62 2.67
CA SER A 77 -8.36 -0.19 1.29
C SER A 77 -7.75 1.18 1.04
N THR A 78 -7.00 1.30 -0.05
CA THR A 78 -6.36 2.55 -0.41
C THR A 78 -6.46 2.82 -1.91
N ALA A 79 -6.28 4.08 -2.29
CA ALA A 79 -6.36 4.46 -3.70
C ALA A 79 -4.98 4.42 -4.36
N VAL A 80 -4.95 4.06 -5.63
CA VAL A 80 -3.70 3.98 -6.38
C VAL A 80 -3.86 4.54 -7.79
N GLU A 81 -2.86 5.31 -8.21
CA GLU A 81 -2.89 5.92 -9.54
C GLU A 81 -2.57 4.89 -10.62
N LEU A 82 -3.52 4.69 -11.53
CA LEU A 82 -3.36 3.73 -12.62
C LEU A 82 -2.29 4.20 -13.60
N VAL A 83 -2.14 5.51 -13.73
CA VAL A 83 -1.15 6.09 -14.62
C VAL A 83 0.26 5.65 -14.24
N ARG A 84 0.54 5.64 -12.94
CA ARG A 84 1.85 5.25 -12.44
C ARG A 84 2.20 3.83 -12.90
N LEU A 85 1.17 3.01 -13.10
CA LEU A 85 1.37 1.63 -13.53
C LEU A 85 1.66 1.56 -15.02
N ARG A 86 1.18 2.55 -15.76
CA ARG A 86 1.38 2.61 -17.19
C ARG A 86 2.85 2.88 -17.53
N SER A 87 3.39 3.97 -17.00
CA SER A 87 4.77 4.34 -17.24
C SER A 87 5.70 3.17 -16.94
N LEU A 88 5.42 2.46 -15.84
CA LEU A 88 6.23 1.32 -15.44
C LEU A 88 5.69 0.03 -16.06
N GLU A 89 4.47 0.09 -16.56
CA GLU A 89 3.84 -1.08 -17.17
C GLU A 89 3.69 -2.21 -16.16
N ALA A 90 3.37 -1.85 -14.92
CA ALA A 90 3.20 -2.85 -13.87
C ALA A 90 1.85 -3.54 -13.98
N LYS A 91 1.86 -4.87 -13.97
CA LYS A 91 0.63 -5.65 -14.07
C LYS A 91 0.18 -6.13 -12.69
N GLY A 92 0.57 -5.39 -11.66
CA GLY A 92 0.19 -5.77 -10.31
C GLY A 92 0.72 -4.78 -9.27
N VAL A 93 0.12 -4.80 -8.09
CA VAL A 93 0.53 -3.91 -7.01
C VAL A 93 0.72 -4.67 -5.70
N THR A 94 1.28 -3.99 -4.70
CA THR A 94 1.53 -4.61 -3.41
C THR A 94 1.24 -3.63 -2.28
N VAL A 95 1.27 -4.14 -1.05
CA VAL A 95 1.01 -3.30 0.12
C VAL A 95 2.01 -3.59 1.23
N ARG A 96 2.69 -2.54 1.71
CA ARG A 96 3.67 -2.68 2.76
C ARG A 96 3.24 -1.93 4.03
N THR A 97 3.46 -2.56 5.19
CA THR A 97 3.09 -1.96 6.46
C THR A 97 4.11 -0.93 6.91
N LEU A 98 3.90 0.32 6.50
CA LEU A 98 4.81 1.41 6.85
C LEU A 98 4.87 1.59 8.38
N SER A 99 6.07 1.82 8.89
CA SER A 99 6.27 2.01 10.32
C SER A 99 7.32 3.07 10.59
N ALA A 100 7.46 3.47 11.85
CA ALA A 100 8.44 4.47 12.24
C ALA A 100 9.86 3.96 12.03
N GLN A 101 10.02 2.64 12.07
CA GLN A 101 11.34 2.03 11.88
C GLN A 101 11.57 1.67 10.41
N GLY A 102 10.55 1.12 9.77
CA GLY A 102 10.65 0.75 8.38
C GLY A 102 9.54 -0.18 7.93
N GLU A 103 8.97 0.11 6.76
CA GLU A 103 7.87 -0.70 6.23
C GLU A 103 8.25 -2.17 6.22
N SER A 104 7.38 -3.00 5.65
CA SER A 104 7.61 -4.44 5.57
C SER A 104 7.65 -4.91 4.12
N VAL A 105 7.82 -6.21 3.93
CA VAL A 105 7.86 -6.80 2.60
C VAL A 105 6.63 -6.42 1.79
N ASP A 106 6.61 -6.84 0.53
CA ASP A 106 5.48 -6.55 -0.35
C ASP A 106 4.44 -7.66 -0.29
N SER A 107 3.23 -7.31 0.13
CA SER A 107 2.14 -8.27 0.24
C SER A 107 1.93 -9.01 -1.08
N ALA A 108 0.95 -9.92 -1.10
CA ALA A 108 0.66 -10.69 -2.30
C ALA A 108 0.37 -9.77 -3.48
N VAL A 109 1.30 -9.72 -4.43
CA VAL A 109 1.14 -8.89 -5.62
C VAL A 109 -0.23 -9.10 -6.26
N ALA A 110 -1.12 -8.13 -6.07
CA ALA A 110 -2.46 -8.20 -6.64
C ALA A 110 -2.47 -7.71 -8.08
N ALA A 111 -2.43 -8.66 -9.01
CA ALA A 111 -2.44 -8.32 -10.43
C ALA A 111 -3.66 -7.48 -10.79
N VAL A 112 -3.42 -6.23 -11.17
CA VAL A 112 -4.51 -5.32 -11.54
C VAL A 112 -5.21 -5.79 -12.82
N PRO A 113 -6.54 -5.69 -12.83
CA PRO A 113 -7.36 -6.09 -13.98
C PRO A 113 -7.17 -5.16 -15.18
N PRO A 114 -7.22 -5.73 -16.39
CA PRO A 114 -7.07 -4.97 -17.63
C PRO A 114 -8.26 -4.06 -17.90
N GLU A 115 -9.41 -4.39 -17.33
CA GLU A 115 -10.62 -3.61 -17.51
C GLU A 115 -10.50 -2.26 -16.80
N LEU A 116 -9.84 -2.26 -15.64
CA LEU A 116 -9.66 -1.03 -14.88
C LEU A 116 -8.52 -0.21 -15.44
N LEU A 117 -7.51 -0.87 -15.99
CA LEU A 117 -6.36 -0.19 -16.57
C LEU A 117 -6.75 0.54 -17.85
N VAL A 118 -7.64 -0.06 -18.63
CA VAL A 118 -8.10 0.53 -19.87
C VAL A 118 -9.21 1.55 -19.62
N PRO A 119 -9.12 2.70 -20.30
CA PRO A 119 -10.10 3.77 -20.17
C PRO A 119 -11.45 3.40 -20.78
N PRO A 120 -12.52 4.09 -20.34
CA PRO A 120 -13.87 3.85 -20.83
C PRO A 120 -14.06 4.30 -22.28
N THR A 121 -14.90 3.59 -23.02
CA THR A 121 -15.15 3.92 -24.41
C THR A 121 -16.65 4.14 -24.66
N PRO A 122 -16.97 5.13 -25.50
CA PRO A 122 -18.35 5.47 -25.84
C PRO A 122 -19.01 4.39 -26.70
N HIS A 123 -18.21 3.75 -27.53
CA HIS A 123 -18.72 2.70 -28.41
C HIS A 123 -18.12 1.34 -28.05
N PRO A 124 -18.80 0.62 -27.15
CA PRO A 124 -18.36 -0.70 -26.69
C PRO A 124 -18.48 -1.76 -27.79
N SER A 125 -19.62 -1.77 -28.47
CA SER A 125 -19.86 -2.74 -29.54
C SER A 125 -18.66 -2.82 -30.48
N GLY A 126 -18.27 -1.67 -31.03
CA GLY A 126 -17.15 -1.63 -31.94
C GLY A 126 -17.43 -0.81 -33.18
N PRO A 127 -16.56 -0.94 -34.19
CA PRO A 127 -16.70 -0.20 -35.45
C PRO A 127 -17.88 -0.70 -36.29
N SER A 128 -18.92 0.14 -36.40
CA SER A 128 -20.11 -0.22 -37.15
C SER A 128 -19.74 -0.58 -38.60
N SER A 129 -18.86 0.21 -39.19
CA SER A 129 -18.44 -0.01 -40.57
C SER A 129 -17.22 -0.93 -40.61
N GLY A 130 -17.45 -2.17 -41.03
CA GLY A 130 -16.36 -3.14 -41.11
C GLY A 130 -15.45 -3.10 -39.90
N GLY A 1 13.79 32.73 37.62
CA GLY A 1 13.92 31.36 37.17
C GLY A 1 14.65 31.24 35.85
N SER A 2 15.14 30.05 35.54
CA SER A 2 15.87 29.81 34.31
C SER A 2 15.31 28.58 33.57
N SER A 3 15.81 28.35 32.37
CA SER A 3 15.37 27.22 31.56
C SER A 3 16.55 26.33 31.18
N GLY A 4 16.29 25.02 31.15
CA GLY A 4 17.34 24.07 30.79
C GLY A 4 16.81 22.87 30.06
N SER A 5 17.71 22.02 29.57
CA SER A 5 17.33 20.82 28.85
C SER A 5 17.73 19.57 29.61
N SER A 6 16.92 18.51 29.48
CA SER A 6 17.18 17.26 30.16
C SER A 6 17.17 16.10 29.19
N GLY A 7 17.42 14.88 29.70
CA GLY A 7 17.44 13.71 28.85
C GLY A 7 16.56 12.60 29.39
N VAL A 8 16.71 11.40 28.82
CA VAL A 8 15.91 10.26 29.24
C VAL A 8 16.54 8.95 28.77
N GLU A 9 16.57 7.97 29.66
CA GLU A 9 17.16 6.67 29.32
C GLU A 9 16.26 5.90 28.36
N PHE A 10 16.87 5.31 27.34
CA PHE A 10 16.13 4.55 26.34
C PHE A 10 16.80 3.20 26.08
N SER A 11 16.19 2.40 25.21
CA SER A 11 16.71 1.09 24.88
C SER A 11 16.77 0.89 23.37
N THR A 12 17.49 -0.15 22.94
CA THR A 12 17.62 -0.44 21.52
C THR A 12 16.97 -1.79 21.18
N LEU A 13 15.81 -2.03 21.77
CA LEU A 13 15.08 -3.27 21.52
C LEU A 13 14.76 -3.43 20.04
N PRO A 14 14.67 -4.69 19.58
CA PRO A 14 14.36 -5.01 18.18
C PRO A 14 12.92 -4.67 17.82
N ALA A 15 12.74 -4.04 16.66
CA ALA A 15 11.42 -3.67 16.19
C ALA A 15 11.29 -3.86 14.68
N GLY A 16 10.22 -4.52 14.25
CA GLY A 16 10.00 -4.75 12.84
C GLY A 16 10.83 -5.91 12.31
N PRO A 17 10.60 -6.28 11.04
CA PRO A 17 9.62 -5.60 10.19
C PRO A 17 8.19 -5.88 10.62
N PRO A 18 7.30 -4.90 10.39
CA PRO A 18 5.87 -5.02 10.75
C PRO A 18 5.14 -6.03 9.88
N ALA A 19 4.40 -6.94 10.54
CA ALA A 19 3.64 -7.96 9.83
C ALA A 19 2.93 -7.37 8.62
N PRO A 20 3.28 -7.86 7.42
CA PRO A 20 2.67 -7.39 6.17
C PRO A 20 1.22 -7.83 6.03
N PRO A 21 0.41 -7.01 5.34
CA PRO A 21 -1.00 -7.29 5.10
C PRO A 21 -1.23 -8.47 4.17
N GLN A 22 -2.48 -8.90 4.04
CA GLN A 22 -2.82 -10.02 3.18
C GLN A 22 -4.17 -9.79 2.49
N ASP A 23 -4.60 -10.78 1.71
CA ASP A 23 -5.88 -10.67 1.01
C ASP A 23 -5.90 -9.44 0.11
N VAL A 24 -4.73 -9.05 -0.40
CA VAL A 24 -4.62 -7.89 -1.27
C VAL A 24 -5.39 -8.10 -2.57
N THR A 25 -6.27 -7.16 -2.89
CA THR A 25 -7.06 -7.24 -4.10
C THR A 25 -7.37 -5.86 -4.66
N VAL A 26 -7.82 -5.80 -5.91
CA VAL A 26 -8.16 -4.55 -6.55
C VAL A 26 -9.62 -4.52 -6.99
N GLN A 27 -10.42 -3.69 -6.34
CA GLN A 27 -11.83 -3.57 -6.66
C GLN A 27 -12.06 -2.50 -7.73
N ALA A 28 -11.98 -1.25 -7.32
CA ALA A 28 -12.18 -0.13 -8.24
C ALA A 28 -11.92 1.20 -7.55
N GLY A 29 -11.18 2.09 -8.22
CA GLY A 29 -10.87 3.38 -7.66
C GLY A 29 -11.97 4.40 -7.90
N VAL A 30 -12.21 5.26 -6.92
CA VAL A 30 -13.24 6.29 -7.04
C VAL A 30 -13.28 6.88 -8.45
N THR A 31 -12.12 6.89 -9.11
CA THR A 31 -12.02 7.43 -10.46
C THR A 31 -11.54 6.36 -11.43
N PRO A 32 -11.83 6.57 -12.73
CA PRO A 32 -11.44 5.64 -13.78
C PRO A 32 -9.93 5.63 -14.03
N ALA A 33 -9.22 6.50 -13.31
CA ALA A 33 -7.76 6.60 -13.45
C ALA A 33 -7.07 6.04 -12.21
N THR A 34 -7.86 5.55 -11.26
CA THR A 34 -7.31 4.99 -10.03
C THR A 34 -8.00 3.68 -9.67
N ILE A 35 -7.46 2.98 -8.67
CA ILE A 35 -8.03 1.72 -8.23
C ILE A 35 -8.14 1.68 -6.71
N ARG A 36 -8.69 0.58 -6.19
CA ARG A 36 -8.86 0.41 -4.76
C ARG A 36 -8.21 -0.88 -4.27
N VAL A 37 -7.01 -0.77 -3.72
CA VAL A 37 -6.29 -1.93 -3.22
C VAL A 37 -6.75 -2.30 -1.81
N SER A 38 -7.64 -3.29 -1.73
CA SER A 38 -8.17 -3.74 -0.44
C SER A 38 -7.32 -4.89 0.12
N TRP A 39 -7.17 -4.92 1.43
CA TRP A 39 -6.39 -5.96 2.09
C TRP A 39 -6.90 -6.21 3.51
N ARG A 40 -6.22 -7.09 4.23
CA ARG A 40 -6.59 -7.41 5.60
C ARG A 40 -5.47 -7.06 6.57
N PRO A 41 -5.68 -5.99 7.35
CA PRO A 41 -4.70 -5.51 8.33
C PRO A 41 -4.57 -6.47 9.52
N PRO A 42 -3.34 -6.91 9.79
CA PRO A 42 -3.05 -7.83 10.90
C PRO A 42 -3.22 -7.16 12.25
N VAL A 43 -3.69 -7.94 13.23
CA VAL A 43 -3.90 -7.43 14.58
C VAL A 43 -2.70 -6.61 15.05
N LEU A 44 -2.96 -5.58 15.85
CA LEU A 44 -1.91 -4.72 16.37
C LEU A 44 -1.91 -4.72 17.90
N THR A 45 -0.74 -4.89 18.49
CA THR A 45 -0.61 -4.91 19.94
C THR A 45 -1.54 -3.89 20.59
N PRO A 46 -1.85 -4.11 21.87
CA PRO A 46 -2.74 -3.22 22.63
C PRO A 46 -2.09 -1.87 22.92
N THR A 47 -0.97 -1.60 22.26
CA THR A 47 -0.25 -0.34 22.44
C THR A 47 -0.01 0.35 21.10
N GLY A 48 -0.26 -0.38 20.01
CA GLY A 48 -0.05 0.19 18.68
C GLY A 48 1.24 -0.29 18.05
N LEU A 49 1.36 -1.59 17.85
CA LEU A 49 2.55 -2.18 17.25
C LEU A 49 2.23 -3.54 16.63
N SER A 50 2.61 -3.70 15.37
CA SER A 50 2.37 -4.96 14.66
C SER A 50 3.38 -6.02 15.07
N ASN A 51 4.61 -5.88 14.56
CA ASN A 51 5.67 -6.84 14.88
C ASN A 51 6.78 -6.16 15.70
N GLY A 52 6.39 -5.17 16.49
CA GLY A 52 7.36 -4.47 17.31
C GLY A 52 7.58 -3.04 16.86
N ALA A 53 7.19 -2.75 15.62
CA ALA A 53 7.34 -1.41 15.06
C ALA A 53 6.07 -0.60 15.21
N ASN A 54 6.17 0.70 14.92
CA ASN A 54 5.01 1.59 15.03
C ASN A 54 4.36 1.81 13.66
N VAL A 55 3.33 1.02 13.37
CA VAL A 55 2.63 1.12 12.10
C VAL A 55 1.84 2.41 12.02
N THR A 56 2.24 3.30 11.12
CA THR A 56 1.56 4.58 10.94
C THR A 56 0.80 4.62 9.61
N GLY A 57 0.77 3.49 8.93
CA GLY A 57 0.07 3.42 7.65
C GLY A 57 0.66 2.37 6.72
N TYR A 58 0.11 2.27 5.52
CA TYR A 58 0.57 1.29 4.54
C TYR A 58 1.08 1.99 3.28
N GLY A 59 1.67 1.21 2.38
CA GLY A 59 2.18 1.76 1.15
C GLY A 59 2.04 0.81 -0.03
N VAL A 60 1.64 1.34 -1.17
CA VAL A 60 1.47 0.53 -2.37
C VAL A 60 2.64 0.71 -3.34
N TYR A 61 3.06 -0.38 -3.96
CA TYR A 61 4.16 -0.34 -4.91
C TYR A 61 3.83 -1.13 -6.17
N ALA A 62 4.43 -0.73 -7.28
CA ALA A 62 4.21 -1.41 -8.56
C ALA A 62 5.48 -2.10 -9.06
N LYS A 63 6.41 -1.30 -9.55
CA LYS A 63 7.68 -1.84 -10.06
C LYS A 63 8.86 -1.27 -9.28
N GLY A 64 8.74 -1.24 -7.96
CA GLY A 64 9.80 -0.72 -7.12
C GLY A 64 9.67 0.77 -6.88
N GLN A 65 8.53 1.33 -7.27
CA GLN A 65 8.28 2.76 -7.09
C GLN A 65 6.95 2.99 -6.39
N ARG A 66 7.01 3.54 -5.18
CA ARG A 66 5.81 3.81 -4.41
C ARG A 66 4.78 4.56 -5.25
N VAL A 67 3.61 3.95 -5.41
CA VAL A 67 2.54 4.55 -6.20
C VAL A 67 1.51 5.23 -5.29
N ALA A 68 1.34 4.69 -4.09
CA ALA A 68 0.40 5.24 -3.13
C ALA A 68 0.86 4.99 -1.71
N GLU A 69 0.16 5.61 -0.75
CA GLU A 69 0.50 5.45 0.66
C GLU A 69 -0.62 5.97 1.56
N VAL A 70 -1.08 5.13 2.47
CA VAL A 70 -2.15 5.50 3.39
C VAL A 70 -1.64 5.57 4.83
N ILE A 71 -1.80 6.74 5.44
CA ILE A 71 -1.37 6.94 6.82
C ILE A 71 -2.37 6.34 7.81
N PHE A 72 -2.83 5.13 7.51
CA PHE A 72 -3.79 4.46 8.37
C PHE A 72 -3.38 3.00 8.60
N PRO A 73 -3.04 2.68 9.87
CA PRO A 73 -2.62 1.33 10.25
C PRO A 73 -3.77 0.33 10.20
N THR A 74 -4.99 0.82 10.33
CA THR A 74 -6.17 -0.03 10.29
C THR A 74 -6.91 0.11 8.96
N ALA A 75 -6.19 0.55 7.93
CA ALA A 75 -6.77 0.72 6.61
C ALA A 75 -6.88 -0.61 5.88
N ASP A 76 -8.04 -0.87 5.28
CA ASP A 76 -8.27 -2.10 4.55
C ASP A 76 -8.47 -1.83 3.06
N SER A 77 -8.16 -0.61 2.64
CA SER A 77 -8.31 -0.22 1.25
C SER A 77 -7.73 1.18 1.01
N THR A 78 -6.97 1.32 -0.06
CA THR A 78 -6.36 2.61 -0.40
C THR A 78 -6.43 2.86 -1.90
N ALA A 79 -6.45 4.14 -2.27
CA ALA A 79 -6.52 4.53 -3.68
C ALA A 79 -5.12 4.62 -4.29
N VAL A 80 -5.01 4.25 -5.55
CA VAL A 80 -3.72 4.29 -6.25
C VAL A 80 -3.90 4.76 -7.70
N GLU A 81 -2.95 5.55 -8.17
CA GLU A 81 -3.00 6.06 -9.53
C GLU A 81 -2.62 4.98 -10.54
N LEU A 82 -3.49 4.76 -11.52
CA LEU A 82 -3.25 3.75 -12.54
C LEU A 82 -2.15 4.20 -13.51
N VAL A 83 -2.07 5.51 -13.73
CA VAL A 83 -1.06 6.07 -14.63
C VAL A 83 0.34 5.66 -14.20
N ARG A 84 0.59 5.70 -12.89
CA ARG A 84 1.90 5.34 -12.35
C ARG A 84 2.25 3.90 -12.71
N LEU A 85 1.23 3.10 -13.02
CA LEU A 85 1.44 1.70 -13.38
C LEU A 85 1.72 1.56 -14.87
N ARG A 86 1.16 2.48 -15.66
CA ARG A 86 1.35 2.45 -17.10
C ARG A 86 2.80 2.72 -17.47
N SER A 87 3.31 3.89 -17.05
CA SER A 87 4.69 4.26 -17.34
C SER A 87 5.64 3.10 -17.06
N LEU A 88 5.38 2.39 -15.97
CA LEU A 88 6.22 1.26 -15.58
C LEU A 88 5.72 -0.03 -16.22
N GLU A 89 4.48 -0.01 -16.68
CA GLU A 89 3.88 -1.17 -17.33
C GLU A 89 3.70 -2.32 -16.32
N ALA A 90 3.39 -1.96 -15.08
CA ALA A 90 3.19 -2.95 -14.03
C ALA A 90 1.80 -3.57 -14.11
N LYS A 91 1.75 -4.90 -14.07
CA LYS A 91 0.48 -5.62 -14.14
C LYS A 91 0.05 -6.10 -12.77
N GLY A 92 0.60 -5.48 -11.73
CA GLY A 92 0.27 -5.86 -10.37
C GLY A 92 0.88 -4.94 -9.34
N VAL A 93 0.27 -4.88 -8.15
CA VAL A 93 0.77 -4.03 -7.08
C VAL A 93 0.85 -4.81 -5.76
N THR A 94 1.44 -4.17 -4.75
CA THR A 94 1.59 -4.80 -3.45
C THR A 94 1.31 -3.80 -2.32
N VAL A 95 1.34 -4.28 -1.09
CA VAL A 95 1.10 -3.43 0.07
C VAL A 95 2.12 -3.69 1.17
N ARG A 96 2.77 -2.63 1.64
CA ARG A 96 3.77 -2.75 2.70
C ARG A 96 3.34 -1.96 3.94
N THR A 97 3.51 -2.58 5.10
CA THR A 97 3.14 -1.94 6.36
C THR A 97 4.16 -0.88 6.75
N LEU A 98 3.80 0.38 6.57
CA LEU A 98 4.68 1.49 6.91
C LEU A 98 4.75 1.69 8.41
N SER A 99 5.92 2.09 8.91
CA SER A 99 6.11 2.31 10.33
C SER A 99 7.23 3.33 10.57
N ALA A 100 7.41 3.72 11.83
CA ALA A 100 8.43 4.69 12.20
C ALA A 100 9.82 4.07 12.08
N GLN A 101 9.91 2.77 12.33
CA GLN A 101 11.18 2.06 12.26
C GLN A 101 11.50 1.67 10.81
N GLY A 102 10.50 1.15 10.11
CA GLY A 102 10.70 0.74 8.73
C GLY A 102 9.53 -0.06 8.19
N GLU A 103 9.33 0.01 6.89
CA GLU A 103 8.23 -0.72 6.25
C GLU A 103 8.50 -2.22 6.25
N SER A 104 7.57 -2.99 5.69
CA SER A 104 7.71 -4.43 5.63
C SER A 104 7.71 -4.93 4.18
N VAL A 105 7.87 -6.23 4.01
CA VAL A 105 7.89 -6.82 2.67
C VAL A 105 6.63 -6.49 1.90
N ASP A 106 6.64 -6.77 0.60
CA ASP A 106 5.49 -6.50 -0.26
C ASP A 106 4.49 -7.64 -0.20
N SER A 107 3.24 -7.31 0.11
CA SER A 107 2.18 -8.31 0.20
C SER A 107 2.00 -9.03 -1.13
N ALA A 108 1.08 -9.99 -1.16
CA ALA A 108 0.80 -10.75 -2.37
C ALA A 108 0.51 -9.82 -3.54
N VAL A 109 1.37 -9.85 -4.56
CA VAL A 109 1.19 -9.01 -5.73
C VAL A 109 -0.18 -9.20 -6.34
N ALA A 110 -1.06 -8.22 -6.14
CA ALA A 110 -2.42 -8.28 -6.67
C ALA A 110 -2.46 -7.78 -8.12
N ALA A 111 -2.46 -8.71 -9.06
CA ALA A 111 -2.51 -8.36 -10.47
C ALA A 111 -3.72 -7.49 -10.78
N VAL A 112 -3.47 -6.23 -11.15
CA VAL A 112 -4.55 -5.30 -11.47
C VAL A 112 -5.28 -5.74 -12.73
N PRO A 113 -6.61 -5.62 -12.70
CA PRO A 113 -7.47 -5.99 -13.84
C PRO A 113 -7.31 -5.05 -15.02
N PRO A 114 -7.42 -5.59 -16.23
CA PRO A 114 -7.29 -4.81 -17.47
C PRO A 114 -8.47 -3.87 -17.69
N GLU A 115 -9.61 -4.21 -17.11
CA GLU A 115 -10.81 -3.38 -17.23
C GLU A 115 -10.61 -2.03 -16.57
N LEU A 116 -9.91 -2.03 -15.44
CA LEU A 116 -9.64 -0.80 -14.70
C LEU A 116 -8.47 -0.04 -15.31
N LEU A 117 -7.51 -0.77 -15.84
CA LEU A 117 -6.33 -0.17 -16.46
C LEU A 117 -6.73 0.66 -17.68
N VAL A 118 -7.70 0.17 -18.43
CA VAL A 118 -8.18 0.87 -19.62
C VAL A 118 -9.19 1.95 -19.26
N PRO A 119 -9.02 3.14 -19.86
CA PRO A 119 -9.90 4.28 -19.61
C PRO A 119 -11.29 4.07 -20.20
N PRO A 120 -12.32 4.59 -19.51
CA PRO A 120 -13.71 4.47 -19.95
C PRO A 120 -14.00 5.31 -21.19
N THR A 121 -14.70 4.70 -22.15
CA THR A 121 -15.04 5.39 -23.38
C THR A 121 -15.58 6.79 -23.11
N PRO A 122 -15.15 7.76 -23.94
CA PRO A 122 -15.58 9.15 -23.81
C PRO A 122 -17.05 9.35 -24.17
N HIS A 123 -17.63 10.46 -23.71
CA HIS A 123 -19.02 10.77 -23.99
C HIS A 123 -19.15 12.06 -24.81
N PRO A 124 -20.11 12.08 -25.73
CA PRO A 124 -20.35 13.24 -26.60
C PRO A 124 -20.93 14.42 -25.82
N SER A 125 -20.87 15.61 -26.43
CA SER A 125 -21.39 16.81 -25.79
C SER A 125 -22.47 17.45 -26.65
N GLY A 126 -23.33 18.24 -26.01
CA GLY A 126 -24.40 18.91 -26.73
C GLY A 126 -23.97 20.23 -27.32
N PRO A 127 -24.47 20.53 -28.53
CA PRO A 127 -24.15 21.78 -29.23
C PRO A 127 -24.76 23.01 -28.56
N SER A 128 -25.76 22.77 -27.71
CA SER A 128 -26.43 23.86 -27.00
C SER A 128 -25.52 24.45 -25.93
N SER A 129 -25.18 23.65 -24.94
CA SER A 129 -24.31 24.10 -23.86
C SER A 129 -22.84 23.94 -24.22
N GLY A 130 -22.02 24.91 -23.82
CA GLY A 130 -20.60 24.85 -24.13
C GLY A 130 -19.87 23.81 -23.29
N GLY A 1 11.94 34.94 37.95
CA GLY A 1 11.77 34.37 36.63
C GLY A 1 12.07 32.89 36.60
N SER A 2 12.38 32.38 35.41
CA SER A 2 12.67 30.96 35.25
C SER A 2 13.28 30.68 33.88
N SER A 3 14.00 29.57 33.77
CA SER A 3 14.64 29.19 32.51
C SER A 3 14.40 27.73 32.20
N GLY A 4 14.86 27.30 31.03
CA GLY A 4 14.69 25.91 30.63
C GLY A 4 16.00 25.17 30.53
N SER A 5 15.98 24.00 29.88
CA SER A 5 17.18 23.19 29.73
C SER A 5 17.04 22.22 28.55
N SER A 6 18.08 21.44 28.31
CA SER A 6 18.07 20.47 27.21
C SER A 6 17.08 19.33 27.50
N GLY A 7 16.96 18.41 26.54
CA GLY A 7 16.06 17.29 26.70
C GLY A 7 16.78 15.97 26.82
N VAL A 8 16.07 14.88 26.59
CA VAL A 8 16.66 13.54 26.68
C VAL A 8 16.64 12.85 25.32
N GLU A 9 17.61 11.96 25.11
CA GLU A 9 17.71 11.22 23.85
C GLU A 9 16.95 9.90 23.93
N PHE A 10 16.62 9.35 22.77
CA PHE A 10 15.89 8.09 22.71
C PHE A 10 16.86 6.91 22.53
N SER A 11 16.42 5.73 22.96
CA SER A 11 17.24 4.54 22.85
C SER A 11 16.93 3.77 21.57
N THR A 12 17.86 2.91 21.16
CA THR A 12 17.69 2.11 19.94
C THR A 12 17.30 0.68 20.28
N LEU A 13 15.99 0.43 20.35
CA LEU A 13 15.48 -0.90 20.66
C LEU A 13 15.07 -1.64 19.39
N PRO A 14 15.20 -2.97 19.41
CA PRO A 14 14.84 -3.81 18.26
C PRO A 14 13.33 -3.86 18.04
N ALA A 15 12.90 -3.58 16.81
CA ALA A 15 11.49 -3.59 16.46
C ALA A 15 11.30 -3.79 14.96
N GLY A 16 10.16 -4.36 14.58
CA GLY A 16 9.88 -4.59 13.18
C GLY A 16 10.72 -5.71 12.59
N PRO A 17 10.55 -5.96 11.29
CA PRO A 17 9.59 -5.22 10.46
C PRO A 17 8.14 -5.54 10.82
N PRO A 18 7.23 -4.61 10.49
CA PRO A 18 5.80 -4.76 10.77
C PRO A 18 5.16 -5.84 9.90
N ALA A 19 4.25 -6.61 10.50
CA ALA A 19 3.56 -7.67 9.78
C ALA A 19 2.85 -7.14 8.54
N PRO A 20 3.22 -7.67 7.37
CA PRO A 20 2.63 -7.25 6.09
C PRO A 20 1.18 -7.70 5.95
N PRO A 21 0.37 -6.89 5.24
CA PRO A 21 -1.04 -7.19 5.01
C PRO A 21 -1.25 -8.39 4.09
N GLN A 22 -2.49 -8.85 3.99
CA GLN A 22 -2.81 -9.98 3.13
C GLN A 22 -4.17 -9.78 2.46
N ASP A 23 -4.52 -10.71 1.58
CA ASP A 23 -5.80 -10.64 0.86
C ASP A 23 -5.86 -9.38 0.00
N VAL A 24 -4.72 -9.00 -0.56
CA VAL A 24 -4.66 -7.81 -1.42
C VAL A 24 -5.42 -8.02 -2.72
N THR A 25 -6.32 -7.10 -3.03
CA THR A 25 -7.11 -7.19 -4.25
C THR A 25 -7.46 -5.81 -4.78
N VAL A 26 -7.83 -5.74 -6.06
CA VAL A 26 -8.19 -4.47 -6.69
C VAL A 26 -9.64 -4.48 -7.14
N GLN A 27 -10.47 -3.69 -6.46
CA GLN A 27 -11.88 -3.60 -6.78
C GLN A 27 -12.12 -2.54 -7.86
N ALA A 28 -12.07 -1.27 -7.46
CA ALA A 28 -12.29 -0.18 -8.39
C ALA A 28 -12.10 1.17 -7.71
N GLY A 29 -11.39 2.08 -8.38
CA GLY A 29 -11.13 3.38 -7.81
C GLY A 29 -12.23 4.38 -8.15
N VAL A 30 -12.51 5.28 -7.21
CA VAL A 30 -13.54 6.29 -7.41
C VAL A 30 -13.46 6.89 -8.81
N THR A 31 -12.27 6.84 -9.40
CA THR A 31 -12.05 7.39 -10.74
C THR A 31 -11.45 6.34 -11.66
N PRO A 32 -11.63 6.54 -12.98
CA PRO A 32 -11.12 5.62 -14.00
C PRO A 32 -9.60 5.65 -14.10
N ALA A 33 -8.99 6.63 -13.44
CA ALA A 33 -7.54 6.78 -13.46
C ALA A 33 -6.92 6.25 -12.16
N THR A 34 -7.77 5.70 -11.29
CA THR A 34 -7.30 5.15 -10.02
C THR A 34 -8.05 3.87 -9.67
N ILE A 35 -7.49 3.11 -8.73
CA ILE A 35 -8.11 1.86 -8.31
C ILE A 35 -8.26 1.82 -6.79
N ARG A 36 -8.75 0.69 -6.28
CA ARG A 36 -8.94 0.51 -4.85
C ARG A 36 -8.32 -0.79 -4.36
N VAL A 37 -7.13 -0.71 -3.80
CA VAL A 37 -6.43 -1.88 -3.30
C VAL A 37 -6.88 -2.24 -1.89
N SER A 38 -7.69 -3.29 -1.78
CA SER A 38 -8.20 -3.73 -0.49
C SER A 38 -7.36 -4.88 0.06
N TRP A 39 -7.15 -4.87 1.37
CA TRP A 39 -6.37 -5.91 2.03
C TRP A 39 -6.87 -6.17 3.44
N ARG A 40 -6.17 -7.03 4.18
CA ARG A 40 -6.56 -7.37 5.54
C ARG A 40 -5.44 -7.05 6.52
N PRO A 41 -5.63 -5.99 7.32
CA PRO A 41 -4.64 -5.57 8.32
C PRO A 41 -4.51 -6.55 9.47
N PRO A 42 -3.27 -6.97 9.76
CA PRO A 42 -2.99 -7.92 10.84
C PRO A 42 -3.19 -7.31 12.21
N VAL A 43 -3.73 -8.10 13.14
CA VAL A 43 -3.98 -7.64 14.50
C VAL A 43 -2.80 -6.82 15.01
N LEU A 44 -3.11 -5.70 15.67
CA LEU A 44 -2.08 -4.82 16.22
C LEU A 44 -2.08 -4.87 17.75
N THR A 45 -0.90 -5.04 18.33
CA THR A 45 -0.77 -5.10 19.77
C THR A 45 -1.74 -4.13 20.46
N PRO A 46 -2.06 -4.42 21.73
CA PRO A 46 -2.97 -3.59 22.52
C PRO A 46 -2.36 -2.24 22.88
N THR A 47 -1.26 -1.89 22.21
CA THR A 47 -0.59 -0.63 22.47
C THR A 47 -0.32 0.12 21.16
N GLY A 48 -0.61 -0.54 20.04
CA GLY A 48 -0.40 0.08 18.74
C GLY A 48 0.97 -0.21 18.17
N LEU A 49 1.26 -1.48 17.94
CA LEU A 49 2.55 -1.89 17.39
C LEU A 49 2.44 -3.21 16.65
N SER A 50 2.95 -3.25 15.43
CA SER A 50 2.91 -4.46 14.61
C SER A 50 4.26 -5.16 14.61
N ASN A 51 4.35 -6.24 15.38
CA ASN A 51 5.60 -7.00 15.48
C ASN A 51 6.67 -6.21 16.20
N GLY A 52 6.24 -5.27 17.05
CA GLY A 52 7.19 -4.46 17.79
C GLY A 52 7.45 -3.13 17.13
N ALA A 53 7.00 -2.99 15.88
CA ALA A 53 7.20 -1.75 15.14
C ALA A 53 6.00 -0.82 15.30
N ASN A 54 6.20 0.46 14.98
CA ASN A 54 5.15 1.45 15.10
C ASN A 54 4.51 1.74 13.74
N VAL A 55 3.53 0.92 13.36
CA VAL A 55 2.85 1.09 12.09
C VAL A 55 2.04 2.38 12.06
N THR A 56 2.37 3.26 11.12
CA THR A 56 1.68 4.54 10.98
C THR A 56 0.91 4.62 9.67
N GLY A 57 0.89 3.50 8.95
CA GLY A 57 0.19 3.47 7.67
C GLY A 57 0.75 2.40 6.74
N TYR A 58 0.19 2.33 5.53
CA TYR A 58 0.63 1.35 4.54
C TYR A 58 1.15 2.05 3.29
N GLY A 59 1.71 1.25 2.38
CA GLY A 59 2.24 1.80 1.15
C GLY A 59 2.08 0.86 -0.03
N VAL A 60 1.64 1.39 -1.16
CA VAL A 60 1.44 0.59 -2.36
C VAL A 60 2.63 0.70 -3.30
N TYR A 61 3.02 -0.42 -3.90
CA TYR A 61 4.15 -0.45 -4.83
C TYR A 61 3.79 -1.22 -6.09
N ALA A 62 4.39 -0.81 -7.21
CA ALA A 62 4.14 -1.46 -8.49
C ALA A 62 5.40 -2.17 -9.00
N LYS A 63 6.37 -1.39 -9.45
CA LYS A 63 7.62 -1.95 -9.96
C LYS A 63 8.81 -1.40 -9.18
N GLY A 64 8.67 -1.35 -7.86
CA GLY A 64 9.74 -0.86 -7.02
C GLY A 64 9.64 0.63 -6.75
N GLN A 65 8.51 1.22 -7.15
CA GLN A 65 8.29 2.65 -6.96
C GLN A 65 6.95 2.90 -6.27
N ARG A 66 7.00 3.43 -5.05
CA ARG A 66 5.80 3.72 -4.28
C ARG A 66 4.76 4.43 -5.15
N VAL A 67 3.59 3.82 -5.27
CA VAL A 67 2.51 4.38 -6.06
C VAL A 67 1.45 5.04 -5.18
N ALA A 68 1.37 4.58 -3.94
CA ALA A 68 0.40 5.12 -2.99
C ALA A 68 0.87 4.92 -1.55
N GLU A 69 0.22 5.61 -0.62
CA GLU A 69 0.58 5.50 0.79
C GLU A 69 -0.54 6.02 1.68
N VAL A 70 -1.02 5.17 2.58
CA VAL A 70 -2.11 5.54 3.49
C VAL A 70 -1.60 5.66 4.92
N ILE A 71 -1.78 6.83 5.53
CA ILE A 71 -1.35 7.05 6.90
C ILE A 71 -2.32 6.44 7.89
N PHE A 72 -2.73 5.19 7.62
CA PHE A 72 -3.66 4.49 8.50
C PHE A 72 -3.22 3.04 8.70
N PRO A 73 -2.84 2.71 9.94
CA PRO A 73 -2.40 1.36 10.30
C PRO A 73 -3.54 0.34 10.26
N THR A 74 -4.76 0.81 10.45
CA THR A 74 -5.93 -0.05 10.43
C THR A 74 -6.70 0.09 9.12
N ALA A 75 -6.00 0.50 8.08
CA ALA A 75 -6.62 0.67 6.76
C ALA A 75 -6.81 -0.68 6.06
N ASP A 76 -7.94 -0.83 5.39
CA ASP A 76 -8.25 -2.06 4.68
C ASP A 76 -8.36 -1.82 3.17
N SER A 77 -8.20 -0.57 2.77
CA SER A 77 -8.29 -0.19 1.37
C SER A 77 -7.73 1.20 1.13
N THR A 78 -7.02 1.37 0.02
CA THR A 78 -6.43 2.66 -0.33
C THR A 78 -6.46 2.90 -1.83
N ALA A 79 -6.68 4.15 -2.22
CA ALA A 79 -6.73 4.51 -3.63
C ALA A 79 -5.33 4.59 -4.23
N VAL A 80 -5.20 4.14 -5.48
CA VAL A 80 -3.91 4.14 -6.16
C VAL A 80 -4.05 4.64 -7.59
N GLU A 81 -3.08 5.43 -8.04
CA GLU A 81 -3.09 5.98 -9.39
C GLU A 81 -2.70 4.92 -10.41
N LEU A 82 -3.54 4.73 -11.42
CA LEU A 82 -3.28 3.74 -12.47
C LEU A 82 -2.16 4.21 -13.39
N VAL A 83 -2.06 5.53 -13.57
CA VAL A 83 -1.03 6.10 -14.42
C VAL A 83 0.36 5.66 -13.99
N ARG A 84 0.56 5.56 -12.68
CA ARG A 84 1.85 5.15 -12.13
C ARG A 84 2.19 3.73 -12.56
N LEU A 85 1.17 2.97 -12.97
CA LEU A 85 1.37 1.59 -13.41
C LEU A 85 1.65 1.53 -14.91
N ARG A 86 1.16 2.53 -15.64
CA ARG A 86 1.36 2.60 -17.08
C ARG A 86 2.84 2.83 -17.42
N SER A 87 3.38 3.94 -16.94
CA SER A 87 4.77 4.28 -17.19
C SER A 87 5.67 3.08 -16.95
N LEU A 88 5.40 2.35 -15.86
CA LEU A 88 6.20 1.17 -15.51
C LEU A 88 5.59 -0.08 -16.12
N GLU A 89 4.38 0.04 -16.65
CA GLU A 89 3.69 -1.09 -17.26
C GLU A 89 3.50 -2.22 -16.25
N ALA A 90 3.26 -1.86 -15.00
CA ALA A 90 3.07 -2.84 -13.94
C ALA A 90 1.68 -3.48 -14.03
N LYS A 91 1.65 -4.80 -14.04
CA LYS A 91 0.39 -5.53 -14.13
C LYS A 91 -0.05 -6.01 -12.74
N GLY A 92 0.59 -5.48 -11.71
CA GLY A 92 0.24 -5.87 -10.35
C GLY A 92 0.84 -4.94 -9.32
N VAL A 93 0.19 -4.84 -8.16
CA VAL A 93 0.67 -3.98 -7.08
C VAL A 93 0.80 -4.76 -5.77
N THR A 94 1.34 -4.09 -4.76
CA THR A 94 1.53 -4.72 -3.45
C THR A 94 1.26 -3.74 -2.33
N VAL A 95 1.32 -4.23 -1.09
CA VAL A 95 1.08 -3.39 0.08
C VAL A 95 2.10 -3.68 1.18
N ARG A 96 2.75 -2.63 1.67
CA ARG A 96 3.75 -2.79 2.73
C ARG A 96 3.33 -2.01 3.98
N THR A 97 3.48 -2.65 5.14
CA THR A 97 3.12 -2.01 6.40
C THR A 97 4.15 -0.97 6.81
N LEU A 98 3.85 0.29 6.55
CA LEU A 98 4.76 1.39 6.90
C LEU A 98 4.84 1.57 8.41
N SER A 99 6.05 1.86 8.90
CA SER A 99 6.25 2.05 10.33
C SER A 99 7.39 3.04 10.58
N ALA A 100 7.66 3.31 11.85
CA ALA A 100 8.73 4.24 12.22
C ALA A 100 10.09 3.58 12.12
N GLN A 101 10.10 2.25 11.98
CA GLN A 101 11.35 1.51 11.89
C GLN A 101 11.70 1.23 10.43
N GLY A 102 10.67 1.02 9.61
CA GLY A 102 10.90 0.74 8.20
C GLY A 102 9.74 0.01 7.56
N GLU A 103 9.74 -0.07 6.23
CA GLU A 103 8.68 -0.74 5.50
C GLU A 103 8.88 -2.25 5.52
N SER A 104 7.78 -2.99 5.38
CA SER A 104 7.83 -4.44 5.40
C SER A 104 7.78 -5.00 3.98
N VAL A 105 7.91 -6.31 3.85
CA VAL A 105 7.88 -6.97 2.56
C VAL A 105 6.61 -6.62 1.79
N ASP A 106 6.63 -6.85 0.47
CA ASP A 106 5.48 -6.55 -0.37
C ASP A 106 4.45 -7.67 -0.28
N SER A 107 3.21 -7.31 0.05
CA SER A 107 2.12 -8.28 0.17
C SER A 107 1.92 -9.03 -1.15
N ALA A 108 0.94 -9.93 -1.15
CA ALA A 108 0.64 -10.72 -2.34
C ALA A 108 0.36 -9.81 -3.54
N VAL A 109 1.28 -9.82 -4.50
CA VAL A 109 1.13 -9.00 -5.70
C VAL A 109 -0.25 -9.19 -6.34
N ALA A 110 -1.12 -8.20 -6.15
CA ALA A 110 -2.46 -8.26 -6.71
C ALA A 110 -2.48 -7.77 -8.15
N ALA A 111 -2.46 -8.71 -9.09
CA ALA A 111 -2.48 -8.36 -10.52
C ALA A 111 -3.69 -7.51 -10.86
N VAL A 112 -3.45 -6.25 -11.19
CA VAL A 112 -4.52 -5.33 -11.55
C VAL A 112 -5.27 -5.80 -12.80
N PRO A 113 -6.60 -5.68 -12.77
CA PRO A 113 -7.45 -6.09 -13.90
C PRO A 113 -7.29 -5.18 -15.10
N PRO A 114 -7.33 -5.76 -16.31
CA PRO A 114 -7.20 -5.02 -17.56
C PRO A 114 -8.41 -4.13 -17.84
N GLU A 115 -9.51 -4.40 -17.14
CA GLU A 115 -10.73 -3.62 -17.32
C GLU A 115 -10.60 -2.24 -16.68
N LEU A 116 -9.92 -2.18 -15.54
CA LEU A 116 -9.72 -0.92 -14.83
C LEU A 116 -8.57 -0.13 -15.45
N LEU A 117 -7.60 -0.84 -16.01
CA LEU A 117 -6.44 -0.21 -16.62
C LEU A 117 -6.84 0.52 -17.90
N VAL A 118 -7.77 -0.07 -18.66
CA VAL A 118 -8.25 0.53 -19.90
C VAL A 118 -9.31 1.59 -19.63
N PRO A 119 -9.20 2.72 -20.32
CA PRO A 119 -10.15 3.83 -20.18
C PRO A 119 -11.53 3.49 -20.74
N PRO A 120 -12.53 4.32 -20.40
CA PRO A 120 -13.91 4.12 -20.86
C PRO A 120 -14.07 4.41 -22.36
N THR A 121 -14.67 3.46 -23.07
CA THR A 121 -14.88 3.61 -24.51
C THR A 121 -16.07 4.50 -24.80
N PRO A 122 -15.94 5.35 -25.83
CA PRO A 122 -17.01 6.27 -26.24
C PRO A 122 -18.20 5.55 -26.86
N HIS A 123 -19.29 6.28 -27.08
CA HIS A 123 -20.50 5.70 -27.66
C HIS A 123 -20.16 4.92 -28.92
N PRO A 124 -20.77 3.72 -29.05
CA PRO A 124 -20.55 2.85 -30.21
C PRO A 124 -21.16 3.41 -31.48
N SER A 125 -22.18 4.25 -31.34
CA SER A 125 -22.84 4.85 -32.48
C SER A 125 -21.88 5.67 -33.31
N GLY A 126 -21.81 5.39 -34.60
CA GLY A 126 -20.92 6.11 -35.49
C GLY A 126 -19.90 5.20 -36.16
N PRO A 127 -19.39 5.63 -37.32
CA PRO A 127 -18.40 4.86 -38.09
C PRO A 127 -17.04 4.81 -37.40
N SER A 128 -16.51 3.61 -37.26
CA SER A 128 -15.21 3.43 -36.60
C SER A 128 -14.07 3.77 -37.57
N SER A 129 -14.03 3.07 -38.69
CA SER A 129 -13.00 3.29 -39.70
C SER A 129 -13.57 3.99 -40.93
N GLY A 130 -12.72 4.75 -41.62
CA GLY A 130 -13.17 5.46 -42.80
C GLY A 130 -12.05 5.65 -43.82
N GLY A 1 17.17 23.42 -3.22
CA GLY A 1 18.55 23.80 -3.03
C GLY A 1 19.43 22.63 -2.59
N SER A 2 20.19 22.84 -1.53
CA SER A 2 21.07 21.80 -1.00
C SER A 2 20.52 21.24 0.31
N SER A 3 19.95 20.04 0.23
CA SER A 3 19.38 19.39 1.41
C SER A 3 19.59 17.88 1.34
N GLY A 4 20.17 17.32 2.40
CA GLY A 4 20.41 15.89 2.44
C GLY A 4 21.05 15.44 3.74
N SER A 5 22.05 16.19 4.18
CA SER A 5 22.76 15.88 5.42
C SER A 5 21.78 15.41 6.49
N SER A 6 22.22 14.46 7.32
CA SER A 6 21.39 13.93 8.39
C SER A 6 21.66 14.64 9.71
N GLY A 7 22.93 14.72 10.08
CA GLY A 7 23.31 15.37 11.31
C GLY A 7 23.98 14.44 12.30
N VAL A 8 23.17 13.74 13.10
CA VAL A 8 23.69 12.80 14.08
C VAL A 8 22.88 11.50 14.08
N GLU A 9 23.31 10.56 14.91
CA GLU A 9 22.64 9.26 14.99
C GLU A 9 21.79 9.18 16.26
N PHE A 10 20.74 8.36 16.21
CA PHE A 10 19.85 8.20 17.35
C PHE A 10 19.67 6.73 17.69
N SER A 11 19.35 6.44 18.95
CA SER A 11 19.16 5.07 19.41
C SER A 11 18.15 4.34 18.53
N THR A 12 18.55 3.18 18.01
CA THR A 12 17.68 2.39 17.15
C THR A 12 17.25 1.10 17.85
N LEU A 13 16.25 1.23 18.72
CA LEU A 13 15.73 0.07 19.45
C LEU A 13 15.26 -1.02 18.50
N PRO A 14 15.29 -2.27 18.96
CA PRO A 14 14.86 -3.42 18.17
C PRO A 14 13.36 -3.45 17.95
N ALA A 15 12.94 -3.42 16.69
CA ALA A 15 11.53 -3.44 16.35
C ALA A 15 11.32 -3.71 14.86
N GLY A 16 10.18 -4.33 14.53
CA GLY A 16 9.88 -4.63 13.14
C GLY A 16 10.74 -5.77 12.60
N PRO A 17 10.57 -6.08 11.31
CA PRO A 17 9.63 -5.37 10.44
C PRO A 17 8.18 -5.66 10.80
N PRO A 18 7.27 -4.72 10.46
CA PRO A 18 5.84 -4.85 10.73
C PRO A 18 5.19 -5.93 9.88
N ALA A 19 4.27 -6.68 10.49
CA ALA A 19 3.57 -7.74 9.77
C ALA A 19 2.84 -7.19 8.55
N PRO A 20 3.18 -7.73 7.37
CA PRO A 20 2.56 -7.30 6.10
C PRO A 20 1.11 -7.74 5.99
N PRO A 21 0.30 -6.94 5.28
CA PRO A 21 -1.13 -7.24 5.08
C PRO A 21 -1.35 -8.44 4.17
N GLN A 22 -2.60 -8.85 4.05
CA GLN A 22 -2.95 -9.99 3.21
C GLN A 22 -4.29 -9.77 2.52
N ASP A 23 -4.73 -10.76 1.75
CA ASP A 23 -6.00 -10.68 1.03
C ASP A 23 -6.02 -9.46 0.12
N VAL A 24 -4.84 -9.06 -0.36
CA VAL A 24 -4.73 -7.92 -1.25
C VAL A 24 -5.51 -8.14 -2.54
N THR A 25 -6.35 -7.17 -2.90
CA THR A 25 -7.15 -7.26 -4.11
C THR A 25 -7.42 -5.87 -4.70
N VAL A 26 -7.98 -5.85 -5.91
CA VAL A 26 -8.28 -4.59 -6.58
C VAL A 26 -9.72 -4.57 -7.07
N GLN A 27 -10.54 -3.74 -6.42
CA GLN A 27 -11.95 -3.62 -6.78
C GLN A 27 -12.14 -2.58 -7.89
N ALA A 28 -12.07 -1.31 -7.51
CA ALA A 28 -12.24 -0.22 -8.46
C ALA A 28 -12.02 1.14 -7.78
N GLY A 29 -11.42 2.07 -8.53
CA GLY A 29 -11.17 3.39 -7.99
C GLY A 29 -12.26 4.38 -8.35
N VAL A 30 -12.59 5.26 -7.41
CA VAL A 30 -13.63 6.26 -7.64
C VAL A 30 -13.56 6.80 -9.06
N THR A 31 -12.35 6.89 -9.60
CA THR A 31 -12.15 7.40 -10.96
C THR A 31 -11.51 6.34 -11.85
N PRO A 32 -11.70 6.48 -13.17
CA PRO A 32 -11.15 5.55 -14.16
C PRO A 32 -9.62 5.65 -14.26
N ALA A 33 -9.04 6.54 -13.45
CA ALA A 33 -7.60 6.74 -13.46
C ALA A 33 -6.97 6.19 -12.19
N THR A 34 -7.80 5.64 -11.31
CA THR A 34 -7.32 5.09 -10.05
C THR A 34 -8.06 3.80 -9.69
N ILE A 35 -7.56 3.09 -8.69
CA ILE A 35 -8.17 1.84 -8.25
C ILE A 35 -8.28 1.79 -6.73
N ARG A 36 -8.88 0.72 -6.23
CA ARG A 36 -9.06 0.54 -4.80
C ARG A 36 -8.40 -0.75 -4.32
N VAL A 37 -7.17 -0.64 -3.83
CA VAL A 37 -6.43 -1.79 -3.34
C VAL A 37 -6.85 -2.15 -1.93
N SER A 38 -7.69 -3.19 -1.81
CA SER A 38 -8.16 -3.63 -0.50
C SER A 38 -7.26 -4.71 0.07
N TRP A 39 -7.34 -4.90 1.38
CA TRP A 39 -6.52 -5.90 2.06
C TRP A 39 -7.01 -6.14 3.48
N ARG A 40 -6.32 -7.02 4.21
CA ARG A 40 -6.68 -7.33 5.58
C ARG A 40 -5.54 -7.01 6.54
N PRO A 41 -5.72 -5.95 7.35
CA PRO A 41 -4.72 -5.52 8.33
C PRO A 41 -4.55 -6.52 9.47
N PRO A 42 -3.30 -6.93 9.72
CA PRO A 42 -2.98 -7.88 10.79
C PRO A 42 -3.17 -7.28 12.17
N VAL A 43 -3.72 -8.06 13.09
CA VAL A 43 -3.95 -7.62 14.46
C VAL A 43 -2.77 -6.82 14.98
N LEU A 44 -3.06 -5.76 15.73
CA LEU A 44 -2.01 -4.91 16.30
C LEU A 44 -2.04 -4.94 17.82
N THR A 45 -0.87 -5.09 18.43
CA THR A 45 -0.77 -5.14 19.88
C THR A 45 -1.76 -4.18 20.53
N PRO A 46 -2.09 -4.44 21.81
CA PRO A 46 -3.03 -3.62 22.57
C PRO A 46 -2.44 -2.25 22.91
N THR A 47 -1.31 -1.92 22.28
CA THR A 47 -0.65 -0.64 22.53
C THR A 47 -0.40 0.10 21.21
N GLY A 48 -0.55 -0.61 20.10
CA GLY A 48 -0.34 0.00 18.80
C GLY A 48 1.04 -0.29 18.24
N LEU A 49 1.30 -1.56 17.97
CA LEU A 49 2.59 -1.99 17.43
C LEU A 49 2.48 -3.32 16.71
N SER A 50 2.94 -3.36 15.47
CA SER A 50 2.89 -4.58 14.66
C SER A 50 4.24 -5.28 14.64
N ASN A 51 4.38 -6.30 15.46
CA ASN A 51 5.63 -7.06 15.54
C ASN A 51 6.72 -6.25 16.23
N GLY A 52 6.30 -5.30 17.07
CA GLY A 52 7.25 -4.46 17.78
C GLY A 52 7.51 -3.16 17.07
N ALA A 53 7.00 -3.03 15.85
CA ALA A 53 7.18 -1.82 15.06
C ALA A 53 5.98 -0.89 15.20
N ASN A 54 6.21 0.40 14.99
CA ASN A 54 5.15 1.40 15.08
C ASN A 54 4.52 1.66 13.72
N VAL A 55 3.53 0.85 13.34
CA VAL A 55 2.85 0.99 12.07
C VAL A 55 2.03 2.27 12.03
N THR A 56 2.41 3.20 11.15
CA THR A 56 1.69 4.46 11.01
C THR A 56 0.86 4.49 9.74
N GLY A 57 0.87 3.38 9.00
CA GLY A 57 0.10 3.31 7.77
C GLY A 57 0.66 2.28 6.81
N TYR A 58 0.16 2.28 5.58
CA TYR A 58 0.61 1.33 4.57
C TYR A 58 1.18 2.07 3.36
N GLY A 59 1.75 1.31 2.43
CA GLY A 59 2.32 1.91 1.24
C GLY A 59 2.28 0.97 0.04
N VAL A 60 1.78 1.48 -1.09
CA VAL A 60 1.67 0.68 -2.30
C VAL A 60 2.89 0.88 -3.19
N TYR A 61 3.33 -0.20 -3.82
CA TYR A 61 4.49 -0.15 -4.71
C TYR A 61 4.20 -0.86 -6.03
N ALA A 62 4.76 -0.32 -7.11
CA ALA A 62 4.57 -0.91 -8.43
C ALA A 62 5.88 -1.01 -9.19
N LYS A 63 6.43 -2.23 -9.27
CA LYS A 63 7.69 -2.45 -9.97
C LYS A 63 8.86 -1.83 -9.20
N GLY A 64 8.70 -1.74 -7.88
CA GLY A 64 9.75 -1.17 -7.04
C GLY A 64 9.64 0.34 -6.93
N GLN A 65 8.45 0.87 -7.18
CA GLN A 65 8.21 2.30 -7.11
C GLN A 65 6.89 2.60 -6.40
N ARG A 66 6.99 3.32 -5.27
CA ARG A 66 5.80 3.67 -4.50
C ARG A 66 4.82 4.48 -5.35
N VAL A 67 3.57 4.04 -5.36
CA VAL A 67 2.53 4.72 -6.13
C VAL A 67 1.49 5.35 -5.20
N ALA A 68 1.32 4.76 -4.03
CA ALA A 68 0.35 5.27 -3.06
C ALA A 68 0.84 5.04 -1.63
N GLU A 69 0.16 5.67 -0.67
CA GLU A 69 0.54 5.53 0.73
C GLU A 69 -0.58 6.04 1.64
N VAL A 70 -1.05 5.18 2.53
CA VAL A 70 -2.12 5.53 3.46
C VAL A 70 -1.59 5.62 4.89
N ILE A 71 -1.75 6.80 5.50
CA ILE A 71 -1.30 7.01 6.87
C ILE A 71 -2.27 6.39 7.88
N PHE A 72 -2.69 5.16 7.60
CA PHE A 72 -3.61 4.45 8.47
C PHE A 72 -3.17 3.01 8.69
N PRO A 73 -2.77 2.70 9.92
CA PRO A 73 -2.31 1.35 10.28
C PRO A 73 -3.44 0.33 10.29
N THR A 74 -4.66 0.83 10.46
CA THR A 74 -5.84 -0.04 10.50
C THR A 74 -6.64 0.07 9.20
N ALA A 75 -5.97 0.48 8.14
CA ALA A 75 -6.62 0.62 6.84
C ALA A 75 -6.86 -0.74 6.20
N ASP A 76 -7.96 -0.85 5.47
CA ASP A 76 -8.31 -2.10 4.80
C ASP A 76 -8.40 -1.90 3.29
N SER A 77 -8.17 -0.68 2.84
CA SER A 77 -8.24 -0.35 1.42
C SER A 77 -7.76 1.08 1.17
N THR A 78 -7.06 1.26 0.06
CA THR A 78 -6.54 2.58 -0.30
C THR A 78 -6.64 2.82 -1.80
N ALA A 79 -6.52 4.08 -2.20
CA ALA A 79 -6.60 4.46 -3.62
C ALA A 79 -5.21 4.54 -4.24
N VAL A 80 -5.11 4.18 -5.51
CA VAL A 80 -3.84 4.22 -6.23
C VAL A 80 -4.03 4.71 -7.65
N GLU A 81 -3.07 5.49 -8.14
CA GLU A 81 -3.13 6.02 -9.50
C GLU A 81 -2.71 4.97 -10.52
N LEU A 82 -3.58 4.70 -11.47
CA LEU A 82 -3.31 3.71 -12.51
C LEU A 82 -2.19 4.19 -13.43
N VAL A 83 -2.14 5.51 -13.66
CA VAL A 83 -1.13 6.10 -14.52
C VAL A 83 0.27 5.67 -14.09
N ARG A 84 0.50 5.61 -12.78
CA ARG A 84 1.79 5.21 -12.24
C ARG A 84 2.14 3.79 -12.66
N LEU A 85 1.13 3.02 -13.02
CA LEU A 85 1.33 1.64 -13.45
C LEU A 85 1.62 1.56 -14.94
N ARG A 86 1.15 2.57 -15.67
CA ARG A 86 1.36 2.61 -17.12
C ARG A 86 2.82 2.88 -17.45
N SER A 87 3.38 3.92 -16.84
CA SER A 87 4.77 4.28 -17.08
C SER A 87 5.70 3.09 -16.83
N LEU A 88 5.39 2.32 -15.79
CA LEU A 88 6.20 1.14 -15.45
C LEU A 88 5.59 -0.12 -16.05
N GLU A 89 4.36 -0.01 -16.53
CA GLU A 89 3.66 -1.15 -17.13
C GLU A 89 3.48 -2.27 -16.11
N ALA A 90 3.32 -1.89 -14.85
CA ALA A 90 3.14 -2.87 -13.78
C ALA A 90 1.76 -3.52 -13.86
N LYS A 91 1.73 -4.83 -14.00
CA LYS A 91 0.48 -5.57 -14.08
C LYS A 91 0.03 -6.05 -12.70
N GLY A 92 0.53 -5.38 -11.65
CA GLY A 92 0.17 -5.74 -10.31
C GLY A 92 0.76 -4.80 -9.27
N VAL A 93 0.13 -4.74 -8.11
CA VAL A 93 0.60 -3.87 -7.03
C VAL A 93 0.71 -4.64 -5.72
N THR A 94 1.45 -4.06 -4.77
CA THR A 94 1.64 -4.68 -3.47
C THR A 94 1.42 -3.68 -2.33
N VAL A 95 1.26 -4.20 -1.12
CA VAL A 95 1.05 -3.34 0.05
C VAL A 95 2.09 -3.61 1.13
N ARG A 96 2.75 -2.56 1.57
CA ARG A 96 3.78 -2.69 2.60
C ARG A 96 3.37 -1.92 3.86
N THR A 97 3.47 -2.58 5.01
CA THR A 97 3.13 -1.96 6.28
C THR A 97 4.17 -0.93 6.69
N LEU A 98 3.81 0.35 6.57
CA LEU A 98 4.72 1.43 6.93
C LEU A 98 4.80 1.60 8.45
N SER A 99 6.00 1.84 8.95
CA SER A 99 6.21 2.02 10.38
C SER A 99 7.39 2.95 10.65
N ALA A 100 7.64 3.22 11.93
CA ALA A 100 8.74 4.10 12.32
C ALA A 100 10.09 3.40 12.15
N GLN A 101 10.06 2.07 12.10
CA GLN A 101 11.28 1.29 11.94
C GLN A 101 11.63 1.13 10.46
N GLY A 102 10.61 0.89 9.64
CA GLY A 102 10.82 0.72 8.21
C GLY A 102 9.71 -0.04 7.54
N GLU A 103 9.67 -0.02 6.22
CA GLU A 103 8.65 -0.71 5.46
C GLU A 103 8.85 -2.22 5.51
N SER A 104 7.77 -2.97 5.29
CA SER A 104 7.84 -4.43 5.32
C SER A 104 7.79 -5.00 3.91
N VAL A 105 7.90 -6.32 3.81
CA VAL A 105 7.87 -6.99 2.52
C VAL A 105 6.62 -6.62 1.72
N ASP A 106 6.66 -6.86 0.43
CA ASP A 106 5.52 -6.55 -0.44
C ASP A 106 4.47 -7.64 -0.37
N SER A 107 3.27 -7.28 0.07
CA SER A 107 2.17 -8.23 0.19
C SER A 107 1.92 -8.94 -1.13
N ALA A 108 0.99 -9.89 -1.13
CA ALA A 108 0.65 -10.64 -2.32
C ALA A 108 0.36 -9.72 -3.50
N VAL A 109 1.29 -9.64 -4.44
CA VAL A 109 1.14 -8.78 -5.61
C VAL A 109 -0.23 -9.01 -6.27
N ALA A 110 -1.13 -8.06 -6.07
CA ALA A 110 -2.47 -8.15 -6.65
C ALA A 110 -2.48 -7.65 -8.09
N ALA A 111 -2.44 -8.58 -9.03
CA ALA A 111 -2.44 -8.24 -10.44
C ALA A 111 -3.68 -7.43 -10.81
N VAL A 112 -3.48 -6.16 -11.14
CA VAL A 112 -4.58 -5.28 -11.51
C VAL A 112 -5.25 -5.73 -12.80
N PRO A 113 -6.58 -5.66 -12.84
CA PRO A 113 -7.37 -6.07 -14.01
C PRO A 113 -7.20 -5.11 -15.18
N PRO A 114 -7.21 -5.66 -16.40
CA PRO A 114 -7.06 -4.88 -17.63
C PRO A 114 -8.27 -3.99 -17.91
N GLU A 115 -9.40 -4.34 -17.30
CA GLU A 115 -10.63 -3.57 -17.48
C GLU A 115 -10.55 -2.23 -16.77
N LEU A 116 -9.80 -2.19 -15.66
CA LEU A 116 -9.65 -0.97 -14.89
C LEU A 116 -8.47 -0.14 -15.41
N LEU A 117 -7.43 -0.84 -15.87
CA LEU A 117 -6.24 -0.17 -16.39
C LEU A 117 -6.58 0.66 -17.61
N VAL A 118 -7.50 0.15 -18.43
CA VAL A 118 -7.92 0.86 -19.65
C VAL A 118 -9.03 1.85 -19.34
N PRO A 119 -8.81 3.12 -19.72
CA PRO A 119 -9.79 4.19 -19.49
C PRO A 119 -11.02 4.05 -20.38
N PRO A 120 -12.11 4.72 -19.98
CA PRO A 120 -13.37 4.69 -20.73
C PRO A 120 -13.28 5.41 -22.07
N THR A 121 -13.76 4.76 -23.12
CA THR A 121 -13.73 5.34 -24.46
C THR A 121 -14.87 4.81 -25.31
N PRO A 122 -15.48 5.70 -26.11
CA PRO A 122 -16.59 5.34 -27.01
C PRO A 122 -16.15 4.45 -28.16
N HIS A 123 -15.10 4.87 -28.86
CA HIS A 123 -14.57 4.11 -29.99
C HIS A 123 -13.07 4.26 -30.09
N PRO A 124 -12.39 3.19 -30.56
CA PRO A 124 -10.94 3.18 -30.71
C PRO A 124 -10.47 4.09 -31.84
N SER A 125 -9.29 4.68 -31.66
CA SER A 125 -8.72 5.58 -32.65
C SER A 125 -7.24 5.31 -32.85
N GLY A 126 -6.65 5.97 -33.84
CA GLY A 126 -5.23 5.79 -34.12
C GLY A 126 -4.93 5.75 -35.60
N PRO A 127 -4.55 6.91 -36.16
CA PRO A 127 -4.23 7.04 -37.58
C PRO A 127 -2.93 6.33 -37.95
N SER A 128 -2.58 6.35 -39.23
CA SER A 128 -1.36 5.71 -39.71
C SER A 128 -0.30 6.74 -40.07
N SER A 129 0.96 6.37 -39.93
CA SER A 129 2.08 7.26 -40.24
C SER A 129 3.40 6.54 -40.11
N GLY A 130 4.21 6.60 -41.17
CA GLY A 130 5.51 5.95 -41.15
C GLY A 130 5.40 4.45 -40.91
N GLY A 1 45.55 -17.24 14.50
CA GLY A 1 44.92 -17.90 15.63
C GLY A 1 43.52 -17.38 15.90
N SER A 2 42.83 -17.99 16.86
CA SER A 2 41.48 -17.60 17.21
C SER A 2 41.16 -17.95 18.65
N SER A 3 40.11 -17.34 19.18
CA SER A 3 39.70 -17.59 20.57
C SER A 3 38.26 -17.15 20.79
N GLY A 4 37.68 -17.59 21.91
CA GLY A 4 36.31 -17.24 22.22
C GLY A 4 36.21 -16.19 23.31
N SER A 5 35.00 -15.75 23.60
CA SER A 5 34.77 -14.74 24.63
C SER A 5 33.30 -14.65 25.00
N SER A 6 32.99 -13.79 25.97
CA SER A 6 31.62 -13.62 26.43
C SER A 6 31.38 -12.20 26.90
N GLY A 7 30.10 -11.84 27.08
CA GLY A 7 29.76 -10.51 27.53
C GLY A 7 28.32 -10.40 27.98
N VAL A 8 27.88 -9.19 28.27
CA VAL A 8 26.51 -8.95 28.71
C VAL A 8 25.96 -7.64 28.15
N GLU A 9 24.75 -7.71 27.59
CA GLU A 9 24.12 -6.53 27.01
C GLU A 9 22.75 -6.28 27.63
N PHE A 10 22.29 -5.04 27.58
CA PHE A 10 21.00 -4.68 28.14
C PHE A 10 19.86 -5.40 27.43
N SER A 11 18.75 -5.57 28.12
CA SER A 11 17.59 -6.25 27.56
C SER A 11 16.93 -5.40 26.48
N THR A 12 17.43 -5.53 25.25
CA THR A 12 16.89 -4.77 24.13
C THR A 12 16.48 -5.69 22.99
N LEU A 13 15.18 -5.77 22.74
CA LEU A 13 14.66 -6.62 21.66
C LEU A 13 14.44 -5.82 20.38
N PRO A 14 14.83 -6.40 19.24
CA PRO A 14 14.68 -5.76 17.94
C PRO A 14 13.22 -5.65 17.51
N ALA A 15 12.87 -4.49 16.95
CA ALA A 15 11.51 -4.26 16.49
C ALA A 15 11.42 -4.28 14.97
N GLY A 16 10.27 -4.67 14.44
CA GLY A 16 10.08 -4.73 13.00
C GLY A 16 10.91 -5.83 12.35
N PRO A 17 10.68 -6.05 11.06
CA PRO A 17 9.69 -5.30 10.28
C PRO A 17 8.25 -5.62 10.69
N PRO A 18 7.33 -4.68 10.42
CA PRO A 18 5.92 -4.83 10.75
C PRO A 18 5.23 -5.89 9.89
N ALA A 19 4.40 -6.71 10.53
CA ALA A 19 3.68 -7.77 9.82
C ALA A 19 2.94 -7.20 8.61
N PRO A 20 3.31 -7.67 7.41
CA PRO A 20 2.69 -7.23 6.16
C PRO A 20 1.26 -7.73 6.01
N PRO A 21 0.42 -6.95 5.31
CA PRO A 21 -0.99 -7.29 5.09
C PRO A 21 -1.14 -8.47 4.14
N GLN A 22 -2.37 -8.96 4.01
CA GLN A 22 -2.66 -10.09 3.13
C GLN A 22 -4.02 -9.93 2.46
N ASP A 23 -4.41 -10.91 1.66
CA ASP A 23 -5.68 -10.88 0.96
C ASP A 23 -5.81 -9.62 0.12
N VAL A 24 -4.70 -9.20 -0.48
CA VAL A 24 -4.68 -8.00 -1.31
C VAL A 24 -5.47 -8.22 -2.60
N THR A 25 -6.32 -7.25 -2.95
CA THR A 25 -7.14 -7.34 -4.15
C THR A 25 -7.43 -5.95 -4.71
N VAL A 26 -7.94 -5.91 -5.94
CA VAL A 26 -8.27 -4.65 -6.60
C VAL A 26 -9.72 -4.63 -7.05
N GLN A 27 -10.51 -3.75 -6.44
CA GLN A 27 -11.93 -3.63 -6.79
C GLN A 27 -12.14 -2.54 -7.84
N ALA A 28 -12.06 -1.28 -7.40
CA ALA A 28 -12.24 -0.15 -8.31
C ALA A 28 -12.00 1.17 -7.59
N GLY A 29 -11.28 2.07 -8.24
CA GLY A 29 -10.98 3.36 -7.65
C GLY A 29 -12.06 4.39 -7.93
N VAL A 30 -12.37 5.22 -6.93
CA VAL A 30 -13.38 6.25 -7.09
C VAL A 30 -13.38 6.83 -8.50
N THR A 31 -12.20 6.86 -9.12
CA THR A 31 -12.06 7.39 -10.46
C THR A 31 -11.64 6.29 -11.44
N PRO A 32 -11.92 6.51 -12.72
CA PRO A 32 -11.57 5.55 -13.79
C PRO A 32 -10.07 5.48 -14.03
N ALA A 33 -9.33 6.38 -13.39
CA ALA A 33 -7.88 6.42 -13.55
C ALA A 33 -7.19 5.90 -12.29
N THR A 34 -7.98 5.37 -11.36
CA THR A 34 -7.43 4.84 -10.11
C THR A 34 -8.11 3.53 -9.74
N ILE A 35 -7.58 2.87 -8.71
CA ILE A 35 -8.13 1.60 -8.26
C ILE A 35 -8.21 1.55 -6.74
N ARG A 36 -8.86 0.51 -6.21
CA ARG A 36 -9.01 0.34 -4.78
C ARG A 36 -8.34 -0.94 -4.31
N VAL A 37 -7.14 -0.81 -3.74
CA VAL A 37 -6.39 -1.96 -3.25
C VAL A 37 -6.84 -2.34 -1.84
N SER A 38 -7.70 -3.35 -1.75
CA SER A 38 -8.21 -3.82 -0.46
C SER A 38 -7.36 -4.97 0.06
N TRP A 39 -7.15 -4.99 1.38
CA TRP A 39 -6.37 -6.04 2.01
C TRP A 39 -6.85 -6.30 3.44
N ARG A 40 -6.15 -7.19 4.14
CA ARG A 40 -6.51 -7.53 5.51
C ARG A 40 -5.40 -7.14 6.48
N PRO A 41 -5.62 -6.06 7.24
CA PRO A 41 -4.64 -5.56 8.20
C PRO A 41 -4.49 -6.49 9.41
N PRO A 42 -3.24 -6.87 9.70
CA PRO A 42 -2.93 -7.76 10.82
C PRO A 42 -3.15 -7.10 12.17
N VAL A 43 -3.67 -7.86 13.13
CA VAL A 43 -3.93 -7.34 14.47
C VAL A 43 -2.74 -6.53 14.98
N LEU A 44 -3.03 -5.44 15.68
CA LEU A 44 -1.98 -4.58 16.23
C LEU A 44 -2.04 -4.56 17.75
N THR A 45 -0.88 -4.74 18.38
CA THR A 45 -0.79 -4.74 19.83
C THR A 45 -1.73 -3.71 20.44
N PRO A 46 -2.09 -3.92 21.72
CA PRO A 46 -2.99 -3.02 22.45
C PRO A 46 -2.34 -1.67 22.74
N THR A 47 -1.22 -1.40 22.08
CA THR A 47 -0.50 -0.14 22.28
C THR A 47 -0.22 0.54 20.94
N GLY A 48 -0.39 -0.20 19.86
CA GLY A 48 -0.14 0.35 18.54
C GLY A 48 1.14 -0.16 17.92
N LEU A 49 1.26 -1.47 17.78
CA LEU A 49 2.45 -2.08 17.20
C LEU A 49 2.14 -3.45 16.59
N SER A 50 2.58 -3.65 15.36
CA SER A 50 2.34 -4.92 14.67
C SER A 50 3.38 -5.96 15.07
N ASN A 51 4.61 -5.76 14.59
CA ASN A 51 5.70 -6.69 14.90
C ASN A 51 6.76 -6.00 15.76
N GLY A 52 6.34 -5.07 16.60
CA GLY A 52 7.26 -4.37 17.47
C GLY A 52 7.53 -2.95 16.98
N ALA A 53 7.19 -2.68 15.73
CA ALA A 53 7.39 -1.35 15.16
C ALA A 53 6.10 -0.54 15.18
N ASN A 54 6.24 0.78 15.14
CA ASN A 54 5.08 1.68 15.16
C ASN A 54 4.51 1.84 13.75
N VAL A 55 3.38 1.19 13.49
CA VAL A 55 2.73 1.29 12.19
C VAL A 55 1.86 2.54 12.09
N THR A 56 2.26 3.44 11.20
CA THR A 56 1.53 4.69 11.00
C THR A 56 0.65 4.61 9.74
N GLY A 57 0.90 3.61 8.91
CA GLY A 57 0.12 3.44 7.69
C GLY A 57 0.69 2.38 6.78
N TYR A 58 0.22 2.34 5.55
CA TYR A 58 0.69 1.37 4.57
C TYR A 58 1.21 2.05 3.32
N GLY A 59 1.77 1.27 2.41
CA GLY A 59 2.31 1.81 1.17
C GLY A 59 2.10 0.89 -0.01
N VAL A 60 1.69 1.46 -1.14
CA VAL A 60 1.45 0.67 -2.34
C VAL A 60 2.62 0.80 -3.32
N TYR A 61 3.03 -0.33 -3.89
CA TYR A 61 4.14 -0.36 -4.83
C TYR A 61 3.78 -1.15 -6.07
N ALA A 62 4.47 -0.87 -7.17
CA ALA A 62 4.23 -1.56 -8.43
C ALA A 62 5.50 -2.18 -8.97
N LYS A 63 6.43 -1.34 -9.41
CA LYS A 63 7.70 -1.81 -9.95
C LYS A 63 8.87 -1.20 -9.19
N GLY A 64 8.77 -1.19 -7.86
CA GLY A 64 9.83 -0.64 -7.05
C GLY A 64 9.68 0.86 -6.83
N GLN A 65 8.49 1.38 -7.13
CA GLN A 65 8.22 2.79 -6.97
C GLN A 65 6.90 3.02 -6.25
N ARG A 66 6.98 3.57 -5.04
CA ARG A 66 5.78 3.84 -4.24
C ARG A 66 4.73 4.60 -5.06
N VAL A 67 3.67 3.90 -5.45
CA VAL A 67 2.60 4.51 -6.23
C VAL A 67 1.59 5.20 -5.34
N ALA A 68 1.41 4.66 -4.13
CA ALA A 68 0.46 5.23 -3.18
C ALA A 68 0.91 4.96 -1.74
N GLU A 69 0.25 5.62 -0.80
CA GLU A 69 0.58 5.46 0.62
C GLU A 69 -0.54 6.00 1.50
N VAL A 70 -1.04 5.15 2.40
CA VAL A 70 -2.12 5.54 3.30
C VAL A 70 -1.61 5.64 4.74
N ILE A 71 -1.77 6.83 5.33
CA ILE A 71 -1.34 7.06 6.70
C ILE A 71 -2.31 6.46 7.70
N PHE A 72 -2.72 5.22 7.44
CA PHE A 72 -3.67 4.53 8.32
C PHE A 72 -3.20 3.10 8.59
N PRO A 73 -2.91 2.80 9.86
CA PRO A 73 -2.45 1.47 10.27
C PRO A 73 -3.56 0.42 10.19
N THR A 74 -4.80 0.86 10.37
CA THR A 74 -5.95 -0.03 10.31
C THR A 74 -6.70 0.12 8.99
N ALA A 75 -5.98 0.51 7.95
CA ALA A 75 -6.58 0.69 6.63
C ALA A 75 -6.68 -0.64 5.88
N ASP A 76 -7.85 -0.89 5.32
CA ASP A 76 -8.08 -2.13 4.58
C ASP A 76 -8.35 -1.83 3.11
N SER A 77 -8.06 -0.61 2.69
CA SER A 77 -8.28 -0.20 1.31
C SER A 77 -7.70 1.19 1.05
N THR A 78 -6.93 1.32 -0.01
CA THR A 78 -6.31 2.59 -0.36
C THR A 78 -6.37 2.83 -1.87
N ALA A 79 -6.57 4.08 -2.27
CA ALA A 79 -6.64 4.45 -3.67
C ALA A 79 -5.24 4.53 -4.29
N VAL A 80 -5.13 4.15 -5.54
CA VAL A 80 -3.86 4.17 -6.25
C VAL A 80 -4.03 4.65 -7.69
N GLU A 81 -3.09 5.45 -8.16
CA GLU A 81 -3.14 5.97 -9.52
C GLU A 81 -2.76 4.89 -10.54
N LEU A 82 -3.62 4.68 -11.52
CA LEU A 82 -3.36 3.68 -12.55
C LEU A 82 -2.26 4.13 -13.50
N VAL A 83 -2.19 5.44 -13.73
CA VAL A 83 -1.18 6.01 -14.62
C VAL A 83 0.22 5.59 -14.19
N ARG A 84 0.46 5.58 -12.89
CA ARG A 84 1.77 5.20 -12.35
C ARG A 84 2.14 3.79 -12.79
N LEU A 85 1.12 2.96 -13.02
CA LEU A 85 1.34 1.58 -13.43
C LEU A 85 1.64 1.50 -14.93
N ARG A 86 1.20 2.53 -15.67
CA ARG A 86 1.43 2.57 -17.11
C ARG A 86 2.90 2.87 -17.43
N SER A 87 3.40 3.99 -16.90
CA SER A 87 4.78 4.38 -17.13
C SER A 87 5.73 3.21 -16.86
N LEU A 88 5.44 2.45 -15.82
CA LEU A 88 6.26 1.30 -15.45
C LEU A 88 5.74 0.03 -16.10
N GLU A 89 4.50 0.06 -16.55
CA GLU A 89 3.88 -1.08 -17.19
C GLU A 89 3.71 -2.24 -16.20
N ALA A 90 3.37 -1.90 -14.96
CA ALA A 90 3.19 -2.90 -13.92
C ALA A 90 1.80 -3.53 -14.01
N LYS A 91 1.75 -4.85 -14.03
CA LYS A 91 0.50 -5.58 -14.11
C LYS A 91 0.06 -6.07 -12.74
N GLY A 92 0.56 -5.41 -11.69
CA GLY A 92 0.21 -5.80 -10.34
C GLY A 92 0.77 -4.85 -9.30
N VAL A 93 0.15 -4.82 -8.12
CA VAL A 93 0.59 -3.95 -7.04
C VAL A 93 0.75 -4.73 -5.74
N THR A 94 1.25 -4.04 -4.71
CA THR A 94 1.45 -4.66 -3.41
C THR A 94 1.20 -3.66 -2.28
N VAL A 95 1.24 -4.16 -1.04
CA VAL A 95 1.01 -3.31 0.12
C VAL A 95 2.04 -3.59 1.21
N ARG A 96 2.72 -2.54 1.67
CA ARG A 96 3.73 -2.66 2.71
C ARG A 96 3.34 -1.88 3.95
N THR A 97 3.46 -2.52 5.11
CA THR A 97 3.12 -1.88 6.37
C THR A 97 4.17 -0.86 6.78
N LEU A 98 3.85 0.42 6.59
CA LEU A 98 4.76 1.50 6.93
C LEU A 98 4.78 1.74 8.44
N SER A 99 5.97 2.01 8.97
CA SER A 99 6.12 2.25 10.40
C SER A 99 7.36 3.12 10.68
N ALA A 100 7.44 3.62 11.90
CA ALA A 100 8.57 4.47 12.29
C ALA A 100 9.88 3.68 12.28
N GLN A 101 9.79 2.38 12.53
CA GLN A 101 10.96 1.51 12.55
C GLN A 101 11.45 1.23 11.13
N GLY A 102 10.52 0.86 10.25
CA GLY A 102 10.87 0.57 8.87
C GLY A 102 9.75 -0.11 8.12
N GLU A 103 9.79 -0.04 6.79
CA GLU A 103 8.76 -0.64 5.96
C GLU A 103 8.90 -2.16 5.95
N SER A 104 7.85 -2.84 5.51
CA SER A 104 7.85 -4.30 5.46
C SER A 104 7.78 -4.79 4.02
N VAL A 105 7.95 -6.10 3.84
CA VAL A 105 7.91 -6.70 2.51
C VAL A 105 6.64 -6.31 1.77
N ASP A 106 6.57 -6.68 0.50
CA ASP A 106 5.40 -6.37 -0.32
C ASP A 106 4.37 -7.50 -0.25
N SER A 107 3.14 -7.15 0.12
CA SER A 107 2.08 -8.14 0.24
C SER A 107 1.89 -8.89 -1.08
N ALA A 108 0.97 -9.84 -1.08
CA ALA A 108 0.69 -10.64 -2.27
C ALA A 108 0.41 -9.74 -3.48
N VAL A 109 1.29 -9.78 -4.46
CA VAL A 109 1.15 -8.98 -5.67
C VAL A 109 -0.23 -9.18 -6.29
N ALA A 110 -1.11 -8.20 -6.12
CA ALA A 110 -2.45 -8.27 -6.67
C ALA A 110 -2.48 -7.78 -8.11
N ALA A 111 -2.46 -8.71 -9.05
CA ALA A 111 -2.49 -8.37 -10.47
C ALA A 111 -3.70 -7.51 -10.80
N VAL A 112 -3.45 -6.24 -11.14
CA VAL A 112 -4.52 -5.32 -11.49
C VAL A 112 -5.21 -5.74 -12.78
N PRO A 113 -6.55 -5.65 -12.78
CA PRO A 113 -7.37 -6.02 -13.95
C PRO A 113 -7.21 -5.03 -15.09
N PRO A 114 -7.27 -5.54 -16.33
CA PRO A 114 -7.14 -4.72 -17.54
C PRO A 114 -8.35 -3.81 -17.75
N GLU A 115 -9.49 -4.21 -17.21
CA GLU A 115 -10.72 -3.43 -17.34
C GLU A 115 -10.57 -2.07 -16.66
N LEU A 116 -9.88 -2.05 -15.52
CA LEU A 116 -9.67 -0.83 -14.76
C LEU A 116 -8.52 -0.01 -15.36
N LEU A 117 -7.52 -0.71 -15.87
CA LEU A 117 -6.36 -0.05 -16.48
C LEU A 117 -6.76 0.73 -17.72
N VAL A 118 -7.66 0.14 -18.51
CA VAL A 118 -8.13 0.79 -19.73
C VAL A 118 -9.24 1.78 -19.43
N PRO A 119 -9.13 2.99 -20.02
CA PRO A 119 -10.12 4.05 -19.83
C PRO A 119 -11.45 3.73 -20.50
N PRO A 120 -12.55 4.14 -19.87
CA PRO A 120 -13.90 3.91 -20.38
C PRO A 120 -14.19 4.74 -21.63
N THR A 121 -15.29 4.42 -22.32
CA THR A 121 -15.67 5.14 -23.52
C THR A 121 -16.82 6.11 -23.24
N PRO A 122 -16.76 7.29 -23.87
CA PRO A 122 -17.78 8.33 -23.69
C PRO A 122 -19.11 7.94 -24.35
N HIS A 123 -20.10 7.62 -23.51
CA HIS A 123 -21.42 7.23 -24.01
C HIS A 123 -22.28 8.47 -24.25
N PRO A 124 -22.95 8.50 -25.42
CA PRO A 124 -23.82 9.62 -25.80
C PRO A 124 -25.10 9.67 -24.96
N SER A 125 -25.77 10.81 -24.98
CA SER A 125 -27.00 10.99 -24.21
C SER A 125 -27.92 11.99 -24.89
N GLY A 126 -29.22 11.88 -24.62
CA GLY A 126 -30.19 12.78 -25.21
C GLY A 126 -30.98 12.13 -26.33
N PRO A 127 -31.71 12.95 -27.10
CA PRO A 127 -32.51 12.47 -28.23
C PRO A 127 -31.67 11.96 -29.38
N SER A 128 -31.68 10.65 -29.60
CA SER A 128 -30.92 10.04 -30.68
C SER A 128 -31.47 8.66 -31.04
N SER A 129 -31.45 8.34 -32.32
CA SER A 129 -31.95 7.06 -32.80
C SER A 129 -31.27 6.65 -34.10
N GLY A 130 -31.34 5.37 -34.42
CA GLY A 130 -30.72 4.87 -35.63
C GLY A 130 -31.44 5.35 -36.88
N GLY A 1 -0.21 25.71 19.82
CA GLY A 1 0.16 25.64 21.21
C GLY A 1 0.57 24.25 21.64
N SER A 2 1.86 24.06 21.88
CA SER A 2 2.39 22.77 22.29
C SER A 2 3.67 22.93 23.12
N SER A 3 4.01 21.90 23.88
CA SER A 3 5.20 21.93 24.72
C SER A 3 6.44 22.26 23.90
N GLY A 4 7.54 22.53 24.59
CA GLY A 4 8.79 22.84 23.90
C GLY A 4 9.10 21.87 22.79
N SER A 5 9.91 20.86 23.11
CA SER A 5 10.31 19.86 22.13
C SER A 5 10.63 18.53 22.81
N SER A 6 9.90 17.49 22.45
CA SER A 6 10.10 16.16 23.03
C SER A 6 10.65 15.20 21.99
N GLY A 7 11.11 14.03 22.45
CA GLY A 7 11.65 13.04 21.55
C GLY A 7 11.89 11.70 22.23
N VAL A 8 12.65 10.83 21.58
CA VAL A 8 12.94 9.51 22.12
C VAL A 8 14.44 9.22 22.07
N GLU A 9 15.06 9.15 23.24
CA GLU A 9 16.50 8.87 23.33
C GLU A 9 16.91 7.86 22.26
N PHE A 10 18.19 7.89 21.91
CA PHE A 10 18.72 6.98 20.90
C PHE A 10 19.08 5.63 21.53
N SER A 11 18.18 4.66 21.37
CA SER A 11 18.40 3.32 21.92
C SER A 11 18.25 2.26 20.84
N THR A 12 19.13 1.27 20.86
CA THR A 12 19.09 0.18 19.88
C THR A 12 18.20 -0.95 20.36
N LEU A 13 16.91 -0.83 20.08
CA LEU A 13 15.94 -1.86 20.48
C LEU A 13 15.37 -2.57 19.26
N PRO A 14 15.05 -3.86 19.41
CA PRO A 14 14.48 -4.68 18.34
C PRO A 14 13.06 -4.27 17.99
N ALA A 15 12.82 -3.99 16.72
CA ALA A 15 11.50 -3.59 16.26
C ALA A 15 11.34 -3.81 14.75
N GLY A 16 10.19 -4.32 14.34
CA GLY A 16 9.94 -4.58 12.94
C GLY A 16 10.82 -5.69 12.39
N PRO A 17 10.61 -6.02 11.11
CA PRO A 17 9.60 -5.36 10.27
C PRO A 17 8.17 -5.71 10.69
N PRO A 18 7.25 -4.76 10.49
CA PRO A 18 5.85 -4.94 10.84
C PRO A 18 5.14 -5.94 9.93
N ALA A 19 4.39 -6.86 10.53
CA ALA A 19 3.67 -7.88 9.78
C ALA A 19 2.91 -7.26 8.61
N PRO A 20 3.24 -7.69 7.39
CA PRO A 20 2.60 -7.19 6.17
C PRO A 20 1.14 -7.66 6.05
N PRO A 21 0.33 -6.86 5.34
CA PRO A 21 -1.09 -7.17 5.13
C PRO A 21 -1.30 -8.37 4.21
N GLN A 22 -2.53 -8.85 4.13
CA GLN A 22 -2.85 -9.99 3.28
C GLN A 22 -4.19 -9.78 2.58
N ASP A 23 -4.58 -10.76 1.76
CA ASP A 23 -5.83 -10.68 1.02
C ASP A 23 -5.89 -9.43 0.16
N VAL A 24 -4.76 -9.09 -0.45
CA VAL A 24 -4.67 -7.92 -1.30
C VAL A 24 -5.42 -8.13 -2.62
N THR A 25 -6.22 -7.14 -3.00
CA THR A 25 -7.00 -7.22 -4.23
C THR A 25 -7.26 -5.84 -4.81
N VAL A 26 -7.77 -5.80 -6.04
CA VAL A 26 -8.07 -4.54 -6.71
C VAL A 26 -9.50 -4.52 -7.23
N GLN A 27 -10.33 -3.68 -6.64
CA GLN A 27 -11.73 -3.56 -7.05
C GLN A 27 -11.89 -2.49 -8.12
N ALA A 28 -11.86 -1.23 -7.71
CA ALA A 28 -12.00 -0.12 -8.64
C ALA A 28 -11.83 1.22 -7.92
N GLY A 29 -11.11 2.13 -8.55
CA GLY A 29 -10.88 3.45 -7.96
C GLY A 29 -11.98 4.43 -8.31
N VAL A 30 -12.36 5.25 -7.33
CA VAL A 30 -13.41 6.24 -7.52
C VAL A 30 -13.39 6.78 -8.96
N THR A 31 -12.20 6.89 -9.53
CA THR A 31 -12.05 7.39 -10.88
C THR A 31 -11.49 6.32 -11.81
N PRO A 32 -11.72 6.48 -13.12
CA PRO A 32 -11.24 5.53 -14.13
C PRO A 32 -9.73 5.57 -14.29
N ALA A 33 -9.07 6.48 -13.56
CA ALA A 33 -7.63 6.62 -13.62
C ALA A 33 -6.98 6.09 -12.35
N THR A 34 -7.79 5.63 -11.42
CA THR A 34 -7.29 5.10 -10.15
C THR A 34 -7.97 3.78 -9.80
N ILE A 35 -7.36 3.03 -8.88
CA ILE A 35 -7.91 1.76 -8.46
C ILE A 35 -8.03 1.69 -6.94
N ARG A 36 -8.74 0.68 -6.45
CA ARG A 36 -8.94 0.51 -5.01
C ARG A 36 -8.25 -0.77 -4.52
N VAL A 37 -7.09 -0.60 -3.89
CA VAL A 37 -6.34 -1.74 -3.37
C VAL A 37 -6.81 -2.11 -1.97
N SER A 38 -7.59 -3.18 -1.87
CA SER A 38 -8.10 -3.64 -0.59
C SER A 38 -7.18 -4.69 0.02
N TRP A 39 -7.32 -4.91 1.32
CA TRP A 39 -6.50 -5.88 2.02
C TRP A 39 -6.99 -6.08 3.46
N ARG A 40 -6.35 -6.99 4.18
CA ARG A 40 -6.71 -7.27 5.57
C ARG A 40 -5.57 -6.92 6.51
N PRO A 41 -5.77 -5.86 7.32
CA PRO A 41 -4.77 -5.40 8.29
C PRO A 41 -4.59 -6.38 9.44
N PRO A 42 -3.33 -6.77 9.69
CA PRO A 42 -3.00 -7.71 10.77
C PRO A 42 -3.17 -7.09 12.15
N VAL A 43 -3.66 -7.89 13.09
CA VAL A 43 -3.88 -7.42 14.46
C VAL A 43 -2.66 -6.66 14.98
N LEU A 44 -2.91 -5.62 15.77
CA LEU A 44 -1.84 -4.81 16.34
C LEU A 44 -1.88 -4.85 17.86
N THR A 45 -0.72 -5.09 18.47
CA THR A 45 -0.61 -5.15 19.92
C THR A 45 -1.52 -4.11 20.58
N PRO A 46 -1.86 -4.35 21.86
CA PRO A 46 -2.73 -3.46 22.63
C PRO A 46 -2.04 -2.14 22.96
N THR A 47 -0.93 -1.88 22.30
CA THR A 47 -0.18 -0.65 22.52
C THR A 47 0.05 0.11 21.22
N GLY A 48 -0.16 -0.57 20.10
CA GLY A 48 0.02 0.05 18.81
C GLY A 48 1.28 -0.42 18.10
N LEU A 49 1.40 -1.73 17.91
CA LEU A 49 2.57 -2.31 17.26
C LEU A 49 2.22 -3.66 16.63
N SER A 50 2.64 -3.86 15.39
CA SER A 50 2.38 -5.11 14.68
C SER A 50 3.43 -6.15 15.04
N ASN A 51 4.67 -5.90 14.66
CA ASN A 51 5.76 -6.82 14.93
C ASN A 51 6.89 -6.12 15.68
N GLY A 52 6.52 -5.18 16.56
CA GLY A 52 7.51 -4.46 17.33
C GLY A 52 7.70 -3.03 16.84
N ALA A 53 7.24 -2.77 15.61
CA ALA A 53 7.37 -1.44 15.03
C ALA A 53 6.07 -0.65 15.18
N ASN A 54 6.14 0.65 14.94
CA ASN A 54 4.97 1.52 15.05
C ASN A 54 4.34 1.76 13.68
N VAL A 55 3.36 0.94 13.33
CA VAL A 55 2.68 1.07 12.06
C VAL A 55 1.90 2.38 11.97
N THR A 56 2.34 3.28 11.11
CA THR A 56 1.69 4.56 10.93
C THR A 56 0.92 4.61 9.62
N GLY A 57 0.82 3.47 8.94
CA GLY A 57 0.11 3.41 7.68
C GLY A 57 0.72 2.41 6.72
N TYR A 58 0.12 2.27 5.55
CA TYR A 58 0.59 1.34 4.54
C TYR A 58 1.14 2.08 3.32
N GLY A 59 1.76 1.34 2.41
CA GLY A 59 2.32 1.94 1.21
C GLY A 59 2.27 1.00 0.02
N VAL A 60 1.70 1.48 -1.08
CA VAL A 60 1.58 0.68 -2.29
C VAL A 60 2.79 0.91 -3.21
N TYR A 61 3.28 -0.17 -3.81
CA TYR A 61 4.42 -0.09 -4.71
C TYR A 61 4.12 -0.77 -6.04
N ALA A 62 4.79 -0.33 -7.09
CA ALA A 62 4.60 -0.90 -8.42
C ALA A 62 5.90 -0.87 -9.22
N LYS A 63 6.51 -2.05 -9.38
CA LYS A 63 7.76 -2.16 -10.12
C LYS A 63 8.90 -1.47 -9.38
N GLY A 64 8.86 -1.53 -8.06
CA GLY A 64 9.90 -0.90 -7.26
C GLY A 64 9.71 0.60 -7.13
N GLN A 65 8.46 1.05 -7.22
CA GLN A 65 8.16 2.47 -7.12
C GLN A 65 6.84 2.68 -6.40
N ARG A 66 6.89 3.41 -5.28
CA ARG A 66 5.69 3.69 -4.50
C ARG A 66 4.67 4.46 -5.33
N VAL A 67 3.44 3.95 -5.37
CA VAL A 67 2.37 4.58 -6.11
C VAL A 67 1.40 5.30 -5.19
N ALA A 68 1.20 4.74 -4.00
CA ALA A 68 0.29 5.34 -3.02
C ALA A 68 0.81 5.12 -1.60
N GLU A 69 0.08 5.67 -0.62
CA GLU A 69 0.47 5.53 0.78
C GLU A 69 -0.64 6.03 1.70
N VAL A 70 -1.13 5.14 2.55
CA VAL A 70 -2.19 5.48 3.49
C VAL A 70 -1.66 5.56 4.92
N ILE A 71 -1.80 6.73 5.54
CA ILE A 71 -1.34 6.92 6.91
C ILE A 71 -2.31 6.30 7.91
N PHE A 72 -2.75 5.08 7.62
CA PHE A 72 -3.68 4.39 8.50
C PHE A 72 -3.25 2.93 8.70
N PRO A 73 -2.88 2.60 9.95
CA PRO A 73 -2.44 1.24 10.31
C PRO A 73 -3.59 0.23 10.27
N THR A 74 -4.81 0.72 10.50
CA THR A 74 -5.98 -0.13 10.49
C THR A 74 -6.76 0.00 9.18
N ALA A 75 -6.05 0.40 8.13
CA ALA A 75 -6.68 0.57 6.82
C ALA A 75 -6.99 -0.79 6.19
N ASP A 76 -8.06 -0.82 5.40
CA ASP A 76 -8.46 -2.06 4.72
C ASP A 76 -8.53 -1.85 3.21
N SER A 77 -8.38 -0.60 2.78
CA SER A 77 -8.43 -0.28 1.36
C SER A 77 -7.89 1.12 1.11
N THR A 78 -7.13 1.27 0.02
CA THR A 78 -6.55 2.55 -0.33
C THR A 78 -6.59 2.78 -1.84
N ALA A 79 -6.69 4.04 -2.24
CA ALA A 79 -6.74 4.40 -3.66
C ALA A 79 -5.34 4.54 -4.23
N VAL A 80 -5.19 4.18 -5.51
CA VAL A 80 -3.90 4.27 -6.18
C VAL A 80 -4.07 4.72 -7.63
N GLU A 81 -3.13 5.55 -8.09
CA GLU A 81 -3.17 6.06 -9.46
C GLU A 81 -2.72 5.00 -10.45
N LEU A 82 -3.60 4.68 -11.40
CA LEU A 82 -3.29 3.68 -12.42
C LEU A 82 -2.18 4.16 -13.35
N VAL A 83 -2.16 5.47 -13.59
CA VAL A 83 -1.14 6.07 -14.46
C VAL A 83 0.26 5.64 -14.05
N ARG A 84 0.49 5.58 -12.73
CA ARG A 84 1.80 5.19 -12.21
C ARG A 84 2.14 3.76 -12.63
N LEU A 85 1.11 2.96 -12.90
CA LEU A 85 1.31 1.58 -13.30
C LEU A 85 1.58 1.48 -14.80
N ARG A 86 1.12 2.47 -15.55
CA ARG A 86 1.31 2.50 -16.98
C ARG A 86 2.77 2.77 -17.34
N SER A 87 3.31 3.87 -16.82
CA SER A 87 4.69 4.25 -17.07
C SER A 87 5.62 3.07 -16.80
N LEU A 88 5.33 2.31 -15.75
CA LEU A 88 6.14 1.16 -15.38
C LEU A 88 5.57 -0.12 -15.97
N GLU A 89 4.34 -0.05 -16.47
CA GLU A 89 3.68 -1.20 -17.06
C GLU A 89 3.54 -2.33 -16.05
N ALA A 90 3.25 -1.97 -14.81
CA ALA A 90 3.09 -2.96 -13.74
C ALA A 90 1.75 -3.64 -13.83
N LYS A 91 1.76 -4.96 -13.95
CA LYS A 91 0.53 -5.75 -14.04
C LYS A 91 0.07 -6.20 -12.66
N GLY A 92 0.46 -5.45 -11.63
CA GLY A 92 0.07 -5.79 -10.28
C GLY A 92 0.64 -4.82 -9.26
N VAL A 93 0.03 -4.79 -8.07
CA VAL A 93 0.47 -3.90 -7.01
C VAL A 93 0.66 -4.66 -5.70
N THR A 94 1.29 -4.01 -4.73
CA THR A 94 1.53 -4.63 -3.43
C THR A 94 1.29 -3.63 -2.30
N VAL A 95 1.31 -4.12 -1.07
CA VAL A 95 1.09 -3.28 0.10
C VAL A 95 2.12 -3.56 1.19
N ARG A 96 2.80 -2.52 1.66
CA ARG A 96 3.81 -2.66 2.69
C ARG A 96 3.41 -1.90 3.95
N THR A 97 3.53 -2.55 5.10
CA THR A 97 3.17 -1.94 6.37
C THR A 97 4.21 -0.89 6.78
N LEU A 98 3.86 0.38 6.59
CA LEU A 98 4.76 1.47 6.95
C LEU A 98 4.84 1.66 8.46
N SER A 99 6.03 1.98 8.95
CA SER A 99 6.24 2.18 10.38
C SER A 99 7.34 3.21 10.63
N ALA A 100 7.62 3.47 11.90
CA ALA A 100 8.64 4.43 12.28
C ALA A 100 10.04 3.83 12.16
N GLN A 101 10.11 2.50 12.29
CA GLN A 101 11.39 1.80 12.19
C GLN A 101 11.70 1.43 10.74
N GLY A 102 10.68 0.95 10.03
CA GLY A 102 10.86 0.56 8.64
C GLY A 102 9.69 -0.23 8.10
N GLU A 103 9.42 -0.08 6.81
CA GLU A 103 8.32 -0.79 6.18
C GLU A 103 8.59 -2.29 6.13
N SER A 104 7.63 -3.05 5.61
CA SER A 104 7.77 -4.49 5.52
C SER A 104 7.77 -4.94 4.06
N VAL A 105 7.87 -6.25 3.85
CA VAL A 105 7.90 -6.81 2.51
C VAL A 105 6.64 -6.43 1.74
N ASP A 106 6.59 -6.79 0.46
CA ASP A 106 5.45 -6.49 -0.39
C ASP A 106 4.39 -7.58 -0.29
N SER A 107 3.19 -7.20 0.13
CA SER A 107 2.09 -8.15 0.28
C SER A 107 1.82 -8.87 -1.03
N ALA A 108 0.87 -9.80 -1.01
CA ALA A 108 0.51 -10.57 -2.20
C ALA A 108 0.24 -9.64 -3.38
N VAL A 109 1.14 -9.66 -4.36
CA VAL A 109 1.00 -8.83 -5.55
C VAL A 109 -0.38 -9.01 -6.19
N ALA A 110 -1.24 -8.03 -6.00
CA ALA A 110 -2.59 -8.07 -6.56
C ALA A 110 -2.59 -7.65 -8.02
N ALA A 111 -2.58 -8.63 -8.92
CA ALA A 111 -2.58 -8.36 -10.34
C ALA A 111 -3.79 -7.52 -10.75
N VAL A 112 -3.53 -6.28 -11.17
CA VAL A 112 -4.60 -5.38 -11.58
C VAL A 112 -5.28 -5.88 -12.85
N PRO A 113 -6.62 -5.85 -12.84
CA PRO A 113 -7.43 -6.30 -13.98
C PRO A 113 -7.32 -5.35 -15.17
N PRO A 114 -7.38 -5.91 -16.38
CA PRO A 114 -7.29 -5.14 -17.62
C PRO A 114 -8.53 -4.29 -17.87
N GLU A 115 -9.63 -4.67 -17.24
CA GLU A 115 -10.89 -3.94 -17.38
C GLU A 115 -10.81 -2.59 -16.68
N LEU A 116 -9.99 -2.52 -15.64
CA LEU A 116 -9.82 -1.28 -14.88
C LEU A 116 -8.69 -0.44 -15.44
N LEU A 117 -7.66 -1.10 -15.95
CA LEU A 117 -6.51 -0.42 -16.53
C LEU A 117 -6.92 0.41 -17.75
N VAL A 118 -7.80 -0.17 -18.57
CA VAL A 118 -8.27 0.51 -19.77
C VAL A 118 -9.28 1.60 -19.42
N PRO A 119 -9.16 2.77 -20.08
CA PRO A 119 -10.06 3.90 -19.86
C PRO A 119 -11.46 3.64 -20.38
N PRO A 120 -12.45 4.34 -19.80
CA PRO A 120 -13.85 4.20 -20.19
C PRO A 120 -14.12 4.79 -21.58
N THR A 121 -15.20 4.34 -22.21
CA THR A 121 -15.58 4.80 -23.54
C THR A 121 -15.38 6.31 -23.65
N PRO A 122 -14.89 6.76 -24.82
CA PRO A 122 -14.64 8.18 -25.09
C PRO A 122 -15.93 8.98 -25.21
N HIS A 123 -15.81 10.30 -25.29
CA HIS A 123 -16.96 11.17 -25.41
C HIS A 123 -16.54 12.58 -25.82
N PRO A 124 -17.30 13.19 -26.73
CA PRO A 124 -17.03 14.54 -27.22
C PRO A 124 -17.28 15.61 -26.17
N SER A 125 -16.29 16.48 -25.96
CA SER A 125 -16.41 17.54 -24.97
C SER A 125 -15.34 18.61 -25.19
N GLY A 126 -15.78 19.85 -25.36
CA GLY A 126 -14.85 20.93 -25.58
C GLY A 126 -14.69 21.83 -24.36
N PRO A 127 -13.98 22.94 -24.52
CA PRO A 127 -13.75 23.90 -23.44
C PRO A 127 -15.02 24.65 -23.04
N SER A 128 -14.91 25.46 -21.99
CA SER A 128 -16.06 26.24 -21.51
C SER A 128 -15.63 27.62 -21.05
N SER A 129 -16.56 28.56 -21.02
CA SER A 129 -16.28 29.93 -20.60
C SER A 129 -16.07 30.00 -19.09
N GLY A 130 -17.07 29.54 -18.34
CA GLY A 130 -16.97 29.55 -16.89
C GLY A 130 -17.49 30.85 -16.30
N GLY A 1 35.72 7.52 42.14
CA GLY A 1 35.60 8.22 40.87
C GLY A 1 34.26 8.92 40.71
N SER A 2 33.62 8.71 39.56
CA SER A 2 32.33 9.35 39.29
C SER A 2 31.22 8.65 40.06
N SER A 3 30.16 9.40 40.37
CA SER A 3 29.02 8.86 41.11
C SER A 3 28.08 8.10 40.18
N GLY A 4 27.95 6.80 40.39
CA GLY A 4 27.08 5.99 39.57
C GLY A 4 25.62 6.14 39.95
N SER A 5 25.22 5.50 41.04
CA SER A 5 23.84 5.56 41.50
C SER A 5 22.87 5.29 40.36
N SER A 6 23.20 4.30 39.54
CA SER A 6 22.36 3.95 38.40
C SER A 6 20.98 3.48 38.87
N GLY A 7 20.04 3.43 37.94
CA GLY A 7 18.69 3.00 38.27
C GLY A 7 18.08 2.10 37.21
N VAL A 8 18.03 2.60 35.97
CA VAL A 8 17.47 1.83 34.86
C VAL A 8 18.34 1.97 33.62
N GLU A 9 18.48 0.87 32.88
CA GLU A 9 19.28 0.86 31.66
C GLU A 9 18.39 0.93 30.43
N PHE A 10 18.38 2.09 29.77
CA PHE A 10 17.58 2.29 28.58
C PHE A 10 18.19 1.57 27.38
N SER A 11 17.41 0.69 26.77
CA SER A 11 17.87 -0.06 25.61
C SER A 11 16.82 -0.08 24.51
N THR A 12 17.24 0.18 23.29
CA THR A 12 16.34 0.20 22.15
C THR A 12 15.99 -1.22 21.70
N LEU A 13 14.94 -1.78 22.28
CA LEU A 13 14.49 -3.13 21.95
C LEU A 13 14.32 -3.29 20.44
N PRO A 14 14.45 -4.52 19.96
CA PRO A 14 14.30 -4.84 18.53
C PRO A 14 12.87 -4.70 18.05
N ALA A 15 12.69 -4.00 16.94
CA ALA A 15 11.36 -3.79 16.37
C ALA A 15 11.37 -4.00 14.85
N GLY A 16 10.20 -4.33 14.31
CA GLY A 16 10.09 -4.56 12.87
C GLY A 16 10.94 -5.73 12.42
N PRO A 17 10.76 -6.13 11.15
CA PRO A 17 9.80 -5.49 10.25
C PRO A 17 8.35 -5.76 10.65
N PRO A 18 7.46 -4.80 10.33
CA PRO A 18 6.04 -4.91 10.65
C PRO A 18 5.34 -5.98 9.81
N ALA A 19 4.44 -6.73 10.44
CA ALA A 19 3.70 -7.77 9.74
C ALA A 19 2.98 -7.22 8.51
N PRO A 20 3.36 -7.73 7.33
CA PRO A 20 2.76 -7.31 6.06
C PRO A 20 1.30 -7.75 5.92
N PRO A 21 0.50 -6.93 5.23
CA PRO A 21 -0.92 -7.21 5.00
C PRO A 21 -1.13 -8.38 4.05
N GLN A 22 -2.38 -8.84 3.96
CA GLN A 22 -2.72 -9.96 3.09
C GLN A 22 -4.07 -9.74 2.42
N ASP A 23 -4.51 -10.73 1.66
CA ASP A 23 -5.79 -10.65 0.96
C ASP A 23 -5.87 -9.40 0.10
N VAL A 24 -4.73 -9.04 -0.50
CA VAL A 24 -4.66 -7.86 -1.36
C VAL A 24 -5.45 -8.06 -2.65
N THR A 25 -6.38 -7.16 -2.93
CA THR A 25 -7.20 -7.24 -4.13
C THR A 25 -7.53 -5.85 -4.66
N VAL A 26 -7.81 -5.77 -5.96
CA VAL A 26 -8.15 -4.50 -6.59
C VAL A 26 -9.62 -4.47 -7.01
N GLN A 27 -10.42 -3.68 -6.29
CA GLN A 27 -11.84 -3.57 -6.60
C GLN A 27 -12.09 -2.51 -7.66
N ALA A 28 -11.99 -1.25 -7.26
CA ALA A 28 -12.20 -0.14 -8.19
C ALA A 28 -11.95 1.20 -7.51
N GLY A 29 -11.23 2.09 -8.20
CA GLY A 29 -10.94 3.39 -7.65
C GLY A 29 -12.04 4.40 -7.91
N VAL A 30 -12.30 5.26 -6.92
CA VAL A 30 -13.33 6.27 -7.05
C VAL A 30 -13.32 6.90 -8.44
N THR A 31 -12.18 6.84 -9.10
CA THR A 31 -12.04 7.40 -10.44
C THR A 31 -11.60 6.33 -11.44
N PRO A 32 -11.91 6.58 -12.72
CA PRO A 32 -11.56 5.65 -13.81
C PRO A 32 -10.05 5.60 -14.05
N ALA A 33 -9.31 6.43 -13.34
CA ALA A 33 -7.86 6.47 -13.49
C ALA A 33 -7.16 5.95 -12.24
N THR A 34 -7.96 5.49 -11.27
CA THR A 34 -7.42 4.97 -10.02
C THR A 34 -8.08 3.65 -9.65
N ILE A 35 -7.51 2.97 -8.65
CA ILE A 35 -8.05 1.69 -8.20
C ILE A 35 -8.12 1.64 -6.68
N ARG A 36 -8.80 0.62 -6.16
CA ARG A 36 -8.94 0.45 -4.72
C ARG A 36 -8.31 -0.86 -4.26
N VAL A 37 -7.11 -0.77 -3.70
CA VAL A 37 -6.39 -1.94 -3.23
C VAL A 37 -6.83 -2.32 -1.82
N SER A 38 -7.69 -3.32 -1.72
CA SER A 38 -8.20 -3.79 -0.43
C SER A 38 -7.36 -4.93 0.11
N TRP A 39 -7.12 -4.93 1.42
CA TRP A 39 -6.32 -5.96 2.05
C TRP A 39 -6.81 -6.22 3.48
N ARG A 40 -6.10 -7.08 4.20
CA ARG A 40 -6.46 -7.41 5.57
C ARG A 40 -5.30 -7.09 6.53
N PRO A 41 -5.47 -6.00 7.29
CA PRO A 41 -4.46 -5.55 8.26
C PRO A 41 -4.34 -6.50 9.45
N PRO A 42 -3.10 -6.88 9.78
CA PRO A 42 -2.83 -7.78 10.90
C PRO A 42 -3.08 -7.13 12.25
N VAL A 43 -3.63 -7.90 13.19
CA VAL A 43 -3.93 -7.39 14.52
C VAL A 43 -2.73 -6.65 15.10
N LEU A 44 -2.99 -5.50 15.72
CA LEU A 44 -1.95 -4.69 16.32
C LEU A 44 -2.03 -4.73 17.85
N THR A 45 -0.89 -4.99 18.49
CA THR A 45 -0.84 -5.05 19.94
C THR A 45 -1.75 -3.99 20.57
N PRO A 46 -2.15 -4.23 21.83
CA PRO A 46 -3.02 -3.30 22.57
C PRO A 46 -2.32 -2.00 22.93
N THR A 47 -1.18 -1.74 22.27
CA THR A 47 -0.42 -0.53 22.51
C THR A 47 -0.15 0.22 21.22
N GLY A 48 -0.32 -0.46 20.09
CA GLY A 48 -0.09 0.16 18.80
C GLY A 48 1.18 -0.33 18.13
N LEU A 49 1.27 -1.65 17.94
CA LEU A 49 2.44 -2.25 17.32
C LEU A 49 2.10 -3.59 16.69
N SER A 50 2.58 -3.82 15.47
CA SER A 50 2.32 -5.07 14.77
C SER A 50 3.37 -6.11 15.11
N ASN A 51 4.59 -5.91 14.61
CA ASN A 51 5.69 -6.83 14.86
C ASN A 51 6.76 -6.19 15.73
N GLY A 52 6.37 -5.15 16.46
CA GLY A 52 7.31 -4.46 17.33
C GLY A 52 7.50 -3.00 16.93
N ALA A 53 7.12 -2.66 15.70
CA ALA A 53 7.25 -1.30 15.21
C ALA A 53 5.92 -0.56 15.31
N ASN A 54 5.97 0.76 15.12
CA ASN A 54 4.77 1.59 15.19
C ASN A 54 4.20 1.84 13.80
N VAL A 55 3.20 1.04 13.42
CA VAL A 55 2.57 1.18 12.11
C VAL A 55 1.80 2.49 12.01
N THR A 56 2.27 3.38 11.14
CA THR A 56 1.63 4.67 10.95
C THR A 56 0.91 4.74 9.60
N GLY A 57 0.85 3.61 8.91
CA GLY A 57 0.20 3.56 7.62
C GLY A 57 0.79 2.50 6.71
N TYR A 58 0.24 2.39 5.50
CA TYR A 58 0.73 1.41 4.53
C TYR A 58 1.26 2.11 3.28
N GLY A 59 1.80 1.31 2.36
CA GLY A 59 2.33 1.87 1.13
C GLY A 59 2.18 0.92 -0.04
N VAL A 60 1.67 1.45 -1.16
CA VAL A 60 1.47 0.64 -2.36
C VAL A 60 2.64 0.79 -3.32
N TYR A 61 3.01 -0.30 -3.98
CA TYR A 61 4.11 -0.28 -4.94
C TYR A 61 3.77 -1.12 -6.17
N ALA A 62 4.35 -0.73 -7.31
CA ALA A 62 4.10 -1.44 -8.56
C ALA A 62 5.37 -2.13 -9.04
N LYS A 63 6.34 -1.35 -9.51
CA LYS A 63 7.60 -1.89 -10.01
C LYS A 63 8.77 -1.36 -9.20
N GLY A 64 8.64 -1.40 -7.87
CA GLY A 64 9.70 -0.92 -7.00
C GLY A 64 9.63 0.58 -6.78
N GLN A 65 8.51 1.19 -7.16
CA GLN A 65 8.32 2.62 -7.00
C GLN A 65 6.99 2.91 -6.30
N ARG A 66 7.08 3.45 -5.08
CA ARG A 66 5.88 3.78 -4.31
C ARG A 66 4.88 4.53 -5.17
N VAL A 67 3.70 3.92 -5.36
CA VAL A 67 2.65 4.54 -6.15
C VAL A 67 1.61 5.20 -5.26
N ALA A 68 1.43 4.66 -4.06
CA ALA A 68 0.47 5.20 -3.12
C ALA A 68 0.91 4.96 -1.68
N GLU A 69 0.27 5.67 -0.74
CA GLU A 69 0.61 5.52 0.67
C GLU A 69 -0.53 6.05 1.54
N VAL A 70 -1.02 5.19 2.44
CA VAL A 70 -2.10 5.56 3.35
C VAL A 70 -1.61 5.67 4.78
N ILE A 71 -1.80 6.86 5.37
CA ILE A 71 -1.37 7.10 6.75
C ILE A 71 -2.36 6.49 7.74
N PHE A 72 -2.78 5.26 7.47
CA PHE A 72 -3.71 4.57 8.34
C PHE A 72 -3.28 3.12 8.58
N PRO A 73 -2.93 2.82 9.84
CA PRO A 73 -2.49 1.48 10.21
C PRO A 73 -3.62 0.46 10.18
N THR A 74 -4.85 0.93 10.33
CA THR A 74 -6.02 0.07 10.31
C THR A 74 -6.77 0.18 8.98
N ALA A 75 -6.06 0.61 7.95
CA ALA A 75 -6.66 0.77 6.63
C ALA A 75 -6.78 -0.58 5.92
N ASP A 76 -7.93 -0.83 5.32
CA ASP A 76 -8.17 -2.07 4.60
C ASP A 76 -8.38 -1.81 3.11
N SER A 77 -8.15 -0.58 2.69
CA SER A 77 -8.32 -0.20 1.29
C SER A 77 -7.77 1.20 1.03
N THR A 78 -6.99 1.34 -0.03
CA THR A 78 -6.41 2.63 -0.39
C THR A 78 -6.49 2.87 -1.88
N ALA A 79 -6.52 4.15 -2.27
CA ALA A 79 -6.60 4.51 -3.68
C ALA A 79 -5.21 4.62 -4.30
N VAL A 80 -5.08 4.18 -5.54
CA VAL A 80 -3.80 4.23 -6.24
C VAL A 80 -3.97 4.69 -7.68
N GLU A 81 -3.04 5.50 -8.16
CA GLU A 81 -3.08 6.01 -9.53
C GLU A 81 -2.71 4.93 -10.54
N LEU A 82 -3.56 4.72 -11.52
CA LEU A 82 -3.32 3.72 -12.55
C LEU A 82 -2.22 4.17 -13.52
N VAL A 83 -2.15 5.48 -13.74
CA VAL A 83 -1.15 6.05 -14.64
C VAL A 83 0.26 5.63 -14.23
N ARG A 84 0.49 5.58 -12.92
CA ARG A 84 1.80 5.20 -12.39
C ARG A 84 2.16 3.78 -12.84
N LEU A 85 1.15 2.96 -13.08
CA LEU A 85 1.37 1.58 -13.51
C LEU A 85 1.61 1.52 -15.01
N ARG A 86 1.16 2.54 -15.73
CA ARG A 86 1.33 2.60 -17.17
C ARG A 86 2.79 2.85 -17.55
N SER A 87 3.35 3.94 -17.02
CA SER A 87 4.74 4.29 -17.29
C SER A 87 5.67 3.11 -17.01
N LEU A 88 5.39 2.40 -15.93
CA LEU A 88 6.19 1.25 -15.55
C LEU A 88 5.65 -0.04 -16.17
N GLU A 89 4.41 0.03 -16.65
CA GLU A 89 3.78 -1.12 -17.29
C GLU A 89 3.62 -2.26 -16.28
N ALA A 90 3.34 -1.91 -15.03
CA ALA A 90 3.16 -2.91 -13.98
C ALA A 90 1.78 -3.54 -14.06
N LYS A 91 1.74 -4.88 -14.05
CA LYS A 91 0.49 -5.61 -14.12
C LYS A 91 0.06 -6.10 -12.74
N GLY A 92 0.61 -5.49 -11.70
CA GLY A 92 0.28 -5.88 -10.34
C GLY A 92 0.86 -4.93 -9.31
N VAL A 93 0.24 -4.87 -8.14
CA VAL A 93 0.70 -4.01 -7.07
C VAL A 93 0.80 -4.77 -5.74
N THR A 94 1.31 -4.10 -4.71
CA THR A 94 1.46 -4.72 -3.40
C THR A 94 1.22 -3.70 -2.29
N VAL A 95 1.24 -4.17 -1.05
CA VAL A 95 1.03 -3.30 0.10
C VAL A 95 2.06 -3.57 1.19
N ARG A 96 2.76 -2.51 1.61
CA ARG A 96 3.77 -2.63 2.65
C ARG A 96 3.35 -1.88 3.91
N THR A 97 3.62 -2.49 5.06
CA THR A 97 3.25 -1.88 6.35
C THR A 97 4.29 -0.84 6.76
N LEU A 98 3.90 0.43 6.71
CA LEU A 98 4.78 1.52 7.08
C LEU A 98 4.80 1.72 8.59
N SER A 99 5.99 1.97 9.14
CA SER A 99 6.14 2.18 10.57
C SER A 99 7.34 3.06 10.87
N ALA A 100 7.47 3.49 12.12
CA ALA A 100 8.58 4.34 12.54
C ALA A 100 9.91 3.65 12.31
N GLN A 101 9.90 2.33 12.33
CA GLN A 101 11.12 1.55 12.13
C GLN A 101 11.44 1.42 10.65
N GLY A 102 10.41 1.20 9.83
CA GLY A 102 10.60 1.06 8.40
C GLY A 102 9.43 0.40 7.73
N GLU A 103 9.68 -0.22 6.57
CA GLU A 103 8.63 -0.89 5.81
C GLU A 103 8.81 -2.40 5.87
N SER A 104 7.80 -3.13 5.40
CA SER A 104 7.85 -4.59 5.40
C SER A 104 7.71 -5.14 3.98
N VAL A 105 8.02 -6.42 3.82
CA VAL A 105 7.94 -7.07 2.51
C VAL A 105 6.63 -6.69 1.80
N ASP A 106 6.62 -6.88 0.49
CA ASP A 106 5.44 -6.57 -0.32
C ASP A 106 4.41 -7.69 -0.23
N SER A 107 3.17 -7.33 0.08
CA SER A 107 2.09 -8.30 0.19
C SER A 107 1.89 -9.05 -1.12
N ALA A 108 0.94 -9.97 -1.13
CA ALA A 108 0.64 -10.74 -2.33
C ALA A 108 0.36 -9.83 -3.53
N VAL A 109 1.28 -9.83 -4.48
CA VAL A 109 1.13 -9.00 -5.68
C VAL A 109 -0.23 -9.19 -6.32
N ALA A 110 -1.11 -8.22 -6.14
CA ALA A 110 -2.45 -8.28 -6.70
C ALA A 110 -2.46 -7.78 -8.15
N ALA A 111 -2.41 -8.71 -9.09
CA ALA A 111 -2.43 -8.37 -10.51
C ALA A 111 -3.65 -7.53 -10.86
N VAL A 112 -3.43 -6.26 -11.16
CA VAL A 112 -4.52 -5.35 -11.52
C VAL A 112 -5.20 -5.79 -12.81
N PRO A 113 -6.54 -5.73 -12.82
CA PRO A 113 -7.34 -6.12 -13.99
C PRO A 113 -7.18 -5.14 -15.15
N PRO A 114 -7.22 -5.67 -16.38
CA PRO A 114 -7.08 -4.86 -17.59
C PRO A 114 -8.30 -3.97 -17.83
N GLU A 115 -9.44 -4.37 -17.28
CA GLU A 115 -10.68 -3.61 -17.43
C GLU A 115 -10.57 -2.26 -16.73
N LEU A 116 -9.90 -2.24 -15.58
CA LEU A 116 -9.73 -1.02 -14.81
C LEU A 116 -8.57 -0.19 -15.34
N LEU A 117 -7.59 -0.87 -15.91
CA LEU A 117 -6.42 -0.20 -16.48
C LEU A 117 -6.79 0.60 -17.71
N VAL A 118 -7.70 0.06 -18.51
CA VAL A 118 -8.15 0.74 -19.73
C VAL A 118 -9.27 1.73 -19.42
N PRO A 119 -9.20 2.91 -20.04
CA PRO A 119 -10.19 3.97 -19.86
C PRO A 119 -11.54 3.62 -20.49
N PRO A 120 -12.57 4.41 -20.19
CA PRO A 120 -13.92 4.20 -20.71
C PRO A 120 -14.01 4.50 -22.20
N THR A 121 -15.10 4.04 -22.83
CA THR A 121 -15.30 4.27 -24.25
C THR A 121 -16.75 4.63 -24.55
N PRO A 122 -16.94 5.57 -25.51
CA PRO A 122 -18.28 6.02 -25.91
C PRO A 122 -19.06 4.95 -26.65
N HIS A 123 -20.38 5.10 -26.67
CA HIS A 123 -21.25 4.15 -27.35
C HIS A 123 -21.07 4.23 -28.86
N PRO A 124 -20.66 3.10 -29.48
CA PRO A 124 -20.44 3.03 -30.92
C PRO A 124 -21.74 3.10 -31.71
N SER A 125 -21.69 3.70 -32.89
CA SER A 125 -22.86 3.84 -33.74
C SER A 125 -22.46 3.93 -35.21
N GLY A 126 -23.38 3.57 -36.09
CA GLY A 126 -23.11 3.61 -37.52
C GLY A 126 -23.84 2.54 -38.29
N PRO A 127 -23.15 1.41 -38.53
CA PRO A 127 -23.73 0.28 -39.27
C PRO A 127 -24.81 -0.44 -38.47
N SER A 128 -26.05 -0.26 -38.88
CA SER A 128 -27.18 -0.88 -38.21
C SER A 128 -27.43 -2.30 -38.75
N SER A 129 -27.30 -3.29 -37.87
CA SER A 129 -27.51 -4.68 -38.25
C SER A 129 -28.99 -5.04 -38.24
N GLY A 130 -29.41 -5.83 -39.22
CA GLY A 130 -30.80 -6.23 -39.32
C GLY A 130 -31.12 -6.93 -40.62
N GLY A 1 22.79 23.11 12.46
CA GLY A 1 23.85 22.12 12.40
C GLY A 1 23.82 21.16 13.56
N SER A 2 24.59 20.08 13.45
CA SER A 2 24.65 19.08 14.50
C SER A 2 25.71 19.44 15.54
N SER A 3 25.41 19.14 16.80
CA SER A 3 26.33 19.43 17.90
C SER A 3 26.55 18.21 18.77
N GLY A 4 27.66 18.18 19.49
CA GLY A 4 27.97 17.05 20.36
C GLY A 4 26.87 16.79 21.37
N SER A 5 26.29 15.60 21.32
CA SER A 5 25.22 15.22 22.23
C SER A 5 25.14 13.70 22.38
N SER A 6 24.37 13.25 23.37
CA SER A 6 24.21 11.83 23.62
C SER A 6 23.78 11.10 22.35
N GLY A 7 24.04 9.78 22.32
CA GLY A 7 23.67 8.99 21.15
C GLY A 7 22.64 7.93 21.49
N VAL A 8 22.73 6.79 20.81
CA VAL A 8 21.80 5.69 21.04
C VAL A 8 22.54 4.41 21.41
N GLU A 9 22.25 3.89 22.60
CA GLU A 9 22.90 2.67 23.08
C GLU A 9 22.36 1.45 22.34
N PHE A 10 22.95 0.29 22.61
CA PHE A 10 22.54 -0.95 21.97
C PHE A 10 21.78 -1.83 22.94
N SER A 11 20.77 -1.25 23.60
CA SER A 11 19.97 -1.98 24.57
C SER A 11 18.56 -2.23 24.02
N THR A 12 17.98 -1.21 23.41
CA THR A 12 16.64 -1.31 22.86
C THR A 12 16.54 -2.49 21.89
N LEU A 13 15.74 -3.48 22.26
CA LEU A 13 15.55 -4.66 21.42
C LEU A 13 15.14 -4.27 20.01
N PRO A 14 15.47 -5.14 19.03
CA PRO A 14 15.14 -4.90 17.62
C PRO A 14 13.64 -5.01 17.35
N ALA A 15 13.12 -4.09 16.55
CA ALA A 15 11.71 -4.08 16.21
C ALA A 15 11.50 -4.21 14.70
N GLY A 16 10.35 -4.72 14.31
CA GLY A 16 10.05 -4.90 12.90
C GLY A 16 10.86 -6.02 12.27
N PRO A 17 10.60 -6.27 10.97
CA PRO A 17 9.61 -5.52 10.20
C PRO A 17 8.19 -5.83 10.63
N PRO A 18 7.29 -4.87 10.39
CA PRO A 18 5.87 -5.00 10.75
C PRO A 18 5.15 -6.03 9.88
N ALA A 19 4.38 -6.91 10.52
CA ALA A 19 3.64 -7.94 9.80
C ALA A 19 2.91 -7.35 8.61
N PRO A 20 3.25 -7.84 7.41
CA PRO A 20 2.63 -7.38 6.16
C PRO A 20 1.18 -7.82 6.03
N PRO A 21 0.36 -7.01 5.35
CA PRO A 21 -1.06 -7.30 5.14
C PRO A 21 -1.28 -8.47 4.18
N GLN A 22 -2.52 -8.92 4.07
CA GLN A 22 -2.86 -10.03 3.19
C GLN A 22 -4.23 -9.82 2.54
N ASP A 23 -4.63 -10.76 1.72
CA ASP A 23 -5.92 -10.69 1.03
C ASP A 23 -5.99 -9.45 0.13
N VAL A 24 -4.83 -9.08 -0.43
CA VAL A 24 -4.76 -7.92 -1.31
C VAL A 24 -5.56 -8.14 -2.59
N THR A 25 -6.44 -7.21 -2.91
CA THR A 25 -7.27 -7.31 -4.10
C THR A 25 -7.58 -5.93 -4.67
N VAL A 26 -7.93 -5.88 -5.95
CA VAL A 26 -8.25 -4.61 -6.61
C VAL A 26 -9.72 -4.59 -7.04
N GLN A 27 -10.49 -3.71 -6.40
CA GLN A 27 -11.91 -3.58 -6.72
C GLN A 27 -12.13 -2.51 -7.79
N ALA A 28 -12.03 -1.25 -7.37
CA ALA A 28 -12.22 -0.13 -8.29
C ALA A 28 -11.95 1.20 -7.60
N GLY A 29 -11.20 2.07 -8.27
CA GLY A 29 -10.88 3.37 -7.70
C GLY A 29 -11.97 4.39 -7.95
N VAL A 30 -12.17 5.28 -6.99
CA VAL A 30 -13.19 6.33 -7.11
C VAL A 30 -13.23 6.89 -8.53
N THR A 31 -12.07 6.89 -9.19
CA THR A 31 -11.99 7.41 -10.55
C THR A 31 -11.52 6.32 -11.52
N PRO A 32 -11.84 6.51 -12.81
CA PRO A 32 -11.47 5.56 -13.87
C PRO A 32 -9.97 5.54 -14.13
N ALA A 33 -9.23 6.40 -13.43
CA ALA A 33 -7.79 6.48 -13.58
C ALA A 33 -7.07 5.93 -12.36
N THR A 34 -7.84 5.41 -11.41
CA THR A 34 -7.29 4.85 -10.18
C THR A 34 -7.97 3.54 -9.81
N ILE A 35 -7.48 2.90 -8.75
CA ILE A 35 -8.05 1.64 -8.29
C ILE A 35 -8.16 1.61 -6.78
N ARG A 36 -8.76 0.55 -6.25
CA ARG A 36 -8.93 0.39 -4.81
C ARG A 36 -8.31 -0.91 -4.33
N VAL A 37 -7.10 -0.82 -3.78
CA VAL A 37 -6.39 -1.99 -3.27
C VAL A 37 -6.85 -2.34 -1.86
N SER A 38 -7.73 -3.33 -1.76
CA SER A 38 -8.24 -3.75 -0.46
C SER A 38 -7.42 -4.91 0.10
N TRP A 39 -7.21 -4.89 1.41
CA TRP A 39 -6.43 -5.93 2.07
C TRP A 39 -6.92 -6.16 3.49
N ARG A 40 -6.22 -7.02 4.23
CA ARG A 40 -6.59 -7.31 5.61
C ARG A 40 -5.43 -6.99 6.56
N PRO A 41 -5.57 -5.89 7.31
CA PRO A 41 -4.56 -5.46 8.27
C PRO A 41 -4.45 -6.38 9.47
N PRO A 42 -3.22 -6.80 9.79
CA PRO A 42 -2.95 -7.70 10.92
C PRO A 42 -3.17 -7.01 12.27
N VAL A 43 -3.68 -7.77 13.24
CA VAL A 43 -3.95 -7.24 14.57
C VAL A 43 -2.73 -6.51 15.12
N LEU A 44 -2.96 -5.40 15.80
CA LEU A 44 -1.88 -4.61 16.39
C LEU A 44 -1.95 -4.63 17.91
N THR A 45 -0.80 -4.86 18.54
CA THR A 45 -0.72 -4.90 20.00
C THR A 45 -1.65 -3.86 20.62
N PRO A 46 -2.02 -4.10 21.90
CA PRO A 46 -2.90 -3.19 22.63
C PRO A 46 -2.22 -1.86 22.98
N THR A 47 -1.10 -1.60 22.30
CA THR A 47 -0.36 -0.36 22.53
C THR A 47 -0.09 0.37 21.22
N GLY A 48 -0.18 -0.36 20.11
CA GLY A 48 0.06 0.23 18.81
C GLY A 48 1.32 -0.28 18.15
N LEU A 49 1.41 -1.60 18.01
CA LEU A 49 2.58 -2.24 17.39
C LEU A 49 2.22 -3.59 16.80
N SER A 50 2.59 -3.81 15.55
CA SER A 50 2.31 -5.07 14.88
C SER A 50 3.35 -6.13 15.22
N ASN A 51 4.56 -5.94 14.71
CA ASN A 51 5.65 -6.88 14.97
C ASN A 51 6.77 -6.21 15.77
N GLY A 52 6.39 -5.20 16.56
CA GLY A 52 7.37 -4.50 17.36
C GLY A 52 7.59 -3.07 16.89
N ALA A 53 7.21 -2.80 15.65
CA ALA A 53 7.36 -1.47 15.08
C ALA A 53 6.08 -0.65 15.21
N ASN A 54 6.20 0.66 15.09
CA ASN A 54 5.05 1.55 15.20
C ASN A 54 4.44 1.82 13.82
N VAL A 55 3.42 1.04 13.47
CA VAL A 55 2.75 1.20 12.18
C VAL A 55 1.94 2.49 12.14
N THR A 56 2.22 3.33 11.15
CA THR A 56 1.52 4.60 11.00
C THR A 56 0.76 4.65 9.68
N GLY A 57 0.77 3.54 8.94
CA GLY A 57 0.09 3.48 7.67
C GLY A 57 0.65 2.41 6.75
N TYR A 58 0.15 2.38 5.52
CA TYR A 58 0.61 1.39 4.55
C TYR A 58 1.16 2.08 3.31
N GLY A 59 1.73 1.28 2.39
CA GLY A 59 2.29 1.83 1.18
C GLY A 59 2.06 0.92 -0.02
N VAL A 60 1.63 1.50 -1.13
CA VAL A 60 1.38 0.73 -2.34
C VAL A 60 2.54 0.87 -3.33
N TYR A 61 3.00 -0.27 -3.84
CA TYR A 61 4.11 -0.28 -4.79
C TYR A 61 3.76 -1.11 -6.02
N ALA A 62 4.35 -0.74 -7.16
CA ALA A 62 4.11 -1.45 -8.41
C ALA A 62 5.38 -2.11 -8.92
N LYS A 63 6.35 -1.28 -9.32
CA LYS A 63 7.62 -1.80 -9.83
C LYS A 63 8.79 -1.21 -9.05
N GLY A 64 8.66 -1.19 -7.73
CA GLY A 64 9.72 -0.66 -6.88
C GLY A 64 9.61 0.84 -6.70
N GLN A 65 8.46 1.40 -7.06
CA GLN A 65 8.24 2.84 -6.94
C GLN A 65 6.93 3.12 -6.20
N ARG A 66 7.06 3.69 -5.00
CA ARG A 66 5.89 4.01 -4.18
C ARG A 66 4.86 4.79 -5.00
N VAL A 67 3.75 4.15 -5.33
CA VAL A 67 2.69 4.79 -6.10
C VAL A 67 1.69 5.48 -5.18
N ALA A 68 1.39 4.85 -4.06
CA ALA A 68 0.45 5.41 -3.10
C ALA A 68 0.87 5.09 -1.66
N GLU A 69 0.27 5.78 -0.71
CA GLU A 69 0.57 5.58 0.70
C GLU A 69 -0.54 6.10 1.59
N VAL A 70 -1.09 5.22 2.43
CA VAL A 70 -2.17 5.60 3.34
C VAL A 70 -1.67 5.69 4.77
N ILE A 71 -1.85 6.86 5.38
CA ILE A 71 -1.42 7.08 6.76
C ILE A 71 -2.40 6.46 7.74
N PHE A 72 -2.82 5.23 7.47
CA PHE A 72 -3.76 4.52 8.34
C PHE A 72 -3.28 3.10 8.60
N PRO A 73 -2.97 2.80 9.87
CA PRO A 73 -2.50 1.47 10.29
C PRO A 73 -3.60 0.43 10.20
N THR A 74 -4.85 0.85 10.38
CA THR A 74 -5.99 -0.05 10.33
C THR A 74 -6.75 0.10 9.01
N ALA A 75 -6.03 0.48 7.96
CA ALA A 75 -6.64 0.66 6.64
C ALA A 75 -6.73 -0.68 5.90
N ASP A 76 -7.90 -0.95 5.33
CA ASP A 76 -8.12 -2.19 4.59
C ASP A 76 -8.34 -1.91 3.10
N SER A 77 -8.09 -0.66 2.70
CA SER A 77 -8.28 -0.27 1.31
C SER A 77 -7.70 1.13 1.07
N THR A 78 -7.02 1.29 -0.06
CA THR A 78 -6.42 2.58 -0.41
C THR A 78 -6.49 2.82 -1.91
N ALA A 79 -6.48 4.09 -2.30
CA ALA A 79 -6.54 4.47 -3.71
C ALA A 79 -5.14 4.53 -4.33
N VAL A 80 -5.04 4.14 -5.59
CA VAL A 80 -3.76 4.15 -6.30
C VAL A 80 -3.93 4.61 -7.74
N GLU A 81 -3.02 5.44 -8.20
CA GLU A 81 -3.06 5.96 -9.57
C GLU A 81 -2.68 4.87 -10.57
N LEU A 82 -3.54 4.67 -11.57
CA LEU A 82 -3.29 3.67 -12.60
C LEU A 82 -2.20 4.12 -13.55
N VAL A 83 -2.10 5.44 -13.77
CA VAL A 83 -1.10 5.99 -14.66
C VAL A 83 0.31 5.57 -14.24
N ARG A 84 0.57 5.59 -12.94
CA ARG A 84 1.87 5.21 -12.41
C ARG A 84 2.24 3.79 -12.83
N LEU A 85 1.21 2.97 -13.06
CA LEU A 85 1.42 1.59 -13.46
C LEU A 85 1.71 1.50 -14.96
N ARG A 86 1.21 2.46 -15.71
CA ARG A 86 1.42 2.50 -17.16
C ARG A 86 2.88 2.77 -17.49
N SER A 87 3.39 3.91 -17.03
CA SER A 87 4.77 4.29 -17.28
C SER A 87 5.72 3.15 -16.93
N LEU A 88 5.43 2.47 -15.83
CA LEU A 88 6.26 1.36 -15.38
C LEU A 88 5.79 0.05 -16.00
N GLU A 89 4.56 0.04 -16.51
CA GLU A 89 4.00 -1.15 -17.13
C GLU A 89 3.84 -2.28 -16.11
N ALA A 90 3.46 -1.91 -14.89
CA ALA A 90 3.27 -2.90 -13.83
C ALA A 90 1.92 -3.59 -13.95
N LYS A 91 1.94 -4.91 -13.97
CA LYS A 91 0.71 -5.69 -14.08
C LYS A 91 0.25 -6.18 -12.71
N GLY A 92 0.63 -5.45 -11.67
CA GLY A 92 0.24 -5.82 -10.32
C GLY A 92 0.75 -4.84 -9.28
N VAL A 93 0.11 -4.83 -8.11
CA VAL A 93 0.50 -3.94 -7.04
C VAL A 93 0.70 -4.71 -5.73
N THR A 94 1.23 -4.03 -4.72
CA THR A 94 1.47 -4.64 -3.42
C THR A 94 1.23 -3.64 -2.29
N VAL A 95 1.19 -4.15 -1.06
CA VAL A 95 0.97 -3.31 0.11
C VAL A 95 2.01 -3.60 1.19
N ARG A 96 2.64 -2.54 1.68
CA ARG A 96 3.66 -2.68 2.72
C ARG A 96 3.25 -1.92 3.97
N THR A 97 3.43 -2.55 5.13
CA THR A 97 3.09 -1.93 6.40
C THR A 97 4.10 -0.87 6.80
N LEU A 98 3.69 0.39 6.72
CA LEU A 98 4.56 1.51 7.07
C LEU A 98 4.59 1.72 8.58
N SER A 99 5.76 2.01 9.11
CA SER A 99 5.92 2.25 10.55
C SER A 99 7.08 3.21 10.82
N ALA A 100 7.26 3.56 12.09
CA ALA A 100 8.33 4.47 12.47
C ALA A 100 9.70 3.85 12.24
N GLN A 101 9.75 2.52 12.26
CA GLN A 101 11.01 1.80 12.04
C GLN A 101 11.31 1.68 10.55
N GLY A 102 10.28 1.36 9.76
CA GLY A 102 10.46 1.22 8.33
C GLY A 102 9.29 0.54 7.65
N GLU A 103 9.54 -0.10 6.53
CA GLU A 103 8.50 -0.80 5.79
C GLU A 103 8.68 -2.31 5.87
N SER A 104 7.72 -3.06 5.34
CA SER A 104 7.76 -4.51 5.35
C SER A 104 7.68 -5.06 3.93
N VAL A 105 7.93 -6.37 3.80
CA VAL A 105 7.87 -7.03 2.50
C VAL A 105 6.60 -6.65 1.74
N ASP A 106 6.60 -6.91 0.44
CA ASP A 106 5.45 -6.60 -0.40
C ASP A 106 4.40 -7.72 -0.32
N SER A 107 3.20 -7.37 0.07
CA SER A 107 2.11 -8.34 0.19
C SER A 107 1.88 -9.06 -1.14
N ALA A 108 0.94 -10.00 -1.14
CA ALA A 108 0.62 -10.76 -2.34
C ALA A 108 0.34 -9.83 -3.52
N VAL A 109 1.27 -9.80 -4.48
CA VAL A 109 1.13 -8.95 -5.65
C VAL A 109 -0.24 -9.15 -6.30
N ALA A 110 -1.13 -8.18 -6.11
CA ALA A 110 -2.47 -8.24 -6.68
C ALA A 110 -2.48 -7.75 -8.12
N ALA A 111 -2.44 -8.70 -9.06
CA ALA A 111 -2.44 -8.35 -10.48
C ALA A 111 -3.65 -7.51 -10.84
N VAL A 112 -3.40 -6.25 -11.22
CA VAL A 112 -4.47 -5.34 -11.59
C VAL A 112 -5.17 -5.80 -12.86
N PRO A 113 -6.51 -5.69 -12.87
CA PRO A 113 -7.33 -6.09 -14.03
C PRO A 113 -7.14 -5.16 -15.22
N PRO A 114 -7.21 -5.74 -16.43
CA PRO A 114 -7.05 -4.97 -17.67
C PRO A 114 -8.23 -4.05 -17.94
N GLU A 115 -9.38 -4.36 -17.33
CA GLU A 115 -10.58 -3.56 -17.51
C GLU A 115 -10.45 -2.22 -16.79
N LEU A 116 -9.79 -2.23 -15.63
CA LEU A 116 -9.58 -1.03 -14.85
C LEU A 116 -8.43 -0.20 -15.40
N LEU A 117 -7.40 -0.88 -15.88
CA LEU A 117 -6.23 -0.20 -16.45
C LEU A 117 -6.62 0.62 -17.67
N VAL A 118 -7.59 0.12 -18.43
CA VAL A 118 -8.06 0.81 -19.63
C VAL A 118 -9.15 1.82 -19.29
N PRO A 119 -8.96 3.07 -19.75
CA PRO A 119 -9.92 4.16 -19.52
C PRO A 119 -11.23 3.95 -20.28
N PRO A 120 -12.31 4.55 -19.76
CA PRO A 120 -13.63 4.45 -20.39
C PRO A 120 -13.72 5.22 -21.70
N THR A 121 -14.52 4.70 -22.64
CA THR A 121 -14.68 5.34 -23.93
C THR A 121 -16.08 5.92 -24.09
N PRO A 122 -16.16 7.14 -24.64
CA PRO A 122 -17.43 7.84 -24.86
C PRO A 122 -18.28 7.18 -25.95
N HIS A 123 -17.65 6.86 -27.07
CA HIS A 123 -18.34 6.22 -28.18
C HIS A 123 -18.71 4.79 -27.84
N PRO A 124 -20.02 4.50 -27.83
CA PRO A 124 -20.54 3.16 -27.52
C PRO A 124 -20.23 2.15 -28.61
N SER A 125 -20.70 0.92 -28.43
CA SER A 125 -20.46 -0.14 -29.40
C SER A 125 -21.73 -0.97 -29.62
N GLY A 126 -22.31 -0.85 -30.81
CA GLY A 126 -23.52 -1.59 -31.13
C GLY A 126 -24.55 -0.74 -31.84
N PRO A 127 -25.56 -0.27 -31.09
CA PRO A 127 -26.64 0.56 -31.63
C PRO A 127 -26.15 1.95 -32.02
N SER A 128 -26.23 2.26 -33.31
CA SER A 128 -25.79 3.56 -33.81
C SER A 128 -26.17 3.74 -35.27
N SER A 129 -27.19 4.57 -35.52
CA SER A 129 -27.65 4.82 -36.88
C SER A 129 -26.53 5.39 -37.74
N GLY A 130 -26.62 5.17 -39.04
CA GLY A 130 -25.62 5.67 -39.96
C GLY A 130 -24.20 5.55 -39.40
N GLY A 1 33.16 12.63 48.61
CA GLY A 1 32.75 13.08 47.30
C GLY A 1 32.30 11.93 46.41
N SER A 2 31.50 12.25 45.39
CA SER A 2 31.01 11.25 44.47
C SER A 2 32.16 10.42 43.88
N SER A 3 31.85 9.21 43.44
CA SER A 3 32.85 8.32 42.87
C SER A 3 32.62 8.13 41.38
N GLY A 4 31.37 7.86 41.01
CA GLY A 4 31.04 7.67 39.61
C GLY A 4 29.80 6.82 39.43
N SER A 5 29.32 6.73 38.20
CA SER A 5 28.12 5.94 37.89
C SER A 5 28.43 4.87 36.86
N SER A 6 27.77 3.72 36.98
CA SER A 6 27.97 2.61 36.07
C SER A 6 27.67 3.03 34.63
N GLY A 7 28.27 2.31 33.68
CA GLY A 7 28.07 2.63 32.28
C GLY A 7 26.63 2.41 31.84
N VAL A 8 26.02 3.45 31.28
CA VAL A 8 24.64 3.37 30.82
C VAL A 8 24.48 2.30 29.75
N GLU A 9 23.69 1.27 30.05
CA GLU A 9 23.45 0.18 29.11
C GLU A 9 22.15 0.38 28.36
N PHE A 10 22.25 0.83 27.11
CA PHE A 10 21.07 1.07 26.28
C PHE A 10 20.30 -0.22 26.04
N SER A 11 19.09 -0.10 25.53
CA SER A 11 18.24 -1.25 25.26
C SER A 11 18.20 -1.56 23.77
N THR A 12 17.79 -0.57 22.98
CA THR A 12 17.70 -0.75 21.53
C THR A 12 17.05 -2.07 21.16
N LEU A 13 16.02 -2.44 21.91
CA LEU A 13 15.30 -3.68 21.67
C LEU A 13 14.94 -3.82 20.20
N PRO A 14 14.86 -5.09 19.72
CA PRO A 14 14.53 -5.38 18.32
C PRO A 14 13.07 -5.06 18.00
N ALA A 15 12.86 -4.33 16.91
CA ALA A 15 11.53 -3.96 16.48
C ALA A 15 11.37 -4.09 14.97
N GLY A 16 10.27 -4.69 14.54
CA GLY A 16 10.02 -4.88 13.12
C GLY A 16 10.84 -6.00 12.54
N PRO A 17 10.64 -6.27 11.23
CA PRO A 17 9.68 -5.51 10.41
C PRO A 17 8.23 -5.80 10.80
N PRO A 18 7.34 -4.84 10.51
CA PRO A 18 5.91 -4.97 10.81
C PRO A 18 5.23 -6.01 9.94
N ALA A 19 4.37 -6.82 10.55
CA ALA A 19 3.64 -7.86 9.83
C ALA A 19 2.91 -7.28 8.63
N PRO A 20 3.26 -7.76 7.42
CA PRO A 20 2.64 -7.30 6.18
C PRO A 20 1.20 -7.76 6.04
N PRO A 21 0.38 -6.96 5.33
CA PRO A 21 -1.03 -7.27 5.11
C PRO A 21 -1.23 -8.47 4.19
N GLN A 22 -2.48 -8.88 4.01
CA GLN A 22 -2.81 -10.01 3.16
C GLN A 22 -4.15 -9.82 2.47
N ASP A 23 -4.55 -10.79 1.65
CA ASP A 23 -5.81 -10.72 0.94
C ASP A 23 -5.87 -9.48 0.06
N VAL A 24 -4.71 -9.04 -0.42
CA VAL A 24 -4.63 -7.87 -1.27
C VAL A 24 -5.38 -8.08 -2.58
N THR A 25 -6.27 -7.15 -2.91
CA THR A 25 -7.06 -7.24 -4.13
C THR A 25 -7.38 -5.86 -4.68
N VAL A 26 -7.84 -5.82 -5.92
CA VAL A 26 -8.19 -4.55 -6.57
C VAL A 26 -9.65 -4.53 -6.99
N GLN A 27 -10.43 -3.67 -6.34
CA GLN A 27 -11.86 -3.56 -6.64
C GLN A 27 -12.10 -2.48 -7.70
N ALA A 28 -12.01 -1.22 -7.29
CA ALA A 28 -12.23 -0.11 -8.20
C ALA A 28 -11.95 1.23 -7.50
N GLY A 29 -11.26 2.13 -8.20
CA GLY A 29 -10.95 3.42 -7.63
C GLY A 29 -12.05 4.43 -7.87
N VAL A 30 -12.22 5.35 -6.92
CA VAL A 30 -13.26 6.37 -7.02
C VAL A 30 -13.34 6.92 -8.44
N THR A 31 -12.24 6.84 -9.17
CA THR A 31 -12.19 7.32 -10.55
C THR A 31 -11.69 6.23 -11.49
N PRO A 32 -12.02 6.39 -12.79
CA PRO A 32 -11.62 5.43 -13.82
C PRO A 32 -10.11 5.45 -14.09
N ALA A 33 -9.41 6.31 -13.37
CA ALA A 33 -7.96 6.43 -13.52
C ALA A 33 -7.23 5.91 -12.29
N THR A 34 -7.99 5.38 -11.34
CA THR A 34 -7.41 4.86 -10.11
C THR A 34 -8.08 3.54 -9.71
N ILE A 35 -7.54 2.90 -8.68
CA ILE A 35 -8.08 1.63 -8.21
C ILE A 35 -8.19 1.62 -6.68
N ARG A 36 -8.74 0.53 -6.14
CA ARG A 36 -8.90 0.40 -4.69
C ARG A 36 -8.25 -0.89 -4.20
N VAL A 37 -7.02 -0.77 -3.71
CA VAL A 37 -6.30 -1.93 -3.20
C VAL A 37 -6.79 -2.32 -1.81
N SER A 38 -7.66 -3.33 -1.75
CA SER A 38 -8.22 -3.79 -0.48
C SER A 38 -7.39 -4.94 0.08
N TRP A 39 -7.19 -4.94 1.39
CA TRP A 39 -6.42 -5.98 2.05
C TRP A 39 -6.90 -6.20 3.47
N ARG A 40 -6.23 -7.09 4.19
CA ARG A 40 -6.60 -7.39 5.58
C ARG A 40 -5.46 -7.05 6.53
N PRO A 41 -5.65 -5.97 7.31
CA PRO A 41 -4.65 -5.52 8.27
C PRO A 41 -4.51 -6.46 9.47
N PRO A 42 -3.27 -6.86 9.76
CA PRO A 42 -2.97 -7.76 10.87
C PRO A 42 -3.19 -7.12 12.23
N VAL A 43 -3.70 -7.90 13.18
CA VAL A 43 -3.95 -7.39 14.53
C VAL A 43 -2.76 -6.59 15.05
N LEU A 44 -3.06 -5.54 15.81
CA LEU A 44 -2.01 -4.69 16.37
C LEU A 44 -2.07 -4.69 17.90
N THR A 45 -0.92 -4.93 18.53
CA THR A 45 -0.84 -4.95 19.98
C THR A 45 -1.75 -3.89 20.60
N PRO A 46 -2.12 -4.10 21.87
CA PRO A 46 -2.99 -3.18 22.61
C PRO A 46 -2.30 -1.86 22.93
N THR A 47 -1.17 -1.62 22.27
CA THR A 47 -0.40 -0.40 22.50
C THR A 47 -0.10 0.30 21.17
N GLY A 48 -0.41 -0.37 20.06
CA GLY A 48 -0.16 0.21 18.76
C GLY A 48 1.14 -0.27 18.15
N LEU A 49 1.23 -1.59 17.92
CA LEU A 49 2.43 -2.17 17.34
C LEU A 49 2.12 -3.52 16.70
N SER A 50 2.49 -3.66 15.43
CA SER A 50 2.26 -4.90 14.69
C SER A 50 3.23 -5.99 15.12
N ASN A 51 4.48 -5.87 14.66
CA ASN A 51 5.52 -6.84 14.99
C ASN A 51 6.60 -6.20 15.84
N GLY A 52 6.22 -5.20 16.64
CA GLY A 52 7.17 -4.52 17.50
C GLY A 52 7.46 -3.11 17.04
N ALA A 53 7.07 -2.79 15.81
CA ALA A 53 7.29 -1.46 15.25
C ALA A 53 6.02 -0.64 15.29
N ASN A 54 6.18 0.68 15.26
CA ASN A 54 5.04 1.59 15.30
C ASN A 54 4.47 1.82 13.89
N VAL A 55 3.41 1.08 13.57
CA VAL A 55 2.78 1.20 12.25
C VAL A 55 1.93 2.47 12.17
N THR A 56 2.27 3.33 11.21
CA THR A 56 1.54 4.58 11.01
C THR A 56 0.67 4.52 9.77
N GLY A 57 0.90 3.51 8.94
CA GLY A 57 0.12 3.35 7.72
C GLY A 57 0.72 2.33 6.78
N TYR A 58 0.23 2.32 5.54
CA TYR A 58 0.72 1.38 4.54
C TYR A 58 1.26 2.13 3.31
N GLY A 59 1.85 1.37 2.39
CA GLY A 59 2.38 1.96 1.18
C GLY A 59 2.32 1.04 -0.01
N VAL A 60 1.79 1.53 -1.12
CA VAL A 60 1.67 0.74 -2.34
C VAL A 60 2.86 0.96 -3.26
N TYR A 61 3.33 -0.11 -3.88
CA TYR A 61 4.46 -0.03 -4.80
C TYR A 61 4.17 -0.75 -6.11
N ALA A 62 4.85 -0.35 -7.16
CA ALA A 62 4.67 -0.96 -8.48
C ALA A 62 5.96 -0.95 -9.28
N LYS A 63 6.59 -2.12 -9.39
CA LYS A 63 7.84 -2.24 -10.14
C LYS A 63 8.97 -1.52 -9.41
N GLY A 64 8.90 -1.49 -8.09
CA GLY A 64 9.94 -0.82 -7.30
C GLY A 64 9.73 0.67 -7.23
N GLN A 65 8.48 1.11 -7.36
CA GLN A 65 8.15 2.53 -7.30
C GLN A 65 6.83 2.75 -6.57
N ARG A 66 6.89 3.47 -5.45
CA ARG A 66 5.70 3.76 -4.67
C ARG A 66 4.66 4.51 -5.50
N VAL A 67 3.44 4.00 -5.51
CA VAL A 67 2.36 4.62 -6.27
C VAL A 67 1.38 5.33 -5.34
N ALA A 68 1.33 4.88 -4.09
CA ALA A 68 0.44 5.48 -3.10
C ALA A 68 0.91 5.18 -1.68
N GLU A 69 0.25 5.79 -0.70
CA GLU A 69 0.60 5.59 0.70
C GLU A 69 -0.51 6.10 1.62
N VAL A 70 -1.03 5.21 2.46
CA VAL A 70 -2.09 5.57 3.39
C VAL A 70 -1.57 5.65 4.81
N ILE A 71 -1.75 6.80 5.44
CA ILE A 71 -1.30 7.00 6.82
C ILE A 71 -2.27 6.39 7.81
N PHE A 72 -2.74 5.18 7.51
CA PHE A 72 -3.69 4.48 8.38
C PHE A 72 -3.25 3.04 8.61
N PRO A 73 -2.91 2.71 9.86
CA PRO A 73 -2.46 1.37 10.25
C PRO A 73 -3.59 0.35 10.18
N THR A 74 -4.82 0.82 10.38
CA THR A 74 -5.99 -0.05 10.34
C THR A 74 -6.75 0.09 9.03
N ALA A 75 -6.04 0.49 7.98
CA ALA A 75 -6.64 0.67 6.67
C ALA A 75 -6.78 -0.66 5.94
N ASP A 76 -7.94 -0.86 5.31
CA ASP A 76 -8.20 -2.10 4.59
C ASP A 76 -8.40 -1.82 3.10
N SER A 77 -8.14 -0.57 2.69
CA SER A 77 -8.29 -0.18 1.30
C SER A 77 -7.68 1.19 1.05
N THR A 78 -6.95 1.33 -0.05
CA THR A 78 -6.30 2.58 -0.40
C THR A 78 -6.39 2.85 -1.89
N ALA A 79 -6.50 4.12 -2.26
CA ALA A 79 -6.59 4.51 -3.66
C ALA A 79 -5.21 4.60 -4.29
N VAL A 80 -5.11 4.23 -5.56
CA VAL A 80 -3.85 4.28 -6.28
C VAL A 80 -4.05 4.70 -7.73
N GLU A 81 -3.12 5.52 -8.25
CA GLU A 81 -3.21 5.99 -9.62
C GLU A 81 -2.83 4.89 -10.61
N LEU A 82 -3.71 4.64 -11.56
CA LEU A 82 -3.47 3.61 -12.57
C LEU A 82 -2.37 4.04 -13.54
N VAL A 83 -2.32 5.35 -13.81
CA VAL A 83 -1.31 5.89 -14.72
C VAL A 83 0.09 5.46 -14.31
N ARG A 84 0.37 5.52 -13.02
CA ARG A 84 1.69 5.14 -12.50
C ARG A 84 2.04 3.72 -12.94
N LEU A 85 1.05 2.84 -12.97
CA LEU A 85 1.28 1.46 -13.37
C LEU A 85 1.53 1.36 -14.88
N ARG A 86 1.26 2.45 -15.59
CA ARG A 86 1.46 2.48 -17.03
C ARG A 86 2.92 2.82 -17.37
N SER A 87 3.40 3.93 -16.81
CA SER A 87 4.77 4.36 -17.06
C SER A 87 5.76 3.23 -16.78
N LEU A 88 5.39 2.34 -15.87
CA LEU A 88 6.23 1.20 -15.51
C LEU A 88 5.69 -0.09 -16.12
N GLU A 89 4.46 -0.04 -16.60
CA GLU A 89 3.83 -1.21 -17.21
C GLU A 89 3.65 -2.32 -16.18
N ALA A 90 3.34 -1.94 -14.95
CA ALA A 90 3.15 -2.91 -13.87
C ALA A 90 1.78 -3.56 -13.97
N LYS A 91 1.78 -4.90 -14.00
CA LYS A 91 0.53 -5.66 -14.09
C LYS A 91 0.06 -6.11 -12.71
N GLY A 92 0.50 -5.39 -11.68
CA GLY A 92 0.12 -5.74 -10.32
C GLY A 92 0.66 -4.76 -9.29
N VAL A 93 0.07 -4.75 -8.11
CA VAL A 93 0.49 -3.85 -7.04
C VAL A 93 0.68 -4.61 -5.73
N THR A 94 1.34 -3.96 -4.77
CA THR A 94 1.60 -4.57 -3.48
C THR A 94 1.34 -3.59 -2.34
N VAL A 95 1.32 -4.10 -1.11
CA VAL A 95 1.09 -3.25 0.05
C VAL A 95 2.10 -3.56 1.15
N ARG A 96 2.83 -2.54 1.59
CA ARG A 96 3.83 -2.70 2.64
C ARG A 96 3.44 -1.90 3.88
N THR A 97 3.54 -2.54 5.05
CA THR A 97 3.20 -1.90 6.31
C THR A 97 4.26 -0.87 6.70
N LEU A 98 3.87 0.41 6.68
CA LEU A 98 4.79 1.48 7.04
C LEU A 98 4.82 1.69 8.55
N SER A 99 6.02 1.91 9.09
CA SER A 99 6.18 2.13 10.52
C SER A 99 7.35 3.07 10.79
N ALA A 100 7.42 3.57 12.03
CA ALA A 100 8.48 4.48 12.42
C ALA A 100 9.86 3.85 12.17
N GLN A 101 9.93 2.53 12.27
CA GLN A 101 11.18 1.81 12.07
C GLN A 101 11.50 1.70 10.57
N GLY A 102 10.48 1.34 9.79
CA GLY A 102 10.68 1.20 8.36
C GLY A 102 9.49 0.55 7.67
N GLU A 103 9.74 -0.11 6.56
CA GLU A 103 8.68 -0.78 5.80
C GLU A 103 8.84 -2.29 5.86
N SER A 104 7.82 -3.00 5.39
CA SER A 104 7.85 -4.46 5.39
C SER A 104 7.81 -5.00 3.96
N VAL A 105 7.94 -6.33 3.83
CA VAL A 105 7.93 -6.97 2.53
C VAL A 105 6.67 -6.60 1.74
N ASP A 106 6.70 -6.85 0.44
CA ASP A 106 5.57 -6.54 -0.43
C ASP A 106 4.52 -7.66 -0.37
N SER A 107 3.32 -7.29 0.05
CA SER A 107 2.23 -8.27 0.15
C SER A 107 1.97 -8.94 -1.20
N ALA A 108 1.07 -9.91 -1.20
CA ALA A 108 0.73 -10.64 -2.42
C ALA A 108 0.44 -9.68 -3.57
N VAL A 109 1.29 -9.70 -4.58
CA VAL A 109 1.12 -8.83 -5.74
C VAL A 109 -0.26 -9.00 -6.36
N ALA A 110 -1.13 -8.02 -6.12
CA ALA A 110 -2.48 -8.06 -6.66
C ALA A 110 -2.51 -7.63 -8.11
N ALA A 111 -2.52 -8.61 -9.02
CA ALA A 111 -2.55 -8.33 -10.45
C ALA A 111 -3.77 -7.49 -10.83
N VAL A 112 -3.52 -6.25 -11.21
CA VAL A 112 -4.60 -5.34 -11.60
C VAL A 112 -5.26 -5.79 -12.90
N PRO A 113 -6.59 -5.71 -12.94
CA PRO A 113 -7.38 -6.11 -14.12
C PRO A 113 -7.18 -5.15 -15.29
N PRO A 114 -7.17 -5.71 -16.52
CA PRO A 114 -6.99 -4.93 -17.74
C PRO A 114 -8.19 -4.04 -18.04
N GLU A 115 -9.32 -4.35 -17.42
CA GLU A 115 -10.54 -3.57 -17.62
C GLU A 115 -10.48 -2.24 -16.89
N LEU A 116 -9.88 -2.24 -15.71
CA LEU A 116 -9.73 -1.03 -14.91
C LEU A 116 -8.59 -0.16 -15.43
N LEU A 117 -7.57 -0.81 -15.99
CA LEU A 117 -6.41 -0.10 -16.53
C LEU A 117 -6.80 0.74 -17.73
N VAL A 118 -7.66 0.18 -18.58
CA VAL A 118 -8.11 0.89 -19.78
C VAL A 118 -9.25 1.85 -19.45
N PRO A 119 -9.13 3.10 -19.94
CA PRO A 119 -10.13 4.14 -19.71
C PRO A 119 -11.43 3.86 -20.45
N PRO A 120 -12.48 4.63 -20.12
CA PRO A 120 -13.80 4.49 -20.74
C PRO A 120 -13.80 4.96 -22.20
N THR A 121 -14.81 4.54 -22.95
CA THR A 121 -14.92 4.91 -24.35
C THR A 121 -15.30 6.38 -24.50
N PRO A 122 -14.69 7.05 -25.48
CA PRO A 122 -14.94 8.47 -25.75
C PRO A 122 -16.35 8.71 -26.32
N HIS A 123 -16.73 9.97 -26.41
CA HIS A 123 -18.04 10.34 -26.94
C HIS A 123 -18.16 9.95 -28.41
N PRO A 124 -19.39 9.65 -28.85
CA PRO A 124 -19.66 9.27 -30.23
C PRO A 124 -19.49 10.42 -31.21
N SER A 125 -19.77 11.64 -30.73
CA SER A 125 -19.65 12.83 -31.56
C SER A 125 -18.21 13.01 -32.04
N GLY A 126 -18.05 13.42 -33.29
CA GLY A 126 -16.73 13.63 -33.85
C GLY A 126 -16.48 15.07 -34.25
N PRO A 127 -16.16 15.91 -33.26
CA PRO A 127 -15.90 17.34 -33.48
C PRO A 127 -14.61 17.58 -34.24
N SER A 128 -14.31 18.84 -34.52
CA SER A 128 -13.10 19.21 -35.24
C SER A 128 -11.92 18.36 -34.77
N SER A 129 -11.34 17.59 -35.70
CA SER A 129 -10.21 16.74 -35.38
C SER A 129 -9.41 16.40 -36.63
N GLY A 130 -8.09 16.41 -36.51
CA GLY A 130 -7.23 16.11 -37.65
C GLY A 130 -7.19 14.62 -37.95
N GLY A 1 20.54 3.57 7.17
CA GLY A 1 20.70 2.15 6.92
C GLY A 1 20.31 1.31 8.12
N SER A 2 21.17 0.34 8.45
CA SER A 2 20.90 -0.55 9.58
C SER A 2 22.13 -0.65 10.49
N SER A 3 22.08 0.05 11.61
CA SER A 3 23.19 0.05 12.56
C SER A 3 22.83 -0.77 13.81
N GLY A 4 23.17 -2.05 13.77
CA GLY A 4 22.88 -2.91 14.91
C GLY A 4 22.62 -4.34 14.49
N SER A 5 23.61 -4.97 13.85
CA SER A 5 23.47 -6.34 13.39
C SER A 5 23.14 -7.28 14.55
N SER A 6 22.12 -8.11 14.36
CA SER A 6 21.70 -9.05 15.40
C SER A 6 21.62 -10.47 14.84
N GLY A 7 21.81 -11.46 15.71
CA GLY A 7 21.75 -12.84 15.28
C GLY A 7 21.09 -13.73 16.31
N VAL A 8 21.63 -14.93 16.49
CA VAL A 8 21.08 -15.88 17.45
C VAL A 8 21.31 -15.42 18.88
N GLU A 9 20.45 -14.53 19.37
CA GLU A 9 20.57 -14.00 20.72
C GLU A 9 19.19 -13.81 21.35
N PHE A 10 19.06 -14.22 22.61
CA PHE A 10 17.80 -14.09 23.32
C PHE A 10 17.64 -12.69 23.91
N SER A 11 17.99 -11.68 23.12
CA SER A 11 17.90 -10.30 23.55
C SER A 11 16.66 -9.62 22.94
N THR A 12 16.24 -8.52 23.56
CA THR A 12 15.08 -7.78 23.08
C THR A 12 15.03 -7.75 21.56
N LEU A 13 14.08 -8.47 20.98
CA LEU A 13 13.92 -8.53 19.54
C LEU A 13 13.83 -7.12 18.94
N PRO A 14 14.46 -6.93 17.76
CA PRO A 14 14.45 -5.64 17.07
C PRO A 14 13.08 -5.29 16.51
N ALA A 15 12.66 -4.05 16.76
CA ALA A 15 11.35 -3.59 16.28
C ALA A 15 11.25 -3.73 14.77
N GLY A 16 10.20 -4.42 14.32
CA GLY A 16 10.00 -4.62 12.89
C GLY A 16 10.83 -5.77 12.34
N PRO A 17 10.61 -6.11 11.07
CA PRO A 17 9.62 -5.42 10.23
C PRO A 17 8.19 -5.72 10.66
N PRO A 18 7.29 -4.76 10.40
CA PRO A 18 5.87 -4.89 10.75
C PRO A 18 5.16 -5.94 9.90
N ALA A 19 4.32 -6.74 10.54
CA ALA A 19 3.57 -7.78 9.84
C ALA A 19 2.85 -7.22 8.62
N PRO A 20 3.22 -7.71 7.43
CA PRO A 20 2.63 -7.27 6.17
C PRO A 20 1.18 -7.73 6.02
N PRO A 21 0.38 -6.93 5.30
CA PRO A 21 -1.04 -7.25 5.07
C PRO A 21 -1.22 -8.44 4.12
N GLN A 22 -2.46 -8.90 4.00
CA GLN A 22 -2.76 -10.04 3.13
C GLN A 22 -4.10 -9.84 2.43
N ASP A 23 -4.51 -10.84 1.66
CA ASP A 23 -5.77 -10.77 0.94
C ASP A 23 -5.86 -9.52 0.09
N VAL A 24 -4.72 -9.11 -0.47
CA VAL A 24 -4.66 -7.92 -1.31
C VAL A 24 -5.42 -8.14 -2.62
N THR A 25 -6.31 -7.21 -2.94
CA THR A 25 -7.10 -7.28 -4.16
C THR A 25 -7.40 -5.90 -4.72
N VAL A 26 -7.93 -5.86 -5.94
CA VAL A 26 -8.26 -4.60 -6.59
C VAL A 26 -9.73 -4.56 -6.98
N GLN A 27 -10.50 -3.72 -6.30
CA GLN A 27 -11.93 -3.59 -6.58
C GLN A 27 -12.18 -2.53 -7.65
N ALA A 28 -12.07 -1.27 -7.25
CA ALA A 28 -12.28 -0.16 -8.18
C ALA A 28 -12.02 1.18 -7.50
N GLY A 29 -11.35 2.08 -8.22
CA GLY A 29 -11.05 3.39 -7.67
C GLY A 29 -12.12 4.41 -7.97
N VAL A 30 -12.39 5.28 -7.00
CA VAL A 30 -13.40 6.31 -7.16
C VAL A 30 -13.39 6.88 -8.58
N THR A 31 -12.22 6.88 -9.20
CA THR A 31 -12.07 7.39 -10.56
C THR A 31 -11.60 6.31 -11.51
N PRO A 32 -11.87 6.49 -12.82
CA PRO A 32 -11.48 5.53 -13.85
C PRO A 32 -9.98 5.52 -14.08
N ALA A 33 -9.26 6.39 -13.37
CA ALA A 33 -7.81 6.48 -13.50
C ALA A 33 -7.12 5.91 -12.27
N THR A 34 -7.91 5.54 -11.27
CA THR A 34 -7.38 4.98 -10.03
C THR A 34 -8.11 3.71 -9.64
N ILE A 35 -7.56 2.98 -8.68
CA ILE A 35 -8.17 1.74 -8.21
C ILE A 35 -8.23 1.70 -6.69
N ARG A 36 -8.77 0.62 -6.16
CA ARG A 36 -8.90 0.45 -4.71
C ARG A 36 -8.26 -0.86 -4.26
N VAL A 37 -7.08 -0.76 -3.65
CA VAL A 37 -6.37 -1.93 -3.16
C VAL A 37 -6.84 -2.33 -1.77
N SER A 38 -7.66 -3.36 -1.69
CA SER A 38 -8.19 -3.82 -0.41
C SER A 38 -7.34 -4.97 0.13
N TRP A 39 -7.09 -4.95 1.44
CA TRP A 39 -6.29 -5.99 2.09
C TRP A 39 -6.78 -6.24 3.51
N ARG A 40 -6.10 -7.15 4.21
CA ARG A 40 -6.48 -7.48 5.58
C ARG A 40 -5.34 -7.14 6.54
N PRO A 41 -5.53 -6.04 7.29
CA PRO A 41 -4.53 -5.58 8.27
C PRO A 41 -4.41 -6.50 9.47
N PRO A 42 -3.18 -6.91 9.80
CA PRO A 42 -2.91 -7.80 10.93
C PRO A 42 -3.15 -7.12 12.27
N VAL A 43 -3.76 -7.86 13.20
CA VAL A 43 -4.04 -7.33 14.53
C VAL A 43 -2.85 -6.58 15.09
N LEU A 44 -3.10 -5.40 15.65
CA LEU A 44 -2.05 -4.57 16.23
C LEU A 44 -2.12 -4.59 17.75
N THR A 45 -0.95 -4.74 18.39
CA THR A 45 -0.88 -4.77 19.85
C THR A 45 -1.78 -3.71 20.46
N PRO A 46 -2.15 -3.92 21.74
CA PRO A 46 -3.01 -2.99 22.48
C PRO A 46 -2.32 -1.68 22.79
N THR A 47 -1.18 -1.44 22.13
CA THR A 47 -0.42 -0.22 22.34
C THR A 47 -0.11 0.47 21.01
N GLY A 48 -0.36 -0.24 19.92
CA GLY A 48 -0.11 0.32 18.60
C GLY A 48 1.19 -0.17 18.00
N LEU A 49 1.28 -1.49 17.77
CA LEU A 49 2.46 -2.09 17.20
C LEU A 49 2.14 -3.43 16.53
N SER A 50 2.55 -3.58 15.28
CA SER A 50 2.30 -4.81 14.54
C SER A 50 3.29 -5.90 14.93
N ASN A 51 4.54 -5.72 14.54
CA ASN A 51 5.59 -6.68 14.86
C ASN A 51 6.69 -6.04 15.70
N GLY A 52 6.29 -5.09 16.55
CA GLY A 52 7.25 -4.42 17.40
C GLY A 52 7.55 -3.00 16.94
N ALA A 53 7.11 -2.67 15.73
CA ALA A 53 7.34 -1.36 15.17
C ALA A 53 6.08 -0.51 15.23
N ASN A 54 6.25 0.81 15.24
CA ASN A 54 5.12 1.73 15.30
C ASN A 54 4.53 1.96 13.91
N VAL A 55 3.54 1.14 13.56
CA VAL A 55 2.88 1.24 12.26
C VAL A 55 2.01 2.50 12.19
N THR A 56 2.34 3.37 11.24
CA THR A 56 1.58 4.61 11.06
C THR A 56 0.70 4.54 9.82
N GLY A 57 0.96 3.55 8.98
CA GLY A 57 0.17 3.39 7.76
C GLY A 57 0.73 2.32 6.85
N TYR A 58 0.29 2.33 5.59
CA TYR A 58 0.74 1.34 4.62
C TYR A 58 1.32 2.02 3.39
N GLY A 59 1.88 1.22 2.48
CA GLY A 59 2.46 1.76 1.27
C GLY A 59 2.31 0.83 0.09
N VAL A 60 1.79 1.36 -1.02
CA VAL A 60 1.60 0.56 -2.23
C VAL A 60 2.79 0.69 -3.18
N TYR A 61 3.13 -0.41 -3.83
CA TYR A 61 4.26 -0.43 -4.76
C TYR A 61 3.92 -1.23 -6.01
N ALA A 62 4.52 -0.85 -7.13
CA ALA A 62 4.28 -1.55 -8.40
C ALA A 62 5.57 -2.15 -8.94
N LYS A 63 6.46 -1.29 -9.45
CA LYS A 63 7.73 -1.74 -10.00
C LYS A 63 8.90 -1.12 -9.23
N GLY A 64 8.81 -1.17 -7.90
CA GLY A 64 9.87 -0.61 -7.07
C GLY A 64 9.72 0.88 -6.85
N GLN A 65 8.54 1.40 -7.18
CA GLN A 65 8.27 2.83 -7.01
C GLN A 65 6.94 3.05 -6.30
N ARG A 66 7.01 3.59 -5.09
CA ARG A 66 5.82 3.86 -4.30
C ARG A 66 4.76 4.57 -5.14
N VAL A 67 3.64 3.89 -5.36
CA VAL A 67 2.55 4.46 -6.15
C VAL A 67 1.52 5.13 -5.25
N ALA A 68 1.36 4.59 -4.04
CA ALA A 68 0.41 5.14 -3.09
C ALA A 68 0.85 4.88 -1.65
N GLU A 69 0.22 5.56 -0.71
CA GLU A 69 0.55 5.40 0.70
C GLU A 69 -0.55 5.96 1.59
N VAL A 70 -1.07 5.12 2.48
CA VAL A 70 -2.14 5.53 3.39
C VAL A 70 -1.63 5.62 4.82
N ILE A 71 -1.78 6.78 5.43
CA ILE A 71 -1.34 7.00 6.80
C ILE A 71 -2.32 6.38 7.80
N PHE A 72 -2.74 5.15 7.53
CA PHE A 72 -3.68 4.45 8.39
C PHE A 72 -3.24 3.01 8.62
N PRO A 73 -2.89 2.70 9.88
CA PRO A 73 -2.45 1.35 10.26
C PRO A 73 -3.58 0.33 10.21
N THR A 74 -4.80 0.80 10.40
CA THR A 74 -5.97 -0.07 10.37
C THR A 74 -6.74 0.06 9.05
N ALA A 75 -6.03 0.48 8.01
CA ALA A 75 -6.64 0.65 6.70
C ALA A 75 -6.76 -0.68 5.98
N ASP A 76 -7.90 -0.89 5.32
CA ASP A 76 -8.16 -2.13 4.59
C ASP A 76 -8.43 -1.85 3.12
N SER A 77 -8.17 -0.61 2.70
CA SER A 77 -8.40 -0.20 1.32
C SER A 77 -7.85 1.20 1.07
N THR A 78 -7.06 1.33 0.01
CA THR A 78 -6.46 2.62 -0.34
C THR A 78 -6.54 2.86 -1.84
N ALA A 79 -6.55 4.14 -2.23
CA ALA A 79 -6.62 4.50 -3.65
C ALA A 79 -5.23 4.54 -4.27
N VAL A 80 -5.15 4.14 -5.53
CA VAL A 80 -3.87 4.13 -6.24
C VAL A 80 -4.04 4.63 -7.67
N GLU A 81 -3.05 5.37 -8.15
CA GLU A 81 -3.08 5.92 -9.51
C GLU A 81 -2.67 4.86 -10.53
N LEU A 82 -3.54 4.63 -11.51
CA LEU A 82 -3.27 3.65 -12.55
C LEU A 82 -2.18 4.13 -13.50
N VAL A 83 -2.11 5.45 -13.68
CA VAL A 83 -1.11 6.04 -14.55
C VAL A 83 0.29 5.65 -14.13
N ARG A 84 0.54 5.65 -12.82
CA ARG A 84 1.84 5.29 -12.29
C ARG A 84 2.23 3.88 -12.69
N LEU A 85 1.23 3.05 -12.99
CA LEU A 85 1.46 1.67 -13.40
C LEU A 85 1.78 1.58 -14.89
N ARG A 86 1.27 2.56 -15.64
CA ARG A 86 1.50 2.59 -17.08
C ARG A 86 2.97 2.87 -17.40
N SER A 87 3.48 3.98 -16.90
CA SER A 87 4.87 4.36 -17.13
C SER A 87 5.80 3.19 -16.82
N LEU A 88 5.48 2.45 -15.77
CA LEU A 88 6.30 1.30 -15.37
C LEU A 88 5.78 0.02 -16.02
N GLU A 89 4.54 0.05 -16.50
CA GLU A 89 3.93 -1.10 -17.13
C GLU A 89 3.75 -2.24 -16.14
N ALA A 90 3.39 -1.89 -14.90
CA ALA A 90 3.19 -2.89 -13.86
C ALA A 90 1.80 -3.52 -13.96
N LYS A 91 1.77 -4.85 -14.01
CA LYS A 91 0.50 -5.57 -14.11
C LYS A 91 0.05 -6.06 -12.74
N GLY A 92 0.60 -5.46 -11.69
CA GLY A 92 0.24 -5.85 -10.34
C GLY A 92 0.74 -4.88 -9.30
N VAL A 93 0.11 -4.88 -8.13
CA VAL A 93 0.49 -3.98 -7.04
C VAL A 93 0.70 -4.75 -5.75
N THR A 94 1.25 -4.07 -4.75
CA THR A 94 1.51 -4.68 -3.45
C THR A 94 1.26 -3.70 -2.31
N VAL A 95 1.33 -4.19 -1.08
CA VAL A 95 1.11 -3.35 0.09
C VAL A 95 2.16 -3.64 1.17
N ARG A 96 2.76 -2.57 1.70
CA ARG A 96 3.77 -2.71 2.73
C ARG A 96 3.39 -1.91 3.98
N THR A 97 3.48 -2.56 5.14
CA THR A 97 3.14 -1.91 6.40
C THR A 97 4.21 -0.90 6.80
N LEU A 98 3.84 0.38 6.76
CA LEU A 98 4.77 1.45 7.12
C LEU A 98 4.74 1.70 8.63
N SER A 99 5.91 1.97 9.20
CA SER A 99 6.02 2.23 10.64
C SER A 99 7.20 3.15 10.92
N ALA A 100 7.38 3.47 12.19
CA ALA A 100 8.47 4.34 12.62
C ALA A 100 9.83 3.73 12.28
N GLN A 101 9.89 2.40 12.33
CA GLN A 101 11.13 1.69 12.03
C GLN A 101 11.44 1.71 10.54
N GLY A 102 10.42 1.39 9.74
CA GLY A 102 10.59 1.38 8.29
C GLY A 102 9.42 0.75 7.58
N GLU A 103 9.71 -0.09 6.58
CA GLU A 103 8.66 -0.75 5.81
C GLU A 103 8.80 -2.26 5.88
N SER A 104 7.80 -2.97 5.39
CA SER A 104 7.81 -4.44 5.41
C SER A 104 7.76 -4.99 3.99
N VAL A 105 7.94 -6.30 3.87
CA VAL A 105 7.91 -6.96 2.56
C VAL A 105 6.65 -6.60 1.79
N ASP A 106 6.66 -6.85 0.49
CA ASP A 106 5.51 -6.56 -0.36
C ASP A 106 4.48 -7.68 -0.27
N SER A 107 3.25 -7.31 0.11
CA SER A 107 2.18 -8.27 0.24
C SER A 107 1.94 -9.01 -1.08
N ALA A 108 0.96 -9.91 -1.09
CA ALA A 108 0.64 -10.68 -2.28
C ALA A 108 0.37 -9.76 -3.47
N VAL A 109 1.25 -9.81 -4.47
CA VAL A 109 1.10 -8.99 -5.66
C VAL A 109 -0.27 -9.19 -6.30
N ALA A 110 -1.15 -8.22 -6.13
CA ALA A 110 -2.49 -8.29 -6.70
C ALA A 110 -2.50 -7.80 -8.13
N ALA A 111 -2.46 -8.74 -9.07
CA ALA A 111 -2.46 -8.41 -10.49
C ALA A 111 -3.68 -7.57 -10.86
N VAL A 112 -3.45 -6.31 -11.21
CA VAL A 112 -4.53 -5.41 -11.57
C VAL A 112 -5.23 -5.86 -12.86
N PRO A 113 -6.56 -5.78 -12.87
CA PRO A 113 -7.36 -6.18 -14.03
C PRO A 113 -7.20 -5.23 -15.21
N PRO A 114 -7.23 -5.79 -16.43
CA PRO A 114 -7.08 -5.01 -17.66
C PRO A 114 -8.29 -4.11 -17.92
N GLU A 115 -9.41 -4.43 -17.28
CA GLU A 115 -10.63 -3.65 -17.45
C GLU A 115 -10.53 -2.32 -16.71
N LEU A 116 -9.86 -2.32 -15.57
CA LEU A 116 -9.69 -1.11 -14.77
C LEU A 116 -8.56 -0.26 -15.31
N LEU A 117 -7.54 -0.91 -15.86
CA LEU A 117 -6.39 -0.20 -16.42
C LEU A 117 -6.80 0.63 -17.63
N VAL A 118 -7.81 0.14 -18.35
CA VAL A 118 -8.31 0.84 -19.54
C VAL A 118 -9.42 1.82 -19.18
N PRO A 119 -9.33 3.04 -19.72
CA PRO A 119 -10.33 4.09 -19.46
C PRO A 119 -11.67 3.79 -20.13
N PRO A 120 -12.71 4.51 -19.71
CA PRO A 120 -14.07 4.35 -20.25
C PRO A 120 -14.18 4.83 -21.69
N THR A 121 -15.20 4.35 -22.39
CA THR A 121 -15.42 4.73 -23.79
C THR A 121 -16.90 4.86 -24.08
N PRO A 122 -17.26 5.90 -24.86
CA PRO A 122 -18.65 6.16 -25.23
C PRO A 122 -19.19 5.14 -26.21
N HIS A 123 -18.42 4.84 -27.25
CA HIS A 123 -18.82 3.86 -28.25
C HIS A 123 -18.07 2.55 -28.06
N PRO A 124 -18.82 1.43 -28.11
CA PRO A 124 -18.25 0.08 -27.94
C PRO A 124 -17.39 -0.32 -29.12
N SER A 125 -17.93 -0.18 -30.32
CA SER A 125 -17.20 -0.55 -31.54
C SER A 125 -16.09 0.46 -31.83
N GLY A 126 -14.86 0.06 -31.57
CA GLY A 126 -13.73 0.94 -31.82
C GLY A 126 -12.41 0.32 -31.42
N PRO A 127 -11.38 0.47 -32.27
CA PRO A 127 -10.05 -0.08 -32.03
C PRO A 127 -9.33 0.65 -30.89
N SER A 128 -10.01 1.61 -30.29
CA SER A 128 -9.44 2.39 -29.19
C SER A 128 -8.19 3.12 -29.65
N SER A 129 -8.26 3.73 -30.82
CA SER A 129 -7.13 4.46 -31.39
C SER A 129 -5.87 3.62 -31.37
N GLY A 130 -6.02 2.33 -31.67
CA GLY A 130 -4.87 1.43 -31.68
C GLY A 130 -3.76 1.93 -32.58
N GLY A 1 36.10 -17.20 30.80
CA GLY A 1 35.29 -16.06 31.19
C GLY A 1 33.98 -16.47 31.84
N SER A 2 33.67 -15.84 32.97
CA SER A 2 32.44 -16.14 33.70
C SER A 2 31.92 -14.91 34.43
N SER A 3 30.63 -14.64 34.27
CA SER A 3 30.01 -13.48 34.92
C SER A 3 28.92 -13.92 35.89
N GLY A 4 28.46 -13.00 36.72
CA GLY A 4 27.42 -13.30 37.69
C GLY A 4 26.23 -12.36 37.58
N SER A 5 25.53 -12.43 36.46
CA SER A 5 24.36 -11.58 36.24
C SER A 5 23.59 -12.02 35.00
N SER A 6 22.27 -11.92 35.07
CA SER A 6 21.41 -12.31 33.96
C SER A 6 21.26 -11.17 32.97
N GLY A 7 20.99 -9.97 33.47
CA GLY A 7 20.83 -8.81 32.61
C GLY A 7 19.38 -8.41 32.45
N VAL A 8 18.83 -8.64 31.26
CA VAL A 8 17.45 -8.30 30.98
C VAL A 8 17.02 -7.04 31.72
N GLU A 9 17.94 -6.07 31.80
CA GLU A 9 17.67 -4.81 32.49
C GLU A 9 17.57 -3.66 31.50
N PHE A 10 16.35 -3.18 31.29
CA PHE A 10 16.12 -2.07 30.36
C PHE A 10 16.72 -2.38 28.99
N SER A 11 16.54 -3.61 28.53
CA SER A 11 17.07 -4.04 27.24
C SER A 11 16.21 -3.50 26.10
N THR A 12 16.86 -3.00 25.06
CA THR A 12 16.16 -2.45 23.91
C THR A 12 15.70 -3.56 22.97
N LEU A 13 14.42 -3.93 23.09
CA LEU A 13 13.86 -4.98 22.26
C LEU A 13 13.81 -4.56 20.79
N PRO A 14 14.04 -5.51 19.89
CA PRO A 14 14.03 -5.26 18.44
C PRO A 14 12.63 -4.97 17.91
N ALA A 15 12.53 -4.03 16.98
CA ALA A 15 11.26 -3.66 16.40
C ALA A 15 11.25 -3.89 14.89
N GLY A 16 10.10 -4.27 14.36
CA GLY A 16 9.98 -4.53 12.94
C GLY A 16 10.85 -5.69 12.48
N PRO A 17 10.68 -6.10 11.22
CA PRO A 17 9.70 -5.49 10.31
C PRO A 17 8.27 -5.79 10.71
N PRO A 18 7.36 -4.85 10.43
CA PRO A 18 5.93 -4.99 10.75
C PRO A 18 5.24 -6.04 9.90
N ALA A 19 4.36 -6.82 10.51
CA ALA A 19 3.63 -7.86 9.79
C ALA A 19 2.91 -7.30 8.58
N PRO A 20 3.26 -7.81 7.39
CA PRO A 20 2.66 -7.37 6.13
C PRO A 20 1.20 -7.81 6.00
N PRO A 21 0.40 -7.00 5.29
CA PRO A 21 -1.02 -7.29 5.07
C PRO A 21 -1.24 -8.48 4.14
N GLN A 22 -2.49 -8.91 4.02
CA GLN A 22 -2.82 -10.04 3.16
C GLN A 22 -4.18 -9.84 2.50
N ASP A 23 -4.58 -10.78 1.67
CA ASP A 23 -5.86 -10.71 0.98
C ASP A 23 -5.90 -9.50 0.04
N VAL A 24 -4.73 -9.05 -0.40
CA VAL A 24 -4.63 -7.91 -1.29
C VAL A 24 -5.41 -8.14 -2.57
N THR A 25 -6.28 -7.19 -2.90
CA THR A 25 -7.10 -7.29 -4.11
C THR A 25 -7.39 -5.91 -4.68
N VAL A 26 -7.88 -5.89 -5.93
CA VAL A 26 -8.20 -4.63 -6.59
C VAL A 26 -9.67 -4.61 -7.02
N GLN A 27 -10.43 -3.71 -6.40
CA GLN A 27 -11.85 -3.57 -6.72
C GLN A 27 -12.08 -2.51 -7.78
N ALA A 28 -11.98 -1.25 -7.38
CA ALA A 28 -12.18 -0.14 -8.30
C ALA A 28 -11.91 1.19 -7.62
N GLY A 29 -11.23 2.10 -8.33
CA GLY A 29 -10.93 3.40 -7.77
C GLY A 29 -12.03 4.41 -8.03
N VAL A 30 -12.30 5.25 -7.04
CA VAL A 30 -13.33 6.28 -7.16
C VAL A 30 -13.34 6.87 -8.57
N THR A 31 -12.18 6.88 -9.21
CA THR A 31 -12.06 7.42 -10.56
C THR A 31 -11.58 6.37 -11.54
N PRO A 32 -11.85 6.58 -12.84
CA PRO A 32 -11.45 5.64 -13.90
C PRO A 32 -9.94 5.64 -14.11
N ALA A 33 -9.24 6.52 -13.42
CA ALA A 33 -7.78 6.62 -13.54
C ALA A 33 -7.10 6.11 -12.27
N THR A 34 -7.88 5.53 -11.37
CA THR A 34 -7.35 5.00 -10.12
C THR A 34 -8.02 3.68 -9.75
N ILE A 35 -7.50 3.02 -8.72
CA ILE A 35 -8.04 1.76 -8.27
C ILE A 35 -8.16 1.72 -6.75
N ARG A 36 -8.67 0.60 -6.22
CA ARG A 36 -8.82 0.44 -4.79
C ARG A 36 -8.18 -0.86 -4.31
N VAL A 37 -6.99 -0.75 -3.75
CA VAL A 37 -6.27 -1.93 -3.25
C VAL A 37 -6.74 -2.30 -1.85
N SER A 38 -7.62 -3.29 -1.76
CA SER A 38 -8.15 -3.75 -0.49
C SER A 38 -7.30 -4.89 0.07
N TRP A 39 -7.17 -4.93 1.40
CA TRP A 39 -6.39 -5.96 2.05
C TRP A 39 -6.92 -6.22 3.47
N ARG A 40 -6.22 -7.08 4.20
CA ARG A 40 -6.61 -7.42 5.56
C ARG A 40 -5.50 -7.08 6.55
N PRO A 41 -5.69 -5.98 7.29
CA PRO A 41 -4.71 -5.52 8.29
C PRO A 41 -4.63 -6.45 9.50
N PRO A 42 -3.41 -6.88 9.83
CA PRO A 42 -3.18 -7.78 10.97
C PRO A 42 -3.40 -7.09 12.31
N VAL A 43 -3.76 -7.87 13.32
CA VAL A 43 -4.01 -7.33 14.66
C VAL A 43 -2.78 -6.58 15.18
N LEU A 44 -3.03 -5.43 15.78
CA LEU A 44 -1.96 -4.61 16.33
C LEU A 44 -1.99 -4.61 17.86
N THR A 45 -0.83 -4.84 18.48
CA THR A 45 -0.74 -4.87 19.93
C THR A 45 -1.63 -3.80 20.56
N PRO A 46 -2.00 -4.01 21.83
CA PRO A 46 -2.85 -3.08 22.58
C PRO A 46 -2.14 -1.77 22.89
N THR A 47 -1.02 -1.53 22.22
CA THR A 47 -0.25 -0.32 22.43
C THR A 47 0.02 0.39 21.11
N GLY A 48 -0.26 -0.29 20.00
CA GLY A 48 -0.04 0.29 18.69
C GLY A 48 1.23 -0.22 18.03
N LEU A 49 1.31 -1.53 17.84
CA LEU A 49 2.48 -2.14 17.22
C LEU A 49 2.12 -3.49 16.59
N SER A 50 2.61 -3.70 15.38
CA SER A 50 2.34 -4.95 14.66
C SER A 50 3.35 -6.03 15.06
N ASN A 51 4.59 -5.87 14.60
CA ASN A 51 5.64 -6.83 14.89
C ASN A 51 6.73 -6.19 15.76
N GLY A 52 6.37 -5.09 16.43
CA GLY A 52 7.33 -4.41 17.27
C GLY A 52 7.58 -2.98 16.82
N ALA A 53 7.11 -2.64 15.63
CA ALA A 53 7.29 -1.30 15.08
C ALA A 53 6.00 -0.50 15.18
N ASN A 54 6.12 0.82 15.07
CA ASN A 54 4.97 1.71 15.15
C ASN A 54 4.32 1.90 13.78
N VAL A 55 3.32 1.08 13.48
CA VAL A 55 2.62 1.16 12.20
C VAL A 55 1.83 2.45 12.09
N THR A 56 2.29 3.34 11.19
CA THR A 56 1.62 4.62 10.97
C THR A 56 0.82 4.61 9.68
N GLY A 57 0.93 3.53 8.92
CA GLY A 57 0.20 3.41 7.67
C GLY A 57 0.79 2.35 6.76
N TYR A 58 0.25 2.26 5.54
CA TYR A 58 0.72 1.27 4.57
C TYR A 58 1.31 1.95 3.34
N GLY A 59 1.87 1.15 2.44
CA GLY A 59 2.46 1.70 1.23
C GLY A 59 2.22 0.81 0.03
N VAL A 60 1.79 1.42 -1.08
CA VAL A 60 1.53 0.67 -2.31
C VAL A 60 2.70 0.80 -3.29
N TYR A 61 3.05 -0.31 -3.93
CA TYR A 61 4.14 -0.31 -4.89
C TYR A 61 3.77 -1.12 -6.14
N ALA A 62 4.40 -0.80 -7.25
CA ALA A 62 4.15 -1.49 -8.51
C ALA A 62 5.42 -2.13 -9.06
N LYS A 63 6.33 -1.29 -9.53
CA LYS A 63 7.60 -1.77 -10.09
C LYS A 63 8.79 -1.17 -9.33
N GLY A 64 8.71 -1.19 -8.00
CA GLY A 64 9.78 -0.65 -7.19
C GLY A 64 9.62 0.83 -6.92
N GLN A 65 8.46 1.37 -7.28
CA GLN A 65 8.18 2.78 -7.09
C GLN A 65 6.84 2.98 -6.39
N ARG A 66 6.89 3.50 -5.16
CA ARG A 66 5.68 3.73 -4.38
C ARG A 66 4.66 4.52 -5.19
N VAL A 67 3.54 3.86 -5.53
CA VAL A 67 2.49 4.50 -6.30
C VAL A 67 1.51 5.24 -5.39
N ALA A 68 1.39 4.77 -4.16
CA ALA A 68 0.49 5.38 -3.18
C ALA A 68 0.92 5.05 -1.76
N GLU A 69 0.20 5.61 -0.78
CA GLU A 69 0.51 5.38 0.62
C GLU A 69 -0.60 5.92 1.52
N VAL A 70 -1.05 5.10 2.46
CA VAL A 70 -2.10 5.49 3.38
C VAL A 70 -1.59 5.59 4.81
N ILE A 71 -1.75 6.76 5.42
CA ILE A 71 -1.28 6.99 6.79
C ILE A 71 -2.27 6.39 7.79
N PHE A 72 -2.71 5.17 7.54
CA PHE A 72 -3.64 4.49 8.42
C PHE A 72 -3.23 3.04 8.64
N PRO A 73 -2.85 2.72 9.89
CA PRO A 73 -2.42 1.37 10.26
C PRO A 73 -3.57 0.37 10.26
N THR A 74 -4.79 0.88 10.42
CA THR A 74 -5.97 0.03 10.42
C THR A 74 -6.74 0.15 9.12
N ALA A 75 -6.05 0.53 8.06
CA ALA A 75 -6.66 0.68 6.74
C ALA A 75 -6.87 -0.68 6.09
N ASP A 76 -7.95 -0.80 5.32
CA ASP A 76 -8.27 -2.06 4.63
C ASP A 76 -8.34 -1.83 3.13
N SER A 77 -8.15 -0.59 2.70
CA SER A 77 -8.21 -0.24 1.28
C SER A 77 -7.68 1.16 1.04
N THR A 78 -6.90 1.33 -0.02
CA THR A 78 -6.33 2.62 -0.35
C THR A 78 -6.38 2.87 -1.86
N ALA A 79 -6.62 4.11 -2.25
CA ALA A 79 -6.70 4.48 -3.65
C ALA A 79 -5.30 4.59 -4.26
N VAL A 80 -5.18 4.18 -5.52
CA VAL A 80 -3.90 4.25 -6.22
C VAL A 80 -4.07 4.70 -7.66
N GLU A 81 -3.14 5.52 -8.14
CA GLU A 81 -3.20 6.04 -9.50
C GLU A 81 -2.79 4.96 -10.50
N LEU A 82 -3.62 4.78 -11.52
CA LEU A 82 -3.35 3.77 -12.56
C LEU A 82 -2.26 4.26 -13.51
N VAL A 83 -2.16 5.57 -13.67
CA VAL A 83 -1.16 6.16 -14.55
C VAL A 83 0.25 5.77 -14.11
N ARG A 84 0.46 5.72 -12.81
CA ARG A 84 1.77 5.38 -12.26
C ARG A 84 2.16 3.95 -12.66
N LEU A 85 1.17 3.15 -13.02
CA LEU A 85 1.41 1.77 -13.44
C LEU A 85 1.67 1.69 -14.94
N ARG A 86 1.15 2.65 -15.68
CA ARG A 86 1.33 2.69 -17.13
C ARG A 86 2.79 2.96 -17.48
N SER A 87 3.33 4.05 -16.94
CA SER A 87 4.72 4.42 -17.21
C SER A 87 5.66 3.25 -16.93
N LEU A 88 5.34 2.49 -15.88
CA LEU A 88 6.16 1.34 -15.50
C LEU A 88 5.62 0.06 -16.13
N GLU A 89 4.40 0.12 -16.63
CA GLU A 89 3.76 -1.03 -17.26
C GLU A 89 3.59 -2.17 -16.26
N ALA A 90 3.27 -1.82 -15.02
CA ALA A 90 3.08 -2.80 -13.96
C ALA A 90 1.69 -3.43 -14.06
N LYS A 91 1.64 -4.76 -13.96
CA LYS A 91 0.37 -5.47 -14.03
C LYS A 91 -0.05 -5.97 -12.65
N GLY A 92 0.59 -5.43 -11.61
CA GLY A 92 0.26 -5.82 -10.25
C GLY A 92 0.84 -4.88 -9.22
N VAL A 93 0.20 -4.81 -8.06
CA VAL A 93 0.66 -3.94 -6.99
C VAL A 93 0.82 -4.71 -5.68
N THR A 94 1.45 -4.08 -4.69
CA THR A 94 1.65 -4.71 -3.39
C THR A 94 1.40 -3.73 -2.25
N VAL A 95 1.33 -4.24 -1.03
CA VAL A 95 1.09 -3.41 0.13
C VAL A 95 2.08 -3.73 1.25
N ARG A 96 2.87 -2.73 1.64
CA ARG A 96 3.85 -2.91 2.69
C ARG A 96 3.48 -2.10 3.94
N THR A 97 3.54 -2.75 5.09
CA THR A 97 3.20 -2.09 6.36
C THR A 97 4.26 -1.06 6.74
N LEU A 98 3.87 0.21 6.71
CA LEU A 98 4.78 1.29 7.05
C LEU A 98 4.82 1.51 8.56
N SER A 99 6.00 1.89 9.07
CA SER A 99 6.16 2.12 10.50
C SER A 99 7.36 3.04 10.75
N ALA A 100 7.47 3.52 11.99
CA ALA A 100 8.56 4.41 12.37
C ALA A 100 9.91 3.77 12.09
N GLN A 101 9.98 2.46 12.28
CA GLN A 101 11.23 1.72 12.05
C GLN A 101 11.53 1.59 10.56
N GLY A 102 10.50 1.28 9.78
CA GLY A 102 10.67 1.14 8.35
C GLY A 102 9.49 0.48 7.68
N GLU A 103 9.72 -0.17 6.55
CA GLU A 103 8.66 -0.84 5.82
C GLU A 103 8.81 -2.36 5.90
N SER A 104 7.84 -3.08 5.36
CA SER A 104 7.86 -4.53 5.38
C SER A 104 7.83 -5.10 3.96
N VAL A 105 7.94 -6.42 3.85
CA VAL A 105 7.94 -7.08 2.56
C VAL A 105 6.69 -6.73 1.76
N ASP A 106 6.73 -6.97 0.45
CA ASP A 106 5.61 -6.67 -0.42
C ASP A 106 4.56 -7.77 -0.35
N SER A 107 3.34 -7.40 0.01
CA SER A 107 2.24 -8.36 0.13
C SER A 107 2.00 -9.07 -1.20
N ALA A 108 1.09 -10.04 -1.19
CA ALA A 108 0.77 -10.79 -2.40
C ALA A 108 0.47 -9.86 -3.57
N VAL A 109 1.42 -9.74 -4.48
CA VAL A 109 1.26 -8.88 -5.65
C VAL A 109 -0.11 -9.08 -6.28
N ALA A 110 -1.00 -8.12 -6.06
CA ALA A 110 -2.36 -8.19 -6.61
C ALA A 110 -2.38 -7.73 -8.06
N ALA A 111 -2.35 -8.69 -8.98
CA ALA A 111 -2.36 -8.38 -10.40
C ALA A 111 -3.60 -7.56 -10.78
N VAL A 112 -3.38 -6.31 -11.16
CA VAL A 112 -4.47 -5.42 -11.54
C VAL A 112 -5.18 -5.94 -12.79
N PRO A 113 -6.52 -5.89 -12.77
CA PRO A 113 -7.35 -6.34 -13.89
C PRO A 113 -7.24 -5.42 -15.10
N PRO A 114 -7.30 -6.02 -16.30
CA PRO A 114 -7.21 -5.27 -17.56
C PRO A 114 -8.44 -4.42 -17.81
N GLU A 115 -9.51 -4.69 -17.07
CA GLU A 115 -10.75 -3.94 -17.22
C GLU A 115 -10.64 -2.58 -16.56
N LEU A 116 -9.94 -2.53 -15.43
CA LEU A 116 -9.76 -1.28 -14.69
C LEU A 116 -8.74 -0.38 -15.37
N LEU A 117 -7.73 -0.99 -15.97
CA LEU A 117 -6.68 -0.24 -16.66
C LEU A 117 -7.22 0.38 -17.95
N VAL A 118 -8.24 -0.27 -18.53
CA VAL A 118 -8.84 0.21 -19.76
C VAL A 118 -9.73 1.41 -19.50
N PRO A 119 -9.65 2.42 -20.39
CA PRO A 119 -10.46 3.65 -20.28
C PRO A 119 -11.94 3.40 -20.54
N PRO A 120 -12.78 4.34 -20.11
CA PRO A 120 -14.23 4.25 -20.28
C PRO A 120 -14.66 4.40 -21.74
N THR A 121 -15.79 3.80 -22.09
CA THR A 121 -16.30 3.87 -23.45
C THR A 121 -17.66 4.55 -23.49
N PRO A 122 -17.86 5.42 -24.49
CA PRO A 122 -19.12 6.15 -24.68
C PRO A 122 -20.26 5.23 -25.11
N HIS A 123 -21.47 5.54 -24.66
CA HIS A 123 -22.65 4.76 -25.01
C HIS A 123 -23.16 5.13 -26.39
N PRO A 124 -23.64 4.13 -27.14
CA PRO A 124 -24.18 4.33 -28.49
C PRO A 124 -25.50 5.10 -28.48
N SER A 125 -26.27 4.93 -27.42
CA SER A 125 -27.56 5.60 -27.29
C SER A 125 -27.37 7.07 -26.89
N GLY A 126 -27.79 7.98 -27.77
CA GLY A 126 -27.67 9.39 -27.50
C GLY A 126 -27.69 10.23 -28.76
N PRO A 127 -26.51 10.45 -29.35
CA PRO A 127 -26.38 11.25 -30.57
C PRO A 127 -26.96 10.54 -31.79
N SER A 128 -27.51 9.35 -31.57
CA SER A 128 -28.10 8.57 -32.65
C SER A 128 -29.60 8.83 -32.75
N SER A 129 -29.97 9.72 -33.67
CA SER A 129 -31.38 10.06 -33.86
C SER A 129 -32.10 8.98 -34.67
N GLY A 130 -31.46 8.54 -35.75
CA GLY A 130 -32.06 7.51 -36.58
C GLY A 130 -32.42 6.26 -35.80
N GLY A 1 37.75 12.25 16.77
CA GLY A 1 37.85 13.06 17.97
C GLY A 1 36.59 13.04 18.79
N SER A 2 36.39 14.08 19.60
CA SER A 2 35.21 14.17 20.45
C SER A 2 33.94 13.86 19.65
N SER A 3 33.67 14.69 18.65
CA SER A 3 32.50 14.51 17.82
C SER A 3 31.22 14.44 18.66
N GLY A 4 31.15 15.31 19.67
CA GLY A 4 29.99 15.34 20.54
C GLY A 4 30.12 16.36 21.64
N SER A 5 29.57 17.56 21.40
CA SER A 5 29.63 18.63 22.39
C SER A 5 28.26 18.90 22.99
N SER A 6 27.93 18.16 24.05
CA SER A 6 26.64 18.31 24.71
C SER A 6 25.50 18.22 23.71
N GLY A 7 25.61 17.28 22.78
CA GLY A 7 24.57 17.10 21.78
C GLY A 7 23.68 15.91 22.06
N VAL A 8 22.69 15.69 21.20
CA VAL A 8 21.77 14.57 21.36
C VAL A 8 21.92 13.58 20.22
N GLU A 9 21.99 12.29 20.58
CA GLU A 9 22.13 11.24 19.58
C GLU A 9 20.78 10.61 19.27
N PHE A 10 20.77 9.68 18.31
CA PHE A 10 19.54 9.01 17.90
C PHE A 10 19.52 7.57 18.41
N SER A 11 18.52 7.25 19.23
CA SER A 11 18.40 5.90 19.78
C SER A 11 17.38 5.09 19.00
N THR A 12 17.85 3.99 18.39
CA THR A 12 16.99 3.13 17.60
C THR A 12 16.79 1.78 18.29
N LEU A 13 15.62 1.60 18.90
CA LEU A 13 15.31 0.36 19.59
C LEU A 13 14.94 -0.75 18.59
N PRO A 14 15.10 -2.01 19.03
CA PRO A 14 14.79 -3.17 18.18
C PRO A 14 13.30 -3.33 17.96
N ALA A 15 12.88 -3.19 16.70
CA ALA A 15 11.47 -3.32 16.34
C ALA A 15 11.30 -3.67 14.87
N GLY A 16 10.19 -4.31 14.53
CA GLY A 16 9.94 -4.69 13.15
C GLY A 16 10.78 -5.87 12.72
N PRO A 17 10.62 -6.28 11.45
CA PRO A 17 9.70 -5.62 10.52
C PRO A 17 8.24 -5.88 10.88
N PRO A 18 7.37 -4.92 10.52
CA PRO A 18 5.94 -5.03 10.79
C PRO A 18 5.26 -6.09 9.95
N ALA A 19 4.30 -6.80 10.54
CA ALA A 19 3.58 -7.86 9.85
C ALA A 19 2.85 -7.30 8.62
N PRO A 20 3.22 -7.82 7.43
CA PRO A 20 2.63 -7.39 6.17
C PRO A 20 1.19 -7.85 6.02
N PRO A 21 0.36 -7.04 5.33
CA PRO A 21 -1.04 -7.34 5.11
C PRO A 21 -1.24 -8.50 4.15
N GLN A 22 -2.48 -8.96 4.03
CA GLN A 22 -2.80 -10.07 3.13
C GLN A 22 -4.15 -9.85 2.46
N ASP A 23 -4.60 -10.86 1.70
CA ASP A 23 -5.87 -10.78 1.00
C ASP A 23 -5.94 -9.53 0.13
N VAL A 24 -4.80 -9.14 -0.44
CA VAL A 24 -4.72 -7.97 -1.30
C VAL A 24 -5.51 -8.17 -2.58
N THR A 25 -6.30 -7.16 -2.95
CA THR A 25 -7.11 -7.23 -4.16
C THR A 25 -7.38 -5.84 -4.71
N VAL A 26 -7.93 -5.78 -5.93
CA VAL A 26 -8.24 -4.51 -6.57
C VAL A 26 -9.70 -4.47 -7.03
N GLN A 27 -10.48 -3.62 -6.38
CA GLN A 27 -11.90 -3.49 -6.72
C GLN A 27 -12.10 -2.40 -7.78
N ALA A 28 -12.01 -1.14 -7.35
CA ALA A 28 -12.18 -0.02 -8.27
C ALA A 28 -11.93 1.30 -7.55
N GLY A 29 -11.23 2.21 -8.24
CA GLY A 29 -10.94 3.51 -7.66
C GLY A 29 -12.02 4.53 -7.94
N VAL A 30 -12.33 5.36 -6.94
CA VAL A 30 -13.35 6.38 -7.10
C VAL A 30 -13.35 6.97 -8.51
N THR A 31 -12.18 7.00 -9.13
CA THR A 31 -12.04 7.52 -10.48
C THR A 31 -11.60 6.43 -11.45
N PRO A 32 -11.89 6.64 -12.75
CA PRO A 32 -11.53 5.68 -13.80
C PRO A 32 -10.02 5.63 -14.04
N ALA A 33 -9.29 6.50 -13.37
CA ALA A 33 -7.83 6.55 -13.51
C ALA A 33 -7.14 6.03 -12.25
N THR A 34 -7.94 5.52 -11.31
CA THR A 34 -7.40 5.00 -10.06
C THR A 34 -8.07 3.68 -9.69
N ILE A 35 -7.54 3.03 -8.66
CA ILE A 35 -8.08 1.75 -8.21
C ILE A 35 -8.14 1.69 -6.69
N ARG A 36 -8.82 0.67 -6.17
CA ARG A 36 -8.96 0.50 -4.72
C ARG A 36 -8.31 -0.80 -4.27
N VAL A 37 -7.11 -0.68 -3.71
CA VAL A 37 -6.37 -1.85 -3.22
C VAL A 37 -6.81 -2.23 -1.82
N SER A 38 -7.68 -3.24 -1.74
CA SER A 38 -8.20 -3.70 -0.45
C SER A 38 -7.34 -4.85 0.08
N TRP A 39 -7.12 -4.85 1.38
CA TRP A 39 -6.32 -5.89 2.03
C TRP A 39 -6.82 -6.16 3.44
N ARG A 40 -6.15 -7.08 4.14
CA ARG A 40 -6.53 -7.43 5.50
C ARG A 40 -5.40 -7.09 6.47
N PRO A 41 -5.62 -6.04 7.28
CA PRO A 41 -4.64 -5.59 8.27
C PRO A 41 -4.49 -6.57 9.43
N PRO A 42 -3.24 -6.98 9.71
CA PRO A 42 -2.95 -7.92 10.79
C PRO A 42 -3.14 -7.29 12.16
N VAL A 43 -3.74 -8.06 13.08
CA VAL A 43 -3.98 -7.58 14.43
C VAL A 43 -2.81 -6.78 14.96
N LEU A 44 -3.10 -5.71 15.70
CA LEU A 44 -2.06 -4.86 16.27
C LEU A 44 -2.10 -4.88 17.79
N THR A 45 -0.93 -5.01 18.40
CA THR A 45 -0.82 -5.05 19.85
C THR A 45 -1.82 -4.09 20.50
N PRO A 46 -2.15 -4.34 21.77
CA PRO A 46 -3.09 -3.51 22.53
C PRO A 46 -2.51 -2.13 22.86
N THR A 47 -1.39 -1.80 22.21
CA THR A 47 -0.73 -0.52 22.43
C THR A 47 -0.50 0.21 21.12
N GLY A 48 -0.61 -0.52 20.01
CA GLY A 48 -0.41 0.08 18.71
C GLY A 48 0.95 -0.24 18.13
N LEU A 49 1.23 -1.52 17.93
CA LEU A 49 2.51 -1.94 17.38
C LEU A 49 2.38 -3.29 16.66
N SER A 50 2.92 -3.36 15.45
CA SER A 50 2.86 -4.58 14.66
C SER A 50 4.19 -5.31 14.67
N ASN A 51 4.32 -6.31 15.53
CA ASN A 51 5.55 -7.08 15.65
C ASN A 51 6.65 -6.26 16.31
N GLY A 52 6.25 -5.27 17.10
CA GLY A 52 7.21 -4.43 17.78
C GLY A 52 7.45 -3.12 17.04
N ALA A 53 6.94 -3.03 15.82
CA ALA A 53 7.11 -1.83 15.01
C ALA A 53 5.93 -0.89 15.18
N ASN A 54 6.16 0.40 14.93
CA ASN A 54 5.11 1.40 15.06
C ASN A 54 4.44 1.66 13.70
N VAL A 55 3.45 0.84 13.38
CA VAL A 55 2.72 0.98 12.12
C VAL A 55 1.94 2.28 12.08
N THR A 56 2.33 3.18 11.18
CA THR A 56 1.66 4.47 11.03
C THR A 56 0.93 4.56 9.70
N GLY A 57 0.96 3.48 8.93
CA GLY A 57 0.29 3.46 7.64
C GLY A 57 0.85 2.39 6.72
N TYR A 58 0.28 2.28 5.52
CA TYR A 58 0.72 1.30 4.55
C TYR A 58 1.25 1.97 3.29
N GLY A 59 1.80 1.17 2.38
CA GLY A 59 2.34 1.70 1.14
C GLY A 59 2.15 0.76 -0.02
N VAL A 60 1.76 1.31 -1.17
CA VAL A 60 1.55 0.51 -2.37
C VAL A 60 2.73 0.63 -3.33
N TYR A 61 3.10 -0.50 -3.94
CA TYR A 61 4.22 -0.52 -4.88
C TYR A 61 3.85 -1.28 -6.14
N ALA A 62 4.33 -0.78 -7.28
CA ALA A 62 4.04 -1.42 -8.57
C ALA A 62 5.31 -2.05 -9.15
N LYS A 63 6.22 -1.20 -9.63
CA LYS A 63 7.45 -1.68 -10.22
C LYS A 63 8.66 -1.13 -9.46
N GLY A 64 8.60 -1.22 -8.13
CA GLY A 64 9.69 -0.74 -7.31
C GLY A 64 9.62 0.76 -7.08
N GLN A 65 8.46 1.34 -7.34
CA GLN A 65 8.27 2.78 -7.16
C GLN A 65 6.96 3.07 -6.43
N ARG A 66 7.06 3.57 -5.21
CA ARG A 66 5.88 3.89 -4.41
C ARG A 66 4.87 4.69 -5.23
N VAL A 67 3.68 4.14 -5.37
CA VAL A 67 2.61 4.80 -6.13
C VAL A 67 1.61 5.47 -5.20
N ALA A 68 1.35 4.82 -4.07
CA ALA A 68 0.41 5.36 -3.09
C ALA A 68 0.86 5.05 -1.67
N GLU A 69 0.25 5.73 -0.70
CA GLU A 69 0.60 5.52 0.70
C GLU A 69 -0.51 6.04 1.61
N VAL A 70 -0.99 5.17 2.51
CA VAL A 70 -2.05 5.54 3.43
C VAL A 70 -1.53 5.59 4.86
N ILE A 71 -1.66 6.76 5.49
CA ILE A 71 -1.21 6.94 6.87
C ILE A 71 -2.20 6.35 7.85
N PHE A 72 -2.67 5.14 7.56
CA PHE A 72 -3.63 4.46 8.42
C PHE A 72 -3.22 3.01 8.66
N PRO A 73 -2.89 2.68 9.92
CA PRO A 73 -2.48 1.33 10.31
C PRO A 73 -3.63 0.33 10.23
N THR A 74 -4.86 0.82 10.37
CA THR A 74 -6.03 -0.03 10.32
C THR A 74 -6.76 0.12 8.99
N ALA A 75 -6.03 0.54 7.96
CA ALA A 75 -6.60 0.72 6.64
C ALA A 75 -6.73 -0.62 5.91
N ASP A 76 -7.88 -0.83 5.27
CA ASP A 76 -8.13 -2.06 4.54
C ASP A 76 -8.39 -1.78 3.07
N SER A 77 -8.14 -0.54 2.65
CA SER A 77 -8.35 -0.14 1.27
C SER A 77 -7.82 1.27 1.03
N THR A 78 -7.03 1.42 -0.04
CA THR A 78 -6.45 2.71 -0.38
C THR A 78 -6.53 2.97 -1.88
N ALA A 79 -6.51 4.25 -2.26
CA ALA A 79 -6.57 4.62 -3.66
C ALA A 79 -5.17 4.69 -4.27
N VAL A 80 -5.07 4.33 -5.55
CA VAL A 80 -3.79 4.35 -6.25
C VAL A 80 -3.97 4.79 -7.71
N GLU A 81 -3.04 5.61 -8.19
CA GLU A 81 -3.09 6.10 -9.56
C GLU A 81 -2.71 5.00 -10.55
N LEU A 82 -3.56 4.78 -11.54
CA LEU A 82 -3.32 3.77 -12.56
C LEU A 82 -2.24 4.21 -13.53
N VAL A 83 -2.17 5.52 -13.76
CA VAL A 83 -1.18 6.09 -14.67
C VAL A 83 0.23 5.69 -14.27
N ARG A 84 0.48 5.67 -12.96
CA ARG A 84 1.79 5.31 -12.43
C ARG A 84 2.17 3.90 -12.85
N LEU A 85 1.17 3.05 -13.04
CA LEU A 85 1.40 1.66 -13.44
C LEU A 85 1.67 1.57 -14.94
N ARG A 86 1.23 2.59 -15.68
CA ARG A 86 1.42 2.61 -17.12
C ARG A 86 2.89 2.86 -17.47
N SER A 87 3.44 3.95 -16.94
CA SER A 87 4.83 4.31 -17.21
C SER A 87 5.75 3.12 -16.90
N LEU A 88 5.45 2.40 -15.84
CA LEU A 88 6.25 1.24 -15.43
C LEU A 88 5.72 -0.03 -16.07
N GLU A 89 4.47 0.02 -16.54
CA GLU A 89 3.84 -1.13 -17.17
C GLU A 89 3.66 -2.27 -16.17
N ALA A 90 3.36 -1.91 -14.92
CA ALA A 90 3.17 -2.90 -13.87
C ALA A 90 1.83 -3.62 -14.04
N LYS A 91 1.85 -4.94 -13.91
CA LYS A 91 0.64 -5.74 -14.05
C LYS A 91 0.14 -6.20 -12.68
N GLY A 92 0.65 -5.58 -11.63
CA GLY A 92 0.24 -5.94 -10.28
C GLY A 92 0.79 -4.99 -9.23
N VAL A 93 0.12 -4.92 -8.09
CA VAL A 93 0.55 -4.04 -7.00
C VAL A 93 0.67 -4.81 -5.69
N THR A 94 1.29 -4.18 -4.70
CA THR A 94 1.46 -4.81 -3.40
C THR A 94 1.22 -3.81 -2.27
N VAL A 95 1.25 -4.30 -1.04
CA VAL A 95 1.03 -3.44 0.12
C VAL A 95 2.05 -3.74 1.22
N ARG A 96 2.80 -2.72 1.62
CA ARG A 96 3.80 -2.85 2.66
C ARG A 96 3.43 -2.06 3.90
N THR A 97 3.55 -2.70 5.06
CA THR A 97 3.21 -2.05 6.32
C THR A 97 4.27 -1.03 6.72
N LEU A 98 3.89 0.25 6.67
CA LEU A 98 4.81 1.32 7.02
C LEU A 98 4.83 1.56 8.52
N SER A 99 5.99 1.90 9.06
CA SER A 99 6.13 2.17 10.49
C SER A 99 7.33 3.07 10.76
N ALA A 100 7.56 3.37 12.04
CA ALA A 100 8.67 4.22 12.43
C ALA A 100 10.01 3.57 12.09
N GLN A 101 10.06 2.25 12.17
CA GLN A 101 11.29 1.50 11.87
C GLN A 101 11.56 1.50 10.38
N GLY A 102 10.55 1.13 9.59
CA GLY A 102 10.70 1.08 8.15
C GLY A 102 9.53 0.43 7.46
N GLU A 103 9.81 -0.30 6.38
CA GLU A 103 8.75 -0.98 5.63
C GLU A 103 8.92 -2.48 5.69
N SER A 104 7.85 -3.21 5.39
CA SER A 104 7.87 -4.66 5.42
C SER A 104 7.75 -5.24 4.01
N VAL A 105 7.94 -6.55 3.90
CA VAL A 105 7.86 -7.23 2.60
C VAL A 105 6.61 -6.81 1.85
N ASP A 106 6.58 -7.11 0.55
CA ASP A 106 5.43 -6.76 -0.29
C ASP A 106 4.36 -7.84 -0.21
N SER A 107 3.15 -7.43 0.14
CA SER A 107 2.03 -8.38 0.25
C SER A 107 1.79 -9.09 -1.08
N ALA A 108 0.84 -10.01 -1.07
CA ALA A 108 0.51 -10.77 -2.28
C ALA A 108 0.24 -9.85 -3.45
N VAL A 109 1.17 -9.84 -4.42
CA VAL A 109 1.04 -9.01 -5.59
C VAL A 109 -0.31 -9.20 -6.26
N ALA A 110 -1.21 -8.23 -6.09
CA ALA A 110 -2.54 -8.29 -6.68
C ALA A 110 -2.53 -7.79 -8.12
N ALA A 111 -2.47 -8.71 -9.06
CA ALA A 111 -2.45 -8.34 -10.48
C ALA A 111 -3.67 -7.50 -10.84
N VAL A 112 -3.42 -6.25 -11.20
CA VAL A 112 -4.49 -5.33 -11.57
C VAL A 112 -5.17 -5.77 -12.86
N PRO A 113 -6.50 -5.69 -12.89
CA PRO A 113 -7.30 -6.08 -14.06
C PRO A 113 -7.12 -5.11 -15.21
N PRO A 114 -7.17 -5.64 -16.44
CA PRO A 114 -7.02 -4.83 -17.66
C PRO A 114 -8.21 -3.92 -17.91
N GLU A 115 -9.38 -4.31 -17.38
CA GLU A 115 -10.59 -3.53 -17.54
C GLU A 115 -10.49 -2.20 -16.81
N LEU A 116 -9.74 -2.20 -15.71
CA LEU A 116 -9.56 -0.99 -14.91
C LEU A 116 -8.38 -0.17 -15.44
N LEU A 117 -7.37 -0.86 -15.97
CA LEU A 117 -6.19 -0.19 -16.50
C LEU A 117 -6.54 0.60 -17.76
N VAL A 118 -7.38 0.02 -18.60
CA VAL A 118 -7.80 0.67 -19.83
C VAL A 118 -8.87 1.73 -19.57
N PRO A 119 -8.72 2.89 -20.23
CA PRO A 119 -9.66 4.01 -20.09
C PRO A 119 -11.02 3.71 -20.71
N PRO A 120 -12.01 4.58 -20.43
CA PRO A 120 -13.37 4.43 -20.95
C PRO A 120 -13.44 4.67 -22.46
N THR A 121 -14.12 3.77 -23.16
CA THR A 121 -14.27 3.88 -24.60
C THR A 121 -15.71 4.21 -24.99
N PRO A 122 -15.86 5.14 -25.96
CA PRO A 122 -17.18 5.55 -26.43
C PRO A 122 -17.89 4.46 -27.22
N HIS A 123 -19.21 4.51 -27.22
CA HIS A 123 -20.01 3.52 -27.95
C HIS A 123 -19.70 3.56 -29.43
N PRO A 124 -19.10 2.47 -29.94
CA PRO A 124 -18.73 2.36 -31.35
C PRO A 124 -19.95 2.22 -32.27
N SER A 125 -19.74 2.45 -33.56
CA SER A 125 -20.83 2.35 -34.52
C SER A 125 -20.31 1.90 -35.89
N GLY A 126 -21.10 1.08 -36.58
CA GLY A 126 -20.71 0.60 -37.89
C GLY A 126 -20.14 1.69 -38.77
N PRO A 127 -19.59 1.30 -39.93
CA PRO A 127 -19.00 2.24 -40.89
C PRO A 127 -20.05 3.10 -41.57
N SER A 128 -19.71 4.36 -41.82
CA SER A 128 -20.62 5.30 -42.47
C SER A 128 -20.44 5.27 -43.98
N SER A 129 -20.29 4.08 -44.54
CA SER A 129 -20.10 3.92 -45.98
C SER A 129 -21.19 3.02 -46.57
N GLY A 130 -21.50 3.24 -47.84
CA GLY A 130 -22.51 2.45 -48.51
C GLY A 130 -23.91 3.04 -48.36
N GLY A 1 13.41 19.06 44.22
CA GLY A 1 11.99 19.05 43.94
C GLY A 1 11.68 18.54 42.54
N SER A 2 12.29 19.18 41.54
CA SER A 2 12.07 18.79 40.15
C SER A 2 13.40 18.54 39.45
N SER A 3 14.34 19.46 39.62
CA SER A 3 15.64 19.34 38.99
C SER A 3 16.57 18.48 39.84
N GLY A 4 16.57 17.18 39.57
CA GLY A 4 17.42 16.26 40.32
C GLY A 4 18.21 15.33 39.42
N SER A 5 17.59 14.20 39.05
CA SER A 5 18.25 13.23 38.19
C SER A 5 17.53 13.13 36.84
N SER A 6 16.22 12.91 36.89
CA SER A 6 15.43 12.79 35.66
C SER A 6 16.18 11.99 34.61
N GLY A 7 16.85 10.92 35.04
CA GLY A 7 17.59 10.09 34.11
C GLY A 7 16.69 9.17 33.32
N VAL A 8 16.89 9.15 32.01
CA VAL A 8 16.09 8.30 31.13
C VAL A 8 16.81 6.99 30.84
N GLU A 9 16.05 5.89 30.91
CA GLU A 9 16.61 4.56 30.66
C GLU A 9 16.40 4.16 29.21
N PHE A 10 17.44 3.60 28.59
CA PHE A 10 17.37 3.17 27.20
C PHE A 10 16.76 1.76 27.10
N SER A 11 16.37 1.39 25.90
CA SER A 11 15.77 0.07 25.66
C SER A 11 16.46 -0.64 24.50
N THR A 12 16.82 0.12 23.48
CA THR A 12 17.49 -0.44 22.31
C THR A 12 16.95 -1.83 21.98
N LEU A 13 15.64 -2.00 22.07
CA LEU A 13 15.00 -3.28 21.79
C LEU A 13 14.71 -3.42 20.30
N PRO A 14 14.87 -4.65 19.78
CA PRO A 14 14.62 -4.96 18.37
C PRO A 14 13.14 -4.88 18.01
N ALA A 15 12.85 -4.31 16.84
CA ALA A 15 11.47 -4.18 16.38
C ALA A 15 11.39 -4.29 14.86
N GLY A 16 10.23 -4.72 14.36
CA GLY A 16 10.04 -4.85 12.94
C GLY A 16 10.82 -6.01 12.36
N PRO A 17 10.60 -6.30 11.06
CA PRO A 17 9.65 -5.55 10.24
C PRO A 17 8.20 -5.79 10.65
N PRO A 18 7.33 -4.81 10.36
CA PRO A 18 5.91 -4.90 10.68
C PRO A 18 5.18 -5.95 9.84
N ALA A 19 4.40 -6.80 10.50
CA ALA A 19 3.65 -7.84 9.82
C ALA A 19 2.92 -7.27 8.60
N PRO A 20 3.28 -7.78 7.40
CA PRO A 20 2.67 -7.33 6.15
C PRO A 20 1.22 -7.80 6.01
N PRO A 21 0.41 -6.98 5.31
CA PRO A 21 -1.00 -7.28 5.09
C PRO A 21 -1.21 -8.46 4.15
N GLN A 22 -2.46 -8.91 4.04
CA GLN A 22 -2.78 -10.04 3.17
C GLN A 22 -4.14 -9.83 2.50
N ASP A 23 -4.56 -10.80 1.70
CA ASP A 23 -5.83 -10.74 1.00
C ASP A 23 -5.89 -9.48 0.11
N VAL A 24 -4.74 -9.12 -0.46
CA VAL A 24 -4.67 -7.95 -1.33
C VAL A 24 -5.45 -8.17 -2.62
N THR A 25 -6.33 -7.23 -2.95
CA THR A 25 -7.14 -7.32 -4.16
C THR A 25 -7.42 -5.93 -4.72
N VAL A 26 -7.94 -5.90 -5.94
CA VAL A 26 -8.27 -4.64 -6.61
C VAL A 26 -9.74 -4.58 -6.98
N GLN A 27 -10.48 -3.67 -6.36
CA GLN A 27 -11.90 -3.51 -6.63
C GLN A 27 -12.13 -2.43 -7.68
N ALA A 28 -12.01 -1.17 -7.26
CA ALA A 28 -12.20 -0.04 -8.17
C ALA A 28 -11.90 1.28 -7.47
N GLY A 29 -11.20 2.16 -8.18
CA GLY A 29 -10.86 3.45 -7.62
C GLY A 29 -11.92 4.50 -7.85
N VAL A 30 -12.17 5.34 -6.85
CA VAL A 30 -13.18 6.39 -6.96
C VAL A 30 -13.22 6.97 -8.38
N THR A 31 -12.08 6.95 -9.05
CA THR A 31 -11.98 7.46 -10.41
C THR A 31 -11.60 6.37 -11.39
N PRO A 32 -11.93 6.57 -12.68
CA PRO A 32 -11.62 5.61 -13.74
C PRO A 32 -10.13 5.54 -14.04
N ALA A 33 -9.35 6.37 -13.34
CA ALA A 33 -7.90 6.40 -13.54
C ALA A 33 -7.18 5.89 -12.30
N THR A 34 -7.94 5.37 -11.33
CA THR A 34 -7.36 4.85 -10.10
C THR A 34 -8.03 3.54 -9.70
N ILE A 35 -7.47 2.88 -8.70
CA ILE A 35 -8.00 1.61 -8.22
C ILE A 35 -8.05 1.57 -6.69
N ARG A 36 -8.74 0.57 -6.15
CA ARG A 36 -8.86 0.43 -4.70
C ARG A 36 -8.22 -0.87 -4.23
N VAL A 37 -7.02 -0.78 -3.67
CA VAL A 37 -6.31 -1.95 -3.18
C VAL A 37 -6.78 -2.32 -1.78
N SER A 38 -7.64 -3.34 -1.71
CA SER A 38 -8.18 -3.80 -0.43
C SER A 38 -7.34 -4.95 0.13
N TRP A 39 -7.15 -4.96 1.44
CA TRP A 39 -6.37 -6.00 2.10
C TRP A 39 -6.86 -6.23 3.52
N ARG A 40 -6.17 -7.11 4.24
CA ARG A 40 -6.53 -7.42 5.62
C ARG A 40 -5.38 -7.11 6.57
N PRO A 41 -5.52 -6.01 7.34
CA PRO A 41 -4.50 -5.59 8.30
C PRO A 41 -4.40 -6.53 9.49
N PRO A 42 -3.16 -6.94 9.81
CA PRO A 42 -2.89 -7.84 10.94
C PRO A 42 -3.12 -7.18 12.28
N VAL A 43 -3.67 -7.94 13.23
CA VAL A 43 -3.94 -7.42 14.57
C VAL A 43 -2.76 -6.62 15.09
N LEU A 44 -3.06 -5.49 15.72
CA LEU A 44 -2.02 -4.62 16.27
C LEU A 44 -2.07 -4.60 17.79
N THR A 45 -0.93 -4.80 18.43
CA THR A 45 -0.84 -4.81 19.88
C THR A 45 -1.78 -3.77 20.48
N PRO A 46 -2.14 -3.97 21.76
CA PRO A 46 -3.03 -3.06 22.48
C PRO A 46 -2.38 -1.71 22.78
N THR A 47 -1.27 -1.44 22.11
CA THR A 47 -0.54 -0.19 22.29
C THR A 47 -0.30 0.52 20.96
N GLY A 48 -0.47 -0.22 19.87
CA GLY A 48 -0.26 0.36 18.55
C GLY A 48 1.01 -0.12 17.90
N LEU A 49 1.15 -1.43 17.76
CA LEU A 49 2.34 -2.02 17.15
C LEU A 49 2.03 -3.38 16.55
N SER A 50 2.50 -3.61 15.33
CA SER A 50 2.26 -4.87 14.64
C SER A 50 3.31 -5.91 15.06
N ASN A 51 4.53 -5.74 14.58
CA ASN A 51 5.62 -6.66 14.89
C ASN A 51 6.70 -5.96 15.72
N GLY A 52 6.28 -5.04 16.58
CA GLY A 52 7.22 -4.32 17.41
C GLY A 52 7.45 -2.90 16.93
N ALA A 53 7.10 -2.63 15.67
CA ALA A 53 7.27 -1.31 15.10
C ALA A 53 5.97 -0.52 15.14
N ASN A 54 6.08 0.81 15.14
CA ASN A 54 4.92 1.68 15.19
C ASN A 54 4.33 1.86 13.79
N VAL A 55 3.21 1.19 13.54
CA VAL A 55 2.53 1.26 12.25
C VAL A 55 1.78 2.59 12.11
N THR A 56 2.24 3.43 11.19
CA THR A 56 1.61 4.73 10.96
C THR A 56 0.87 4.74 9.63
N GLY A 57 0.78 3.58 8.98
CA GLY A 57 0.10 3.48 7.70
C GLY A 57 0.69 2.41 6.81
N TYR A 58 0.20 2.34 5.58
CA TYR A 58 0.69 1.36 4.62
C TYR A 58 1.26 2.03 3.38
N GLY A 59 1.84 1.24 2.48
CA GLY A 59 2.42 1.77 1.27
C GLY A 59 2.27 0.84 0.09
N VAL A 60 1.80 1.38 -1.03
CA VAL A 60 1.60 0.58 -2.23
C VAL A 60 2.75 0.75 -3.20
N TYR A 61 3.15 -0.34 -3.85
CA TYR A 61 4.25 -0.30 -4.81
C TYR A 61 3.92 -1.11 -6.06
N ALA A 62 4.45 -0.68 -7.20
CA ALA A 62 4.21 -1.36 -8.46
C ALA A 62 5.49 -1.99 -9.00
N LYS A 63 6.38 -1.16 -9.54
CA LYS A 63 7.64 -1.63 -10.08
C LYS A 63 8.83 -1.02 -9.34
N GLY A 64 8.78 -1.11 -8.01
CA GLY A 64 9.86 -0.56 -7.20
C GLY A 64 9.72 0.93 -6.98
N GLN A 65 8.54 1.47 -7.27
CA GLN A 65 8.27 2.89 -7.11
C GLN A 65 6.96 3.13 -6.38
N ARG A 66 7.05 3.65 -5.17
CA ARG A 66 5.85 3.93 -4.37
C ARG A 66 4.80 4.67 -5.20
N VAL A 67 3.66 4.03 -5.42
CA VAL A 67 2.58 4.63 -6.19
C VAL A 67 1.56 5.29 -5.27
N ALA A 68 1.29 4.66 -4.13
CA ALA A 68 0.33 5.18 -3.17
C ALA A 68 0.79 4.92 -1.74
N GLU A 69 0.17 5.61 -0.78
CA GLU A 69 0.52 5.45 0.62
C GLU A 69 -0.59 5.98 1.52
N VAL A 70 -1.12 5.11 2.38
CA VAL A 70 -2.19 5.49 3.28
C VAL A 70 -1.68 5.63 4.71
N ILE A 71 -1.88 6.80 5.31
CA ILE A 71 -1.43 7.04 6.68
C ILE A 71 -2.39 6.42 7.69
N PHE A 72 -2.80 5.19 7.43
CA PHE A 72 -3.72 4.48 8.31
C PHE A 72 -3.24 3.05 8.56
N PRO A 73 -2.87 2.77 9.82
CA PRO A 73 -2.38 1.45 10.22
C PRO A 73 -3.49 0.40 10.20
N THR A 74 -4.72 0.85 10.41
CA THR A 74 -5.88 -0.06 10.42
C THR A 74 -6.67 0.06 9.13
N ALA A 75 -6.00 0.45 8.05
CA ALA A 75 -6.65 0.59 6.75
C ALA A 75 -6.80 -0.75 6.05
N ASP A 76 -7.91 -0.92 5.34
CA ASP A 76 -8.18 -2.16 4.63
C ASP A 76 -8.39 -1.91 3.14
N SER A 77 -8.18 -0.66 2.73
CA SER A 77 -8.36 -0.27 1.34
C SER A 77 -7.82 1.14 1.08
N THR A 78 -7.07 1.30 0.00
CA THR A 78 -6.50 2.59 -0.35
C THR A 78 -6.58 2.84 -1.85
N ALA A 79 -6.55 4.11 -2.24
CA ALA A 79 -6.62 4.48 -3.65
C ALA A 79 -5.22 4.58 -4.25
N VAL A 80 -5.10 4.20 -5.52
CA VAL A 80 -3.83 4.24 -6.22
C VAL A 80 -4.00 4.71 -7.67
N GLU A 81 -3.07 5.54 -8.13
CA GLU A 81 -3.12 6.05 -9.49
C GLU A 81 -2.72 4.98 -10.50
N LEU A 82 -3.58 4.75 -11.49
CA LEU A 82 -3.32 3.76 -12.52
C LEU A 82 -2.23 4.22 -13.47
N VAL A 83 -2.16 5.54 -13.68
CA VAL A 83 -1.17 6.13 -14.57
C VAL A 83 0.24 5.75 -14.13
N ARG A 84 0.46 5.73 -12.82
CA ARG A 84 1.78 5.39 -12.27
C ARG A 84 2.17 3.97 -12.65
N LEU A 85 1.17 3.15 -12.98
CA LEU A 85 1.41 1.76 -13.35
C LEU A 85 1.69 1.64 -14.85
N ARG A 86 1.13 2.57 -15.63
CA ARG A 86 1.31 2.58 -17.07
C ARG A 86 2.77 2.84 -17.44
N SER A 87 3.30 3.98 -16.98
CA SER A 87 4.67 4.35 -17.26
C SER A 87 5.63 3.19 -16.97
N LEU A 88 5.33 2.46 -15.90
CA LEU A 88 6.17 1.33 -15.51
C LEU A 88 5.65 0.03 -16.13
N GLU A 89 4.42 0.07 -16.63
CA GLU A 89 3.81 -1.09 -17.26
C GLU A 89 3.68 -2.24 -16.26
N ALA A 90 3.35 -1.91 -15.02
CA ALA A 90 3.20 -2.91 -13.98
C ALA A 90 1.85 -3.61 -14.08
N LYS A 91 1.85 -4.92 -14.02
CA LYS A 91 0.63 -5.71 -14.10
C LYS A 91 0.22 -6.23 -12.73
N GLY A 92 0.66 -5.54 -11.69
CA GLY A 92 0.33 -5.94 -10.33
C GLY A 92 0.87 -4.98 -9.29
N VAL A 93 0.19 -4.90 -8.15
CA VAL A 93 0.61 -4.02 -7.07
C VAL A 93 0.77 -4.77 -5.76
N THR A 94 1.33 -4.11 -4.76
CA THR A 94 1.55 -4.72 -3.46
C THR A 94 1.32 -3.73 -2.33
N VAL A 95 1.33 -4.22 -1.09
CA VAL A 95 1.12 -3.37 0.07
C VAL A 95 2.15 -3.67 1.15
N ARG A 96 2.77 -2.61 1.69
CA ARG A 96 3.77 -2.76 2.73
C ARG A 96 3.38 -1.98 3.98
N THR A 97 3.54 -2.61 5.14
CA THR A 97 3.19 -1.97 6.40
C THR A 97 4.23 -0.93 6.79
N LEU A 98 3.84 0.35 6.70
CA LEU A 98 4.73 1.44 7.04
C LEU A 98 4.84 1.61 8.55
N SER A 99 6.02 2.00 9.02
CA SER A 99 6.26 2.20 10.44
C SER A 99 7.51 3.02 10.68
N ALA A 100 7.62 3.60 11.88
CA ALA A 100 8.78 4.41 12.23
C ALA A 100 10.07 3.63 12.08
N GLN A 101 10.00 2.32 12.31
CA GLN A 101 11.17 1.45 12.19
C GLN A 101 11.53 1.21 10.73
N GLY A 102 10.51 0.93 9.92
CA GLY A 102 10.74 0.68 8.50
C GLY A 102 9.58 -0.05 7.85
N GLU A 103 9.62 -0.15 6.53
CA GLU A 103 8.58 -0.83 5.78
C GLU A 103 8.74 -2.34 5.87
N SER A 104 7.76 -3.07 5.32
CA SER A 104 7.80 -4.53 5.34
C SER A 104 7.71 -5.09 3.93
N VAL A 105 7.98 -6.38 3.79
CA VAL A 105 7.92 -7.05 2.49
C VAL A 105 6.66 -6.67 1.73
N ASP A 106 6.66 -6.93 0.43
CA ASP A 106 5.50 -6.60 -0.41
C ASP A 106 4.46 -7.72 -0.33
N SER A 107 3.25 -7.35 0.06
CA SER A 107 2.16 -8.31 0.18
C SER A 107 1.92 -9.03 -1.14
N ALA A 108 0.99 -9.98 -1.14
CA ALA A 108 0.66 -10.73 -2.34
C ALA A 108 0.38 -9.80 -3.52
N VAL A 109 1.25 -9.86 -4.53
CA VAL A 109 1.10 -9.03 -5.72
C VAL A 109 -0.28 -9.20 -6.34
N ALA A 110 -1.12 -8.18 -6.14
CA ALA A 110 -2.48 -8.22 -6.68
C ALA A 110 -2.50 -7.79 -8.14
N ALA A 111 -2.52 -8.76 -9.04
CA ALA A 111 -2.53 -8.49 -10.47
C ALA A 111 -3.72 -7.61 -10.85
N VAL A 112 -3.43 -6.36 -11.20
CA VAL A 112 -4.48 -5.41 -11.58
C VAL A 112 -5.18 -5.85 -12.85
N PRO A 113 -6.52 -5.74 -12.86
CA PRO A 113 -7.34 -6.12 -14.02
C PRO A 113 -7.15 -5.18 -15.20
N PRO A 114 -7.21 -5.74 -16.42
CA PRO A 114 -7.05 -4.96 -17.65
C PRO A 114 -8.23 -4.05 -17.91
N GLU A 115 -9.40 -4.43 -17.39
CA GLU A 115 -10.60 -3.63 -17.57
C GLU A 115 -10.50 -2.30 -16.83
N LEU A 116 -9.87 -2.33 -15.66
CA LEU A 116 -9.70 -1.13 -14.85
C LEU A 116 -8.51 -0.31 -15.33
N LEU A 117 -7.55 -0.98 -15.96
CA LEU A 117 -6.36 -0.31 -16.47
C LEU A 117 -6.70 0.57 -17.66
N VAL A 118 -7.60 0.08 -18.52
CA VAL A 118 -8.01 0.84 -19.70
C VAL A 118 -8.97 1.95 -19.33
N PRO A 119 -8.76 3.13 -19.94
CA PRO A 119 -9.60 4.31 -19.69
C PRO A 119 -11.01 4.15 -20.25
N PRO A 120 -11.92 5.02 -19.80
CA PRO A 120 -13.32 5.00 -20.25
C PRO A 120 -13.48 5.43 -21.70
N THR A 121 -14.54 4.98 -22.35
CA THR A 121 -14.80 5.32 -23.74
C THR A 121 -14.73 6.83 -23.96
N PRO A 122 -14.16 7.23 -25.10
CA PRO A 122 -14.02 8.65 -25.44
C PRO A 122 -15.36 9.30 -25.78
N HIS A 123 -15.59 10.48 -25.22
CA HIS A 123 -16.84 11.20 -25.47
C HIS A 123 -16.57 12.70 -25.63
N PRO A 124 -16.91 13.23 -26.81
CA PRO A 124 -16.72 14.66 -27.11
C PRO A 124 -17.67 15.55 -26.34
N SER A 125 -18.92 15.12 -26.21
CA SER A 125 -19.93 15.89 -25.49
C SER A 125 -19.31 16.62 -24.30
N GLY A 126 -19.66 17.89 -24.15
CA GLY A 126 -19.12 18.68 -23.06
C GLY A 126 -19.81 20.03 -22.92
N PRO A 127 -19.55 20.72 -21.81
CA PRO A 127 -20.13 22.05 -21.54
C PRO A 127 -19.59 23.13 -22.48
N SER A 128 -20.51 23.83 -23.15
CA SER A 128 -20.12 24.88 -24.07
C SER A 128 -19.73 26.15 -23.32
N SER A 129 -20.57 26.54 -22.35
CA SER A 129 -20.31 27.74 -21.56
C SER A 129 -19.36 27.44 -20.40
N GLY A 130 -18.30 28.23 -20.29
CA GLY A 130 -17.33 28.04 -19.24
C GLY A 130 -15.91 27.91 -19.76
N GLY A 1 14.30 22.04 48.44
CA GLY A 1 15.68 22.11 48.00
C GLY A 1 15.88 21.54 46.62
N SER A 2 17.14 21.26 46.28
CA SER A 2 17.46 20.71 44.97
C SER A 2 18.75 19.88 45.02
N SER A 3 18.99 19.10 43.97
CA SER A 3 20.18 18.25 43.91
C SER A 3 20.44 17.78 42.48
N GLY A 4 21.57 17.11 42.28
CA GLY A 4 21.91 16.62 40.96
C GLY A 4 21.44 15.20 40.73
N SER A 5 21.78 14.64 39.57
CA SER A 5 21.38 13.28 39.23
C SER A 5 22.18 12.76 38.03
N SER A 6 22.10 11.46 37.79
CA SER A 6 22.81 10.84 36.68
C SER A 6 21.83 10.34 35.62
N GLY A 7 22.38 9.88 34.50
CA GLY A 7 21.54 9.39 33.42
C GLY A 7 21.60 7.87 33.29
N VAL A 8 20.68 7.30 32.52
CA VAL A 8 20.63 5.87 32.31
C VAL A 8 20.98 5.50 30.87
N GLU A 9 21.53 4.31 30.69
CA GLU A 9 21.91 3.84 29.35
C GLU A 9 20.69 3.65 28.48
N PHE A 10 20.86 3.82 27.17
CA PHE A 10 19.77 3.67 26.22
C PHE A 10 19.64 2.22 25.77
N SER A 11 18.43 1.68 25.87
CA SER A 11 18.17 0.30 25.48
C SER A 11 17.44 0.25 24.13
N THR A 12 18.04 -0.46 23.17
CA THR A 12 17.45 -0.59 21.84
C THR A 12 16.86 -1.98 21.64
N LEU A 13 15.56 -2.10 21.91
CA LEU A 13 14.87 -3.38 21.76
C LEU A 13 14.59 -3.67 20.29
N PRO A 14 14.57 -4.97 19.94
CA PRO A 14 14.31 -5.41 18.57
C PRO A 14 12.87 -5.18 18.14
N ALA A 15 12.69 -4.41 17.07
CA ALA A 15 11.35 -4.12 16.57
C ALA A 15 11.31 -4.24 15.05
N GLY A 16 10.15 -4.63 14.53
CA GLY A 16 9.98 -4.78 13.09
C GLY A 16 10.83 -5.91 12.53
N PRO A 17 10.65 -6.21 11.24
CA PRO A 17 9.70 -5.48 10.39
C PRO A 17 8.25 -5.78 10.76
N PRO A 18 7.35 -4.82 10.45
CA PRO A 18 5.92 -4.96 10.73
C PRO A 18 5.25 -6.02 9.87
N ALA A 19 4.42 -6.86 10.49
CA ALA A 19 3.71 -7.91 9.76
C ALA A 19 2.95 -7.34 8.57
N PRO A 20 3.30 -7.82 7.37
CA PRO A 20 2.67 -7.38 6.12
C PRO A 20 1.21 -7.85 6.00
N PRO A 21 0.38 -7.05 5.33
CA PRO A 21 -1.03 -7.36 5.13
C PRO A 21 -1.24 -8.54 4.18
N GLN A 22 -2.49 -8.99 4.06
CA GLN A 22 -2.81 -10.10 3.18
C GLN A 22 -4.15 -9.88 2.49
N ASP A 23 -4.54 -10.83 1.63
CA ASP A 23 -5.79 -10.73 0.91
C ASP A 23 -5.85 -9.45 0.07
N VAL A 24 -4.70 -9.05 -0.47
CA VAL A 24 -4.60 -7.86 -1.29
C VAL A 24 -5.29 -8.06 -2.63
N THR A 25 -6.17 -7.13 -2.98
CA THR A 25 -6.90 -7.20 -4.25
C THR A 25 -7.21 -5.81 -4.79
N VAL A 26 -7.61 -5.75 -6.06
CA VAL A 26 -7.95 -4.48 -6.69
C VAL A 26 -9.38 -4.47 -7.18
N GLN A 27 -10.22 -3.66 -6.54
CA GLN A 27 -11.63 -3.57 -6.91
C GLN A 27 -11.84 -2.48 -7.97
N ALA A 28 -11.80 -1.23 -7.54
CA ALA A 28 -11.98 -0.11 -8.45
C ALA A 28 -11.79 1.22 -7.72
N GLY A 29 -11.14 2.18 -8.39
CA GLY A 29 -10.91 3.48 -7.80
C GLY A 29 -12.01 4.47 -8.11
N VAL A 30 -12.35 5.29 -7.12
CA VAL A 30 -13.39 6.29 -7.30
C VAL A 30 -13.41 6.84 -8.72
N THR A 31 -12.22 6.90 -9.33
CA THR A 31 -12.09 7.41 -10.70
C THR A 31 -11.61 6.32 -11.64
N PRO A 32 -11.90 6.48 -12.94
CA PRO A 32 -11.49 5.52 -13.97
C PRO A 32 -9.98 5.52 -14.20
N ALA A 33 -9.28 6.36 -13.46
CA ALA A 33 -7.82 6.44 -13.58
C ALA A 33 -7.14 5.97 -12.31
N THR A 34 -7.93 5.48 -11.36
CA THR A 34 -7.40 4.98 -10.09
C THR A 34 -8.00 3.63 -9.73
N ILE A 35 -7.38 2.94 -8.79
CA ILE A 35 -7.85 1.64 -8.35
C ILE A 35 -7.96 1.58 -6.82
N ARG A 36 -8.64 0.55 -6.32
CA ARG A 36 -8.81 0.38 -4.88
C ARG A 36 -8.14 -0.91 -4.41
N VAL A 37 -7.03 -0.76 -3.69
CA VAL A 37 -6.30 -1.91 -3.17
C VAL A 37 -6.81 -2.32 -1.79
N SER A 38 -7.66 -3.33 -1.76
CA SER A 38 -8.23 -3.81 -0.51
C SER A 38 -7.39 -4.96 0.06
N TRP A 39 -7.16 -4.93 1.36
CA TRP A 39 -6.38 -5.96 2.03
C TRP A 39 -6.87 -6.19 3.45
N ARG A 40 -6.21 -7.09 4.18
CA ARG A 40 -6.58 -7.39 5.54
C ARG A 40 -5.44 -7.07 6.50
N PRO A 41 -5.60 -5.97 7.26
CA PRO A 41 -4.59 -5.52 8.23
C PRO A 41 -4.49 -6.46 9.43
N PRO A 42 -3.25 -6.89 9.74
CA PRO A 42 -2.98 -7.79 10.87
C PRO A 42 -3.21 -7.11 12.22
N VAL A 43 -3.64 -7.90 13.20
CA VAL A 43 -3.89 -7.37 14.53
C VAL A 43 -2.71 -6.54 15.03
N LEU A 44 -3.00 -5.49 15.79
CA LEU A 44 -1.97 -4.62 16.33
C LEU A 44 -2.02 -4.59 17.85
N THR A 45 -0.87 -4.80 18.49
CA THR A 45 -0.80 -4.80 19.94
C THR A 45 -1.71 -3.74 20.54
N PRO A 46 -2.08 -3.92 21.82
CA PRO A 46 -2.95 -2.99 22.54
C PRO A 46 -2.26 -1.66 22.83
N THR A 47 -1.17 -1.40 22.12
CA THR A 47 -0.42 -0.16 22.31
C THR A 47 -0.17 0.54 20.98
N GLY A 48 -0.39 -0.19 19.88
CA GLY A 48 -0.19 0.38 18.57
C GLY A 48 1.08 -0.12 17.90
N LEU A 49 1.17 -1.44 17.74
CA LEU A 49 2.33 -2.05 17.12
C LEU A 49 1.97 -3.37 16.45
N SER A 50 2.56 -3.63 15.28
CA SER A 50 2.29 -4.85 14.54
C SER A 50 3.25 -5.97 14.97
N ASN A 51 4.50 -5.86 14.54
CA ASN A 51 5.50 -6.86 14.89
C ASN A 51 6.60 -6.25 15.76
N GLY A 52 6.22 -5.28 16.58
CA GLY A 52 7.17 -4.64 17.47
C GLY A 52 7.52 -3.23 17.01
N ALA A 53 7.10 -2.89 15.80
CA ALA A 53 7.37 -1.57 15.25
C ALA A 53 6.12 -0.70 15.25
N ASN A 54 6.31 0.62 15.27
CA ASN A 54 5.20 1.55 15.29
C ASN A 54 4.63 1.74 13.88
N VAL A 55 3.49 1.12 13.62
CA VAL A 55 2.84 1.23 12.32
C VAL A 55 1.98 2.48 12.23
N THR A 56 2.33 3.37 11.30
CA THR A 56 1.59 4.61 11.11
C THR A 56 0.68 4.53 9.90
N GLY A 57 0.92 3.54 9.04
CA GLY A 57 0.11 3.37 7.85
C GLY A 57 0.70 2.35 6.89
N TYR A 58 0.19 2.35 5.66
CA TYR A 58 0.68 1.42 4.64
C TYR A 58 1.20 2.17 3.41
N GLY A 59 1.76 1.42 2.47
CA GLY A 59 2.30 2.03 1.27
C GLY A 59 2.22 1.11 0.08
N VAL A 60 1.72 1.63 -1.05
CA VAL A 60 1.60 0.84 -2.26
C VAL A 60 2.78 1.09 -3.20
N TYR A 61 3.27 0.02 -3.82
CA TYR A 61 4.40 0.11 -4.73
C TYR A 61 4.11 -0.62 -6.04
N ALA A 62 4.75 -0.17 -7.11
CA ALA A 62 4.55 -0.79 -8.43
C ALA A 62 5.84 -0.72 -9.25
N LYS A 63 6.46 -1.88 -9.45
CA LYS A 63 7.70 -1.96 -10.22
C LYS A 63 8.84 -1.25 -9.50
N GLY A 64 8.77 -1.23 -8.17
CA GLY A 64 9.80 -0.59 -7.39
C GLY A 64 9.61 0.91 -7.29
N GLN A 65 8.36 1.35 -7.42
CA GLN A 65 8.05 2.78 -7.35
C GLN A 65 6.75 3.01 -6.59
N ARG A 66 6.84 3.75 -5.48
CA ARG A 66 5.68 4.04 -4.65
C ARG A 66 4.61 4.76 -5.47
N VAL A 67 3.39 4.25 -5.42
CA VAL A 67 2.27 4.85 -6.15
C VAL A 67 1.31 5.56 -5.20
N ALA A 68 1.23 5.05 -3.97
CA ALA A 68 0.34 5.65 -2.97
C ALA A 68 0.84 5.35 -1.57
N GLU A 69 0.13 5.87 -0.56
CA GLU A 69 0.50 5.65 0.83
C GLU A 69 -0.60 6.15 1.76
N VAL A 70 -1.14 5.25 2.57
CA VAL A 70 -2.19 5.60 3.51
C VAL A 70 -1.66 5.66 4.94
N ILE A 71 -1.81 6.81 5.58
CA ILE A 71 -1.35 7.00 6.95
C ILE A 71 -2.31 6.36 7.95
N PHE A 72 -2.74 5.14 7.65
CA PHE A 72 -3.66 4.42 8.52
C PHE A 72 -3.21 2.98 8.74
N PRO A 73 -2.86 2.65 9.99
CA PRO A 73 -2.40 1.31 10.36
C PRO A 73 -3.52 0.27 10.28
N THR A 74 -4.75 0.72 10.44
CA THR A 74 -5.91 -0.17 10.39
C THR A 74 -6.67 -0.01 9.07
N ALA A 75 -5.96 0.43 8.04
CA ALA A 75 -6.56 0.63 6.73
C ALA A 75 -6.65 -0.70 5.96
N ASP A 76 -7.79 -0.95 5.34
CA ASP A 76 -8.01 -2.17 4.58
C ASP A 76 -8.32 -1.85 3.13
N SER A 77 -8.05 -0.62 2.72
CA SER A 77 -8.31 -0.18 1.35
C SER A 77 -7.73 1.20 1.10
N THR A 78 -7.02 1.34 -0.02
CA THR A 78 -6.41 2.62 -0.37
C THR A 78 -6.49 2.86 -1.88
N ALA A 79 -6.62 4.13 -2.26
CA ALA A 79 -6.71 4.50 -3.66
C ALA A 79 -5.33 4.66 -4.28
N VAL A 80 -5.19 4.24 -5.54
CA VAL A 80 -3.92 4.34 -6.24
C VAL A 80 -4.12 4.76 -7.69
N GLU A 81 -3.21 5.57 -8.20
CA GLU A 81 -3.29 6.04 -9.58
C GLU A 81 -2.85 4.95 -10.55
N LEU A 82 -3.73 4.58 -11.46
CA LEU A 82 -3.44 3.55 -12.44
C LEU A 82 -2.36 4.02 -13.43
N VAL A 83 -2.36 5.32 -13.71
CA VAL A 83 -1.38 5.89 -14.63
C VAL A 83 0.04 5.50 -14.24
N ARG A 84 0.30 5.48 -12.94
CA ARG A 84 1.62 5.12 -12.43
C ARG A 84 1.99 3.69 -12.83
N LEU A 85 0.96 2.86 -13.04
CA LEU A 85 1.17 1.47 -13.43
C LEU A 85 1.43 1.35 -14.94
N ARG A 86 0.95 2.34 -15.69
CA ARG A 86 1.13 2.34 -17.13
C ARG A 86 2.59 2.64 -17.50
N SER A 87 3.10 3.75 -17.00
CA SER A 87 4.48 4.15 -17.28
C SER A 87 5.45 3.01 -16.96
N LEU A 88 5.19 2.31 -15.86
CA LEU A 88 6.03 1.20 -15.44
C LEU A 88 5.51 -0.12 -16.01
N GLU A 89 4.29 -0.09 -16.53
CA GLU A 89 3.69 -1.29 -17.11
C GLU A 89 3.56 -2.40 -16.07
N ALA A 90 3.27 -2.01 -14.84
CA ALA A 90 3.13 -2.97 -13.75
C ALA A 90 1.79 -3.70 -13.83
N LYS A 91 1.85 -5.02 -13.91
CA LYS A 91 0.65 -5.84 -14.00
C LYS A 91 0.18 -6.28 -12.61
N GLY A 92 0.53 -5.48 -11.61
CA GLY A 92 0.14 -5.81 -10.25
C GLY A 92 0.68 -4.81 -9.23
N VAL A 93 0.08 -4.79 -8.05
CA VAL A 93 0.52 -3.88 -6.99
C VAL A 93 0.75 -4.63 -5.69
N THR A 94 1.41 -3.96 -4.74
CA THR A 94 1.69 -4.56 -3.44
C THR A 94 1.49 -3.55 -2.32
N VAL A 95 1.27 -4.05 -1.11
CA VAL A 95 1.08 -3.19 0.06
C VAL A 95 2.13 -3.47 1.13
N ARG A 96 2.81 -2.42 1.56
CA ARG A 96 3.85 -2.55 2.58
C ARG A 96 3.47 -1.80 3.85
N THR A 97 3.57 -2.48 4.99
CA THR A 97 3.22 -1.87 6.27
C THR A 97 4.26 -0.83 6.69
N LEU A 98 3.89 0.43 6.62
CA LEU A 98 4.79 1.52 6.99
C LEU A 98 4.85 1.68 8.50
N SER A 99 6.05 1.91 9.01
CA SER A 99 6.26 2.08 10.45
C SER A 99 7.51 2.90 10.73
N ALA A 100 7.66 3.34 11.98
CA ALA A 100 8.82 4.13 12.37
C ALA A 100 10.11 3.35 12.19
N GLN A 101 10.05 2.04 12.44
CA GLN A 101 11.22 1.18 12.28
C GLN A 101 11.59 1.01 10.82
N GLY A 102 10.59 0.71 9.99
CA GLY A 102 10.83 0.54 8.57
C GLY A 102 9.69 -0.18 7.87
N GLU A 103 9.65 -0.09 6.55
CA GLU A 103 8.60 -0.73 5.77
C GLU A 103 8.73 -2.25 5.84
N SER A 104 7.73 -2.95 5.30
CA SER A 104 7.73 -4.41 5.31
C SER A 104 7.72 -4.95 3.88
N VAL A 105 7.89 -6.27 3.76
CA VAL A 105 7.90 -6.92 2.45
C VAL A 105 6.65 -6.57 1.66
N ASP A 106 6.69 -6.83 0.36
CA ASP A 106 5.56 -6.54 -0.52
C ASP A 106 4.49 -7.63 -0.40
N SER A 107 3.29 -7.24 0.02
CA SER A 107 2.20 -8.19 0.18
C SER A 107 1.92 -8.93 -1.13
N ALA A 108 0.98 -9.86 -1.09
CA ALA A 108 0.63 -10.64 -2.27
C ALA A 108 0.34 -9.73 -3.46
N VAL A 109 1.30 -9.64 -4.38
CA VAL A 109 1.16 -8.81 -5.56
C VAL A 109 -0.23 -8.99 -6.18
N ALA A 110 -1.09 -8.01 -5.94
CA ALA A 110 -2.45 -8.04 -6.49
C ALA A 110 -2.47 -7.64 -7.96
N ALA A 111 -2.49 -8.64 -8.83
CA ALA A 111 -2.51 -8.40 -10.27
C ALA A 111 -3.72 -7.56 -10.67
N VAL A 112 -3.47 -6.34 -11.11
CA VAL A 112 -4.55 -5.43 -11.52
C VAL A 112 -5.22 -5.93 -12.79
N PRO A 113 -6.56 -5.83 -12.84
CA PRO A 113 -7.35 -6.26 -13.98
C PRO A 113 -7.16 -5.36 -15.20
N PRO A 114 -7.19 -5.96 -16.39
CA PRO A 114 -7.01 -5.24 -17.66
C PRO A 114 -8.20 -4.33 -17.98
N GLU A 115 -9.31 -4.56 -17.27
CA GLU A 115 -10.51 -3.76 -17.48
C GLU A 115 -10.37 -2.37 -16.86
N LEU A 116 -9.70 -2.31 -15.71
CA LEU A 116 -9.49 -1.05 -15.02
C LEU A 116 -8.29 -0.30 -15.59
N LEU A 117 -7.35 -1.06 -16.16
CA LEU A 117 -6.15 -0.46 -16.76
C LEU A 117 -6.51 0.35 -18.00
N VAL A 118 -7.48 -0.14 -18.76
CA VAL A 118 -7.91 0.56 -19.98
C VAL A 118 -8.81 1.74 -19.65
N PRO A 119 -8.60 2.86 -20.34
CA PRO A 119 -9.38 4.08 -20.14
C PRO A 119 -10.81 3.94 -20.63
N PRO A 120 -11.67 4.90 -20.24
CA PRO A 120 -13.08 4.91 -20.64
C PRO A 120 -13.27 5.20 -22.13
N THR A 121 -14.44 4.86 -22.64
CA THR A 121 -14.75 5.09 -24.06
C THR A 121 -14.72 6.57 -24.40
N PRO A 122 -14.04 6.90 -25.51
CA PRO A 122 -13.91 8.29 -25.97
C PRO A 122 -15.24 8.85 -26.49
N HIS A 123 -15.60 10.05 -26.02
CA HIS A 123 -16.83 10.69 -26.44
C HIS A 123 -16.59 11.66 -27.59
N PRO A 124 -17.25 11.42 -28.72
CA PRO A 124 -17.12 12.26 -29.92
C PRO A 124 -17.74 13.65 -29.73
N SER A 125 -17.41 14.57 -30.61
CA SER A 125 -17.93 15.93 -30.54
C SER A 125 -18.60 16.32 -31.85
N GLY A 126 -19.26 17.48 -31.84
CA GLY A 126 -19.95 17.95 -33.03
C GLY A 126 -19.00 18.20 -34.18
N PRO A 127 -19.04 19.43 -34.72
CA PRO A 127 -18.17 19.84 -35.84
C PRO A 127 -16.71 19.95 -35.43
N SER A 128 -15.93 18.93 -35.75
CA SER A 128 -14.51 18.90 -35.42
C SER A 128 -13.72 18.12 -36.46
N SER A 129 -12.61 18.71 -36.92
CA SER A 129 -11.78 18.07 -37.92
C SER A 129 -10.50 17.51 -37.29
N GLY A 130 -10.11 16.32 -37.71
CA GLY A 130 -8.91 15.70 -37.16
C GLY A 130 -9.21 14.73 -36.04
N GLY A 1 26.76 28.42 4.98
CA GLY A 1 25.70 27.75 5.69
C GLY A 1 26.02 27.53 7.15
N SER A 2 25.36 26.55 7.77
CA SER A 2 25.58 26.26 9.18
C SER A 2 25.29 24.79 9.47
N SER A 3 26.33 24.07 9.90
CA SER A 3 26.18 22.65 10.21
C SER A 3 25.22 22.44 11.38
N GLY A 4 24.80 21.20 11.58
CA GLY A 4 23.89 20.89 12.66
C GLY A 4 24.59 20.72 14.00
N SER A 5 23.96 20.00 14.92
CA SER A 5 24.53 19.77 16.23
C SER A 5 24.17 18.38 16.76
N SER A 6 24.74 18.02 17.89
CA SER A 6 24.49 16.71 18.50
C SER A 6 23.30 16.79 19.46
N GLY A 7 22.60 15.67 19.61
CA GLY A 7 21.46 15.63 20.50
C GLY A 7 21.49 14.44 21.43
N VAL A 8 20.40 13.68 21.46
CA VAL A 8 20.31 12.51 22.32
C VAL A 8 19.73 11.31 21.56
N GLU A 9 20.22 10.12 21.88
CA GLU A 9 19.74 8.91 21.23
C GLU A 9 19.33 7.86 22.26
N PHE A 10 18.44 6.96 21.87
CA PHE A 10 17.97 5.91 22.76
C PHE A 10 18.62 4.57 22.42
N SER A 11 18.37 3.58 23.26
CA SER A 11 18.94 2.25 23.06
C SER A 11 18.36 1.60 21.81
N THR A 12 19.07 0.60 21.29
CA THR A 12 18.61 -0.11 20.09
C THR A 12 17.74 -1.31 20.46
N LEU A 13 16.43 -1.06 20.55
CA LEU A 13 15.48 -2.12 20.89
C LEU A 13 15.00 -2.84 19.64
N PRO A 14 14.68 -4.14 19.78
CA PRO A 14 14.19 -4.96 18.67
C PRO A 14 12.78 -4.56 18.22
N ALA A 15 12.66 -4.20 16.95
CA ALA A 15 11.38 -3.80 16.39
C ALA A 15 11.35 -3.99 14.88
N GLY A 16 10.15 -4.27 14.35
CA GLY A 16 10.01 -4.49 12.92
C GLY A 16 10.87 -5.63 12.42
N PRO A 17 10.67 -6.01 11.14
CA PRO A 17 9.70 -5.36 10.26
C PRO A 17 8.26 -5.65 10.67
N PRO A 18 7.35 -4.71 10.39
CA PRO A 18 5.93 -4.84 10.71
C PRO A 18 5.24 -5.90 9.85
N ALA A 19 4.34 -6.67 10.48
CA ALA A 19 3.62 -7.72 9.78
C ALA A 19 2.87 -7.16 8.57
N PRO A 20 3.22 -7.65 7.37
CA PRO A 20 2.61 -7.20 6.12
C PRO A 20 1.15 -7.67 6.00
N PRO A 21 0.35 -6.90 5.26
CA PRO A 21 -1.07 -7.21 5.04
C PRO A 21 -1.26 -8.44 4.15
N GLN A 22 -2.51 -8.90 4.04
CA GLN A 22 -2.83 -10.07 3.23
C GLN A 22 -4.16 -9.87 2.51
N ASP A 23 -4.56 -10.89 1.75
CA ASP A 23 -5.82 -10.84 1.02
C ASP A 23 -5.88 -9.59 0.14
N VAL A 24 -4.74 -9.23 -0.45
CA VAL A 24 -4.67 -8.05 -1.30
C VAL A 24 -5.46 -8.27 -2.59
N THR A 25 -6.27 -7.27 -2.94
CA THR A 25 -7.09 -7.34 -4.15
C THR A 25 -7.35 -5.96 -4.73
N VAL A 26 -7.91 -5.91 -5.94
CA VAL A 26 -8.21 -4.65 -6.59
C VAL A 26 -9.65 -4.61 -7.06
N GLN A 27 -10.45 -3.73 -6.45
CA GLN A 27 -11.85 -3.59 -6.80
C GLN A 27 -12.04 -2.52 -7.87
N ALA A 28 -11.95 -1.26 -7.47
CA ALA A 28 -12.11 -0.14 -8.38
C ALA A 28 -11.86 1.19 -7.69
N GLY A 29 -11.19 2.11 -8.37
CA GLY A 29 -10.91 3.41 -7.80
C GLY A 29 -12.00 4.41 -8.07
N VAL A 30 -12.31 5.24 -7.06
CA VAL A 30 -13.35 6.25 -7.20
C VAL A 30 -13.37 6.83 -8.60
N THR A 31 -12.21 6.87 -9.25
CA THR A 31 -12.10 7.40 -10.59
C THR A 31 -11.56 6.36 -11.55
N PRO A 32 -11.84 6.55 -12.85
CA PRO A 32 -11.40 5.62 -13.91
C PRO A 32 -9.89 5.68 -14.12
N ALA A 33 -9.21 6.50 -13.31
CA ALA A 33 -7.76 6.64 -13.42
C ALA A 33 -7.07 6.12 -12.16
N THR A 34 -7.85 5.52 -11.26
CA THR A 34 -7.32 4.98 -10.02
C THR A 34 -7.98 3.66 -9.67
N ILE A 35 -7.42 2.96 -8.69
CA ILE A 35 -7.96 1.68 -8.25
C ILE A 35 -8.05 1.62 -6.72
N ARG A 36 -8.74 0.60 -6.22
CA ARG A 36 -8.91 0.42 -4.78
C ARG A 36 -8.26 -0.87 -4.31
N VAL A 37 -7.03 -0.76 -3.81
CA VAL A 37 -6.30 -1.93 -3.34
C VAL A 37 -6.72 -2.29 -1.92
N SER A 38 -7.57 -3.29 -1.79
CA SER A 38 -8.06 -3.74 -0.49
C SER A 38 -7.15 -4.82 0.08
N TRP A 39 -7.24 -5.03 1.39
CA TRP A 39 -6.43 -6.04 2.07
C TRP A 39 -6.91 -6.25 3.50
N ARG A 40 -6.25 -7.17 4.20
CA ARG A 40 -6.61 -7.47 5.58
C ARG A 40 -5.48 -7.09 6.54
N PRO A 41 -5.69 -6.00 7.29
CA PRO A 41 -4.70 -5.51 8.25
C PRO A 41 -4.56 -6.43 9.45
N PRO A 42 -3.30 -6.81 9.75
CA PRO A 42 -3.00 -7.70 10.87
C PRO A 42 -3.20 -7.02 12.22
N VAL A 43 -3.69 -7.77 13.20
CA VAL A 43 -3.93 -7.24 14.54
C VAL A 43 -2.74 -6.45 15.04
N LEU A 44 -3.02 -5.43 15.86
CA LEU A 44 -1.96 -4.59 16.40
C LEU A 44 -2.02 -4.56 17.93
N THR A 45 -0.87 -4.77 18.55
CA THR A 45 -0.78 -4.77 20.01
C THR A 45 -1.69 -3.71 20.61
N PRO A 46 -2.05 -3.89 21.90
CA PRO A 46 -2.93 -2.96 22.62
C PRO A 46 -2.24 -1.63 22.90
N THR A 47 -1.11 -1.40 22.25
CA THR A 47 -0.35 -0.16 22.43
C THR A 47 -0.08 0.51 21.10
N GLY A 48 -0.32 -0.21 20.01
CA GLY A 48 -0.09 0.35 18.69
C GLY A 48 1.19 -0.15 18.06
N LEU A 49 1.28 -1.46 17.86
CA LEU A 49 2.47 -2.08 17.28
C LEU A 49 2.13 -3.42 16.64
N SER A 50 2.59 -3.62 15.41
CA SER A 50 2.34 -4.86 14.69
C SER A 50 3.36 -5.92 15.08
N ASN A 51 4.57 -5.79 14.57
CA ASN A 51 5.64 -6.74 14.86
C ASN A 51 6.71 -6.10 15.74
N GLY A 52 6.31 -5.11 16.52
CA GLY A 52 7.25 -4.43 17.40
C GLY A 52 7.53 -3.01 16.96
N ALA A 53 7.11 -2.67 15.74
CA ALA A 53 7.33 -1.33 15.20
C ALA A 53 6.05 -0.51 15.28
N ASN A 54 6.20 0.81 15.15
CA ASN A 54 5.05 1.72 15.21
C ASN A 54 4.46 1.93 13.82
N VAL A 55 3.48 1.10 13.46
CA VAL A 55 2.84 1.21 12.16
C VAL A 55 2.02 2.49 12.05
N THR A 56 2.39 3.34 11.09
CA THR A 56 1.70 4.61 10.89
C THR A 56 0.83 4.56 9.64
N GLY A 57 0.99 3.49 8.85
CA GLY A 57 0.22 3.35 7.63
C GLY A 57 0.80 2.32 6.69
N TYR A 58 0.23 2.21 5.50
CA TYR A 58 0.70 1.25 4.51
C TYR A 58 1.20 1.96 3.25
N GLY A 59 1.80 1.20 2.34
CA GLY A 59 2.31 1.77 1.11
C GLY A 59 2.16 0.83 -0.07
N VAL A 60 1.62 1.36 -1.17
CA VAL A 60 1.42 0.57 -2.38
C VAL A 60 2.60 0.72 -3.34
N TYR A 61 2.98 -0.39 -3.96
CA TYR A 61 4.10 -0.38 -4.90
C TYR A 61 3.77 -1.22 -6.13
N ALA A 62 4.45 -0.90 -7.23
CA ALA A 62 4.22 -1.61 -8.50
C ALA A 62 5.53 -2.22 -9.01
N LYS A 63 6.44 -1.36 -9.46
CA LYS A 63 7.73 -1.81 -9.98
C LYS A 63 8.88 -1.18 -9.21
N GLY A 64 8.78 -1.19 -7.88
CA GLY A 64 9.82 -0.63 -7.06
C GLY A 64 9.63 0.86 -6.84
N GLN A 65 8.45 1.37 -7.19
CA GLN A 65 8.15 2.79 -7.03
C GLN A 65 6.82 2.98 -6.34
N ARG A 66 6.86 3.52 -5.12
CA ARG A 66 5.64 3.75 -4.35
C ARG A 66 4.62 4.53 -5.17
N VAL A 67 3.49 3.89 -5.47
CA VAL A 67 2.44 4.53 -6.24
C VAL A 67 1.39 5.16 -5.34
N ALA A 68 1.29 4.64 -4.12
CA ALA A 68 0.32 5.16 -3.14
C ALA A 68 0.78 4.87 -1.72
N GLU A 69 0.17 5.58 -0.77
CA GLU A 69 0.51 5.39 0.64
C GLU A 69 -0.60 5.91 1.55
N VAL A 70 -1.09 5.04 2.43
CA VAL A 70 -2.16 5.41 3.36
C VAL A 70 -1.63 5.54 4.78
N ILE A 71 -1.79 6.72 5.36
CA ILE A 71 -1.34 6.98 6.72
C ILE A 71 -2.31 6.39 7.74
N PHE A 72 -2.72 5.15 7.51
CA PHE A 72 -3.64 4.47 8.40
C PHE A 72 -3.19 3.04 8.67
N PRO A 73 -2.83 2.74 9.92
CA PRO A 73 -2.37 1.41 10.33
C PRO A 73 -3.50 0.38 10.30
N THR A 74 -4.73 0.85 10.46
CA THR A 74 -5.89 -0.03 10.47
C THR A 74 -6.66 0.09 9.16
N ALA A 75 -5.97 0.46 8.09
CA ALA A 75 -6.60 0.60 6.78
C ALA A 75 -6.81 -0.76 6.12
N ASP A 76 -7.93 -0.91 5.44
CA ASP A 76 -8.25 -2.16 4.76
C ASP A 76 -8.34 -1.96 3.25
N SER A 77 -8.22 -0.71 2.82
CA SER A 77 -8.29 -0.37 1.40
C SER A 77 -7.76 1.04 1.15
N THR A 78 -6.96 1.18 0.08
CA THR A 78 -6.39 2.47 -0.27
C THR A 78 -6.44 2.71 -1.78
N ALA A 79 -6.62 3.97 -2.17
CA ALA A 79 -6.68 4.32 -3.58
C ALA A 79 -5.28 4.47 -4.17
N VAL A 80 -5.14 4.12 -5.45
CA VAL A 80 -3.85 4.23 -6.13
C VAL A 80 -4.03 4.71 -7.56
N GLU A 81 -3.08 5.52 -8.03
CA GLU A 81 -3.15 6.05 -9.38
C GLU A 81 -2.73 4.99 -10.40
N LEU A 82 -3.57 4.82 -11.43
CA LEU A 82 -3.31 3.84 -12.47
C LEU A 82 -2.21 4.33 -13.42
N VAL A 83 -2.16 5.64 -13.62
CA VAL A 83 -1.16 6.25 -14.49
C VAL A 83 0.26 5.85 -14.07
N ARG A 84 0.50 5.83 -12.77
CA ARG A 84 1.80 5.47 -12.24
C ARG A 84 2.18 4.04 -12.64
N LEU A 85 1.17 3.23 -12.93
CA LEU A 85 1.38 1.84 -13.33
C LEU A 85 1.65 1.74 -14.82
N ARG A 86 1.19 2.74 -15.57
CA ARG A 86 1.39 2.77 -17.02
C ARG A 86 2.85 3.03 -17.37
N SER A 87 3.39 4.12 -16.81
CA SER A 87 4.78 4.50 -17.07
C SER A 87 5.72 3.31 -16.81
N LEU A 88 5.37 2.50 -15.81
CA LEU A 88 6.18 1.34 -15.46
C LEU A 88 5.64 0.08 -16.12
N GLU A 89 4.40 0.15 -16.60
CA GLU A 89 3.77 -0.99 -17.26
C GLU A 89 3.60 -2.15 -16.28
N ALA A 90 3.28 -1.83 -15.03
CA ALA A 90 3.09 -2.85 -14.01
C ALA A 90 1.73 -3.52 -14.15
N LYS A 91 1.71 -4.85 -14.04
CA LYS A 91 0.47 -5.61 -14.16
C LYS A 91 0.01 -6.08 -12.78
N GLY A 92 0.62 -5.55 -11.74
CA GLY A 92 0.25 -5.93 -10.39
C GLY A 92 0.75 -4.94 -9.36
N VAL A 93 0.13 -4.96 -8.17
CA VAL A 93 0.50 -4.06 -7.10
C VAL A 93 0.69 -4.81 -5.78
N THR A 94 1.33 -4.17 -4.81
CA THR A 94 1.57 -4.78 -3.51
C THR A 94 1.33 -3.79 -2.38
N VAL A 95 1.32 -4.28 -1.15
CA VAL A 95 1.12 -3.43 0.01
C VAL A 95 2.16 -3.71 1.09
N ARG A 96 2.77 -2.66 1.60
CA ARG A 96 3.79 -2.78 2.63
C ARG A 96 3.39 -2.00 3.89
N THR A 97 3.52 -2.64 5.04
CA THR A 97 3.17 -2.00 6.31
C THR A 97 4.24 -1.01 6.74
N LEU A 98 3.91 0.28 6.67
CA LEU A 98 4.84 1.33 7.04
C LEU A 98 4.84 1.55 8.56
N SER A 99 5.98 1.98 9.09
CA SER A 99 6.12 2.22 10.52
C SER A 99 7.37 3.04 10.82
N ALA A 100 7.58 3.32 12.10
CA ALA A 100 8.75 4.11 12.52
C ALA A 100 10.04 3.36 12.23
N GLN A 101 10.00 2.04 12.36
CA GLN A 101 11.17 1.21 12.11
C GLN A 101 11.49 1.15 10.62
N GLY A 102 10.49 0.81 9.81
CA GLY A 102 10.69 0.72 8.38
C GLY A 102 9.53 0.04 7.67
N GLU A 103 9.68 -0.18 6.37
CA GLU A 103 8.65 -0.83 5.58
C GLU A 103 8.79 -2.34 5.63
N SER A 104 7.72 -3.05 5.31
CA SER A 104 7.73 -4.51 5.32
C SER A 104 7.68 -5.06 3.90
N VAL A 105 7.93 -6.36 3.77
CA VAL A 105 7.90 -7.02 2.47
C VAL A 105 6.64 -6.66 1.69
N ASP A 106 6.65 -6.93 0.40
CA ASP A 106 5.51 -6.64 -0.46
C ASP A 106 4.46 -7.75 -0.37
N SER A 107 3.25 -7.38 0.04
CA SER A 107 2.17 -8.36 0.18
C SER A 107 1.92 -9.08 -1.14
N ALA A 108 0.95 -9.98 -1.14
CA ALA A 108 0.61 -10.74 -2.33
C ALA A 108 0.35 -9.82 -3.52
N VAL A 109 1.23 -9.87 -4.51
CA VAL A 109 1.11 -9.04 -5.70
C VAL A 109 -0.28 -9.20 -6.33
N ALA A 110 -1.13 -8.19 -6.14
CA ALA A 110 -2.48 -8.21 -6.69
C ALA A 110 -2.47 -7.76 -8.16
N ALA A 111 -2.50 -8.73 -9.07
CA ALA A 111 -2.51 -8.43 -10.50
C ALA A 111 -3.70 -7.55 -10.86
N VAL A 112 -3.42 -6.31 -11.24
CA VAL A 112 -4.47 -5.37 -11.62
C VAL A 112 -5.17 -5.81 -12.89
N PRO A 113 -6.50 -5.72 -12.89
CA PRO A 113 -7.32 -6.10 -14.05
C PRO A 113 -7.15 -5.14 -15.22
N PRO A 114 -7.19 -5.69 -16.45
CA PRO A 114 -7.04 -4.90 -17.67
C PRO A 114 -8.25 -4.02 -17.93
N GLU A 115 -9.36 -4.30 -17.26
CA GLU A 115 -10.58 -3.53 -17.42
C GLU A 115 -10.48 -2.19 -16.69
N LEU A 116 -9.75 -2.19 -15.58
CA LEU A 116 -9.57 -0.98 -14.79
C LEU A 116 -8.44 -0.12 -15.36
N LEU A 117 -7.49 -0.76 -16.02
CA LEU A 117 -6.36 -0.06 -16.61
C LEU A 117 -6.81 0.73 -17.85
N VAL A 118 -7.74 0.15 -18.61
CA VAL A 118 -8.25 0.79 -19.81
C VAL A 118 -9.22 1.91 -19.47
N PRO A 119 -9.06 3.06 -20.13
CA PRO A 119 -9.90 4.24 -19.91
C PRO A 119 -11.33 4.02 -20.45
N PRO A 120 -12.29 4.73 -19.84
CA PRO A 120 -13.70 4.64 -20.22
C PRO A 120 -13.97 5.25 -21.60
N THR A 121 -15.14 4.96 -22.15
CA THR A 121 -15.51 5.49 -23.47
C THR A 121 -15.98 6.93 -23.36
N PRO A 122 -15.60 7.74 -24.36
CA PRO A 122 -15.98 9.16 -24.40
C PRO A 122 -17.46 9.36 -24.67
N HIS A 123 -17.98 10.52 -24.29
CA HIS A 123 -19.39 10.84 -24.48
C HIS A 123 -19.59 11.65 -25.76
N PRO A 124 -20.78 11.51 -26.37
CA PRO A 124 -21.12 12.23 -27.60
C PRO A 124 -21.30 13.73 -27.37
N SER A 125 -21.51 14.46 -28.46
CA SER A 125 -21.69 15.91 -28.37
C SER A 125 -23.08 16.31 -28.88
N GLY A 126 -23.42 15.82 -30.07
CA GLY A 126 -24.71 16.14 -30.65
C GLY A 126 -25.81 16.23 -29.62
N PRO A 127 -26.76 17.16 -29.83
CA PRO A 127 -27.89 17.36 -28.92
C PRO A 127 -28.87 16.20 -28.93
N SER A 128 -29.27 15.79 -30.13
CA SER A 128 -30.22 14.68 -30.28
C SER A 128 -29.59 13.37 -29.84
N SER A 129 -29.79 13.03 -28.56
CA SER A 129 -29.25 11.81 -28.01
C SER A 129 -29.82 11.54 -26.62
N GLY A 130 -29.55 10.34 -26.10
CA GLY A 130 -30.06 9.98 -24.78
C GLY A 130 -29.03 10.19 -23.69
N GLY A 1 30.79 -22.94 45.87
CA GLY A 1 31.84 -21.96 46.10
C GLY A 1 32.23 -21.22 44.85
N SER A 2 32.35 -21.95 43.74
CA SER A 2 32.73 -21.36 42.47
C SER A 2 31.98 -20.05 42.24
N SER A 3 32.44 -19.28 41.25
CA SER A 3 31.80 -18.01 40.93
C SER A 3 30.32 -18.20 40.62
N GLY A 4 29.61 -17.09 40.47
CA GLY A 4 28.18 -17.15 40.17
C GLY A 4 27.85 -16.55 38.83
N SER A 5 26.66 -15.96 38.71
CA SER A 5 26.22 -15.35 37.47
C SER A 5 25.41 -14.08 37.74
N SER A 6 25.13 -13.33 36.69
CA SER A 6 24.38 -12.09 36.80
C SER A 6 22.90 -12.31 36.49
N GLY A 7 22.07 -11.38 36.92
CA GLY A 7 20.64 -11.49 36.68
C GLY A 7 20.24 -10.99 35.31
N VAL A 8 19.11 -10.29 35.23
CA VAL A 8 18.63 -9.76 33.97
C VAL A 8 18.07 -8.35 34.14
N GLU A 9 17.95 -7.63 33.04
CA GLU A 9 17.44 -6.26 33.07
C GLU A 9 16.37 -6.06 32.00
N PHE A 10 15.78 -4.87 31.97
CA PHE A 10 14.74 -4.55 31.01
C PHE A 10 15.11 -5.08 29.62
N SER A 11 14.15 -5.73 28.98
CA SER A 11 14.36 -6.30 27.64
C SER A 11 14.32 -5.21 26.59
N THR A 12 15.02 -5.44 25.48
CA THR A 12 15.07 -4.48 24.39
C THR A 12 14.84 -5.17 23.04
N LEU A 13 13.89 -6.11 23.02
CA LEU A 13 13.57 -6.83 21.79
C LEU A 13 13.57 -5.90 20.59
N PRO A 14 14.02 -6.43 19.43
CA PRO A 14 14.08 -5.66 18.19
C PRO A 14 12.70 -5.35 17.62
N ALA A 15 12.54 -4.14 17.10
CA ALA A 15 11.26 -3.72 16.52
C ALA A 15 11.24 -3.95 15.02
N GLY A 16 10.07 -4.31 14.50
CA GLY A 16 9.93 -4.56 13.08
C GLY A 16 10.80 -5.71 12.61
N PRO A 17 10.64 -6.09 11.33
CA PRO A 17 9.67 -5.46 10.43
C PRO A 17 8.23 -5.76 10.81
N PRO A 18 7.32 -4.81 10.56
CA PRO A 18 5.91 -4.95 10.88
C PRO A 18 5.21 -5.97 9.97
N ALA A 19 4.42 -6.85 10.59
CA ALA A 19 3.70 -7.87 9.84
C ALA A 19 2.96 -7.27 8.64
N PRO A 20 3.32 -7.73 7.43
CA PRO A 20 2.71 -7.24 6.19
C PRO A 20 1.26 -7.70 6.05
N PRO A 21 0.44 -6.90 5.34
CA PRO A 21 -0.97 -7.20 5.11
C PRO A 21 -1.16 -8.39 4.18
N GLN A 22 -2.41 -8.83 4.04
CA GLN A 22 -2.73 -9.95 3.17
C GLN A 22 -4.09 -9.76 2.50
N ASP A 23 -4.51 -10.74 1.72
CA ASP A 23 -5.79 -10.68 1.02
C ASP A 23 -5.87 -9.45 0.13
N VAL A 24 -4.70 -9.02 -0.37
CA VAL A 24 -4.63 -7.85 -1.24
C VAL A 24 -5.40 -8.10 -2.54
N THR A 25 -6.29 -7.16 -2.87
CA THR A 25 -7.09 -7.27 -4.08
C THR A 25 -7.36 -5.89 -4.69
N VAL A 26 -7.91 -5.88 -5.90
CA VAL A 26 -8.23 -4.63 -6.58
C VAL A 26 -9.68 -4.60 -7.04
N GLN A 27 -10.48 -3.73 -6.42
CA GLN A 27 -11.89 -3.62 -6.77
C GLN A 27 -12.09 -2.55 -7.85
N ALA A 28 -12.01 -1.28 -7.45
CA ALA A 28 -12.18 -0.18 -8.37
C ALA A 28 -11.95 1.16 -7.68
N GLY A 29 -11.35 2.11 -8.41
CA GLY A 29 -11.08 3.42 -7.85
C GLY A 29 -12.17 4.42 -8.16
N VAL A 30 -12.45 5.30 -7.22
CA VAL A 30 -13.48 6.32 -7.41
C VAL A 30 -13.49 6.83 -8.84
N THR A 31 -12.31 6.90 -9.45
CA THR A 31 -12.18 7.38 -10.82
C THR A 31 -11.69 6.27 -11.73
N PRO A 32 -11.98 6.41 -13.05
CA PRO A 32 -11.57 5.42 -14.05
C PRO A 32 -10.07 5.42 -14.29
N ALA A 33 -9.36 6.28 -13.57
CA ALA A 33 -7.91 6.38 -13.70
C ALA A 33 -7.22 5.86 -12.45
N THR A 34 -8.00 5.35 -11.50
CA THR A 34 -7.46 4.82 -10.27
C THR A 34 -8.17 3.53 -9.86
N ILE A 35 -7.61 2.84 -8.86
CA ILE A 35 -8.20 1.60 -8.38
C ILE A 35 -8.25 1.56 -6.85
N ARG A 36 -8.87 0.52 -6.31
CA ARG A 36 -8.98 0.38 -4.86
C ARG A 36 -8.30 -0.90 -4.38
N VAL A 37 -7.16 -0.75 -3.73
CA VAL A 37 -6.41 -1.89 -3.22
C VAL A 37 -6.84 -2.25 -1.80
N SER A 38 -7.70 -3.26 -1.69
CA SER A 38 -8.20 -3.69 -0.39
C SER A 38 -7.36 -4.85 0.14
N TRP A 39 -7.14 -4.86 1.45
CA TRP A 39 -6.36 -5.90 2.09
C TRP A 39 -6.84 -6.15 3.52
N ARG A 40 -6.13 -7.02 4.24
CA ARG A 40 -6.49 -7.35 5.62
C ARG A 40 -5.34 -7.01 6.57
N PRO A 41 -5.51 -5.93 7.34
CA PRO A 41 -4.51 -5.47 8.31
C PRO A 41 -4.37 -6.43 9.49
N PRO A 42 -3.12 -6.82 9.78
CA PRO A 42 -2.83 -7.73 10.89
C PRO A 42 -3.05 -7.08 12.26
N VAL A 43 -3.61 -7.84 13.19
CA VAL A 43 -3.88 -7.34 14.52
C VAL A 43 -2.68 -6.58 15.07
N LEU A 44 -2.95 -5.51 15.82
CA LEU A 44 -1.89 -4.70 16.40
C LEU A 44 -1.96 -4.72 17.92
N THR A 45 -0.83 -4.98 18.56
CA THR A 45 -0.76 -5.02 20.02
C THR A 45 -1.66 -3.96 20.64
N PRO A 46 -2.04 -4.19 21.91
CA PRO A 46 -2.91 -3.26 22.65
C PRO A 46 -2.20 -1.96 22.99
N THR A 47 -1.05 -1.73 22.36
CA THR A 47 -0.27 -0.52 22.60
C THR A 47 0.05 0.20 21.30
N GLY A 48 -0.23 -0.47 20.18
CA GLY A 48 0.04 0.12 18.87
C GLY A 48 1.32 -0.39 18.26
N LEU A 49 1.38 -1.71 18.04
CA LEU A 49 2.57 -2.33 17.45
C LEU A 49 2.21 -3.65 16.79
N SER A 50 2.55 -3.79 15.51
CA SER A 50 2.27 -5.01 14.77
C SER A 50 3.24 -6.12 15.15
N ASN A 51 4.50 -5.97 14.73
CA ASN A 51 5.52 -6.95 15.03
C ASN A 51 6.63 -6.35 15.89
N GLY A 52 6.26 -5.40 16.74
CA GLY A 52 7.23 -4.75 17.60
C GLY A 52 7.54 -3.33 17.17
N ALA A 53 7.10 -2.98 15.97
CA ALA A 53 7.33 -1.63 15.43
C ALA A 53 6.04 -0.81 15.44
N ASN A 54 6.19 0.49 15.28
CA ASN A 54 5.03 1.40 15.27
C ASN A 54 4.53 1.63 13.85
N VAL A 55 3.35 1.10 13.55
CA VAL A 55 2.76 1.25 12.22
C VAL A 55 1.95 2.54 12.12
N THR A 56 2.36 3.43 11.22
CA THR A 56 1.66 4.70 11.03
C THR A 56 0.77 4.65 9.80
N GLY A 57 0.98 3.65 8.95
CA GLY A 57 0.18 3.51 7.75
C GLY A 57 0.73 2.48 6.80
N TYR A 58 0.20 2.44 5.59
CA TYR A 58 0.63 1.47 4.58
C TYR A 58 1.15 2.18 3.33
N GLY A 59 1.68 1.40 2.40
CA GLY A 59 2.21 1.97 1.17
C GLY A 59 2.02 1.05 -0.02
N VAL A 60 1.68 1.63 -1.16
CA VAL A 60 1.47 0.86 -2.38
C VAL A 60 2.62 1.04 -3.36
N TYR A 61 3.01 -0.03 -4.01
CA TYR A 61 4.11 0.02 -4.99
C TYR A 61 3.79 -0.83 -6.21
N ALA A 62 4.35 -0.46 -7.35
CA ALA A 62 4.13 -1.18 -8.60
C ALA A 62 5.38 -1.97 -9.00
N LYS A 63 6.38 -1.28 -9.51
CA LYS A 63 7.62 -1.91 -9.92
C LYS A 63 8.79 -1.47 -9.05
N GLY A 64 8.52 -1.30 -7.75
CA GLY A 64 9.56 -0.88 -6.83
C GLY A 64 9.45 0.59 -6.48
N GLN A 65 8.36 1.23 -6.89
CA GLN A 65 8.14 2.65 -6.61
C GLN A 65 6.85 2.85 -5.83
N ARG A 66 6.91 3.69 -4.80
CA ARG A 66 5.74 3.98 -3.98
C ARG A 66 4.76 4.87 -4.72
N VAL A 67 3.73 4.25 -5.30
CA VAL A 67 2.71 4.98 -6.04
C VAL A 67 1.70 5.64 -5.10
N ALA A 68 1.29 4.89 -4.07
CA ALA A 68 0.33 5.40 -3.10
C ALA A 68 0.83 5.18 -1.68
N GLU A 69 0.13 5.77 -0.71
CA GLU A 69 0.51 5.65 0.69
C GLU A 69 -0.60 6.17 1.60
N VAL A 70 -1.09 5.32 2.50
CA VAL A 70 -2.14 5.69 3.43
C VAL A 70 -1.62 5.77 4.86
N ILE A 71 -1.78 6.94 5.47
CA ILE A 71 -1.33 7.14 6.84
C ILE A 71 -2.30 6.51 7.85
N PHE A 72 -2.73 5.29 7.55
CA PHE A 72 -3.65 4.58 8.43
C PHE A 72 -3.19 3.14 8.65
N PRO A 73 -2.83 2.82 9.91
CA PRO A 73 -2.36 1.48 10.28
C PRO A 73 -3.49 0.44 10.24
N THR A 74 -4.72 0.91 10.38
CA THR A 74 -5.88 0.02 10.35
C THR A 74 -6.63 0.15 9.04
N ALA A 75 -5.95 0.63 8.00
CA ALA A 75 -6.55 0.79 6.69
C ALA A 75 -6.61 -0.53 5.95
N ASP A 76 -7.77 -0.82 5.35
CA ASP A 76 -7.95 -2.06 4.59
C ASP A 76 -8.30 -1.76 3.14
N SER A 77 -8.01 -0.54 2.71
CA SER A 77 -8.30 -0.14 1.33
C SER A 77 -7.76 1.27 1.06
N THR A 78 -7.06 1.42 -0.06
CA THR A 78 -6.50 2.70 -0.44
C THR A 78 -6.56 2.92 -1.95
N ALA A 79 -6.65 4.17 -2.36
CA ALA A 79 -6.73 4.51 -3.77
C ALA A 79 -5.34 4.51 -4.41
N VAL A 80 -5.26 4.06 -5.65
CA VAL A 80 -3.99 4.01 -6.37
C VAL A 80 -4.14 4.49 -7.80
N GLU A 81 -3.18 5.27 -8.27
CA GLU A 81 -3.22 5.81 -9.63
C GLU A 81 -2.85 4.73 -10.64
N LEU A 82 -3.69 4.54 -11.65
CA LEU A 82 -3.44 3.54 -12.69
C LEU A 82 -2.34 4.00 -13.64
N VAL A 83 -2.23 5.32 -13.81
CA VAL A 83 -1.22 5.88 -14.69
C VAL A 83 0.18 5.46 -14.27
N ARG A 84 0.44 5.52 -12.97
CA ARG A 84 1.75 5.13 -12.43
C ARG A 84 2.12 3.72 -12.88
N LEU A 85 1.12 2.87 -13.04
CA LEU A 85 1.35 1.50 -13.47
C LEU A 85 1.69 1.43 -14.96
N ARG A 86 1.18 2.39 -15.72
CA ARG A 86 1.43 2.45 -17.16
C ARG A 86 2.88 2.77 -17.44
N SER A 87 3.37 3.86 -16.87
CA SER A 87 4.75 4.28 -17.07
C SER A 87 5.72 3.14 -16.75
N LEU A 88 5.40 2.39 -15.70
CA LEU A 88 6.24 1.27 -15.28
C LEU A 88 5.80 -0.01 -15.98
N GLU A 89 4.64 0.02 -16.61
CA GLU A 89 4.11 -1.14 -17.32
C GLU A 89 3.90 -2.31 -16.37
N ALA A 90 3.47 -2.00 -15.15
CA ALA A 90 3.23 -3.03 -14.14
C ALA A 90 1.83 -3.60 -14.27
N LYS A 91 1.71 -4.91 -14.04
CA LYS A 91 0.42 -5.59 -14.13
C LYS A 91 -0.11 -5.95 -12.74
N GLY A 92 0.55 -5.43 -11.71
CA GLY A 92 0.14 -5.71 -10.35
C GLY A 92 0.77 -4.78 -9.34
N VAL A 93 0.19 -4.70 -8.15
CA VAL A 93 0.71 -3.84 -7.09
C VAL A 93 0.87 -4.60 -5.79
N THR A 94 1.42 -3.93 -4.78
CA THR A 94 1.63 -4.54 -3.48
C THR A 94 1.42 -3.54 -2.35
N VAL A 95 1.25 -4.04 -1.14
CA VAL A 95 1.04 -3.19 0.03
C VAL A 95 2.05 -3.49 1.13
N ARG A 96 2.74 -2.45 1.58
CA ARG A 96 3.74 -2.60 2.63
C ARG A 96 3.35 -1.81 3.87
N THR A 97 3.52 -2.43 5.03
CA THR A 97 3.18 -1.78 6.30
C THR A 97 4.22 -0.73 6.67
N LEU A 98 3.82 0.53 6.62
CA LEU A 98 4.72 1.63 6.95
C LEU A 98 4.84 1.80 8.47
N SER A 99 6.07 2.01 8.94
CA SER A 99 6.32 2.17 10.36
C SER A 99 7.53 3.07 10.60
N ALA A 100 7.75 3.43 11.86
CA ALA A 100 8.87 4.30 12.22
C ALA A 100 10.20 3.60 11.96
N GLN A 101 10.23 2.28 12.13
CA GLN A 101 11.45 1.50 11.92
C GLN A 101 11.73 1.34 10.43
N GLY A 102 10.71 0.95 9.68
CA GLY A 102 10.87 0.77 8.25
C GLY A 102 9.70 0.03 7.62
N GLU A 103 9.68 0.00 6.29
CA GLU A 103 8.60 -0.67 5.57
C GLU A 103 8.77 -2.19 5.63
N SER A 104 7.70 -2.91 5.31
CA SER A 104 7.73 -4.37 5.34
C SER A 104 7.64 -4.94 3.92
N VAL A 105 7.98 -6.21 3.78
CA VAL A 105 7.94 -6.88 2.48
C VAL A 105 6.68 -6.51 1.71
N ASP A 106 6.71 -6.73 0.41
CA ASP A 106 5.56 -6.43 -0.44
C ASP A 106 4.52 -7.54 -0.37
N SER A 107 3.31 -7.19 0.05
CA SER A 107 2.23 -8.16 0.17
C SER A 107 2.00 -8.89 -1.15
N ALA A 108 1.07 -9.83 -1.15
CA ALA A 108 0.75 -10.61 -2.34
C ALA A 108 0.46 -9.69 -3.52
N VAL A 109 1.38 -9.66 -4.48
CA VAL A 109 1.21 -8.82 -5.67
C VAL A 109 -0.17 -9.01 -6.29
N ALA A 110 -1.04 -8.02 -6.07
CA ALA A 110 -2.39 -8.08 -6.62
C ALA A 110 -2.41 -7.64 -8.08
N ALA A 111 -2.43 -8.63 -8.97
CA ALA A 111 -2.45 -8.36 -10.41
C ALA A 111 -3.68 -7.53 -10.80
N VAL A 112 -3.44 -6.29 -11.21
CA VAL A 112 -4.53 -5.40 -11.60
C VAL A 112 -5.22 -5.90 -12.86
N PRO A 113 -6.56 -5.84 -12.87
CA PRO A 113 -7.37 -6.28 -14.00
C PRO A 113 -7.23 -5.36 -15.21
N PRO A 114 -7.28 -5.94 -16.42
CA PRO A 114 -7.16 -5.18 -17.67
C PRO A 114 -8.38 -4.33 -17.94
N GLU A 115 -9.47 -4.60 -17.22
CA GLU A 115 -10.71 -3.85 -17.38
C GLU A 115 -10.59 -2.47 -16.75
N LEU A 116 -9.93 -2.41 -15.60
CA LEU A 116 -9.75 -1.14 -14.89
C LEU A 116 -8.64 -0.30 -15.54
N LEU A 117 -7.61 -0.99 -16.03
CA LEU A 117 -6.49 -0.31 -16.68
C LEU A 117 -6.96 0.45 -17.91
N VAL A 118 -7.93 -0.11 -18.63
CA VAL A 118 -8.46 0.52 -19.82
C VAL A 118 -9.61 1.47 -19.48
N PRO A 119 -9.55 2.69 -20.05
CA PRO A 119 -10.57 3.71 -19.82
C PRO A 119 -11.90 3.36 -20.47
N PRO A 120 -12.97 4.07 -20.08
CA PRO A 120 -14.31 3.85 -20.61
C PRO A 120 -14.44 4.31 -22.06
N THR A 121 -15.20 3.56 -22.85
CA THR A 121 -15.41 3.89 -24.25
C THR A 121 -16.79 3.45 -24.73
N PRO A 122 -17.42 4.28 -25.57
CA PRO A 122 -18.75 3.99 -26.12
C PRO A 122 -18.73 2.85 -27.11
N HIS A 123 -19.92 2.39 -27.50
CA HIS A 123 -20.04 1.29 -28.46
C HIS A 123 -20.52 1.80 -29.81
N PRO A 124 -19.66 1.71 -30.83
CA PRO A 124 -19.99 2.15 -32.18
C PRO A 124 -21.03 1.26 -32.85
N SER A 125 -20.97 -0.04 -32.56
CA SER A 125 -21.90 -0.99 -33.14
C SER A 125 -23.35 -0.60 -32.84
N GLY A 126 -24.19 -0.66 -33.86
CA GLY A 126 -25.58 -0.31 -33.68
C GLY A 126 -26.52 -1.49 -33.84
N PRO A 127 -27.70 -1.43 -33.20
CA PRO A 127 -28.70 -2.50 -33.26
C PRO A 127 -29.34 -2.61 -34.64
N SER A 128 -30.20 -3.61 -34.80
CA SER A 128 -30.88 -3.84 -36.08
C SER A 128 -32.37 -3.56 -35.94
N SER A 129 -32.91 -2.80 -36.89
CA SER A 129 -34.33 -2.47 -36.88
C SER A 129 -35.09 -3.29 -37.93
N GLY A 130 -34.54 -3.35 -39.13
CA GLY A 130 -35.17 -4.10 -40.20
C GLY A 130 -34.24 -4.38 -41.36
N GLY A 1 31.85 -20.09 41.48
CA GLY A 1 30.49 -20.04 41.96
C GLY A 1 30.13 -18.70 42.57
N SER A 2 29.05 -18.10 42.10
CA SER A 2 28.61 -16.80 42.60
C SER A 2 27.18 -16.50 42.14
N SER A 3 26.40 -15.91 43.03
CA SER A 3 25.01 -15.57 42.72
C SER A 3 24.63 -14.23 43.34
N GLY A 4 23.95 -13.39 42.57
CA GLY A 4 23.54 -12.10 43.05
C GLY A 4 22.26 -11.61 42.41
N SER A 5 21.62 -10.62 43.03
CA SER A 5 20.37 -10.07 42.50
C SER A 5 20.41 -8.55 42.50
N SER A 6 20.77 -7.98 41.35
CA SER A 6 20.85 -6.53 41.21
C SER A 6 19.46 -5.89 41.33
N GLY A 7 18.49 -6.50 40.67
CA GLY A 7 17.13 -5.99 40.71
C GLY A 7 16.39 -6.19 39.40
N VAL A 8 15.65 -5.18 38.97
CA VAL A 8 14.89 -5.26 37.73
C VAL A 8 15.80 -5.17 36.51
N GLU A 9 15.73 -6.17 35.65
CA GLU A 9 16.56 -6.20 34.45
C GLU A 9 15.69 -6.17 33.19
N PHE A 10 16.27 -5.70 32.10
CA PHE A 10 15.55 -5.62 30.83
C PHE A 10 16.53 -5.57 29.65
N SER A 11 15.99 -5.75 28.45
CA SER A 11 16.82 -5.74 27.24
C SER A 11 16.04 -5.18 26.06
N THR A 12 16.55 -4.12 25.46
CA THR A 12 15.91 -3.49 24.31
C THR A 12 16.05 -4.34 23.06
N LEU A 13 14.96 -5.00 22.69
CA LEU A 13 14.95 -5.86 21.51
C LEU A 13 14.59 -5.07 20.26
N PRO A 14 15.01 -5.58 19.09
CA PRO A 14 14.74 -4.93 17.80
C PRO A 14 13.26 -5.00 17.42
N ALA A 15 12.76 -3.91 16.84
CA ALA A 15 11.36 -3.85 16.43
C ALA A 15 11.23 -3.97 14.91
N GLY A 16 10.14 -4.57 14.46
CA GLY A 16 9.93 -4.74 13.03
C GLY A 16 10.78 -5.85 12.43
N PRO A 17 10.58 -6.12 11.14
CA PRO A 17 9.60 -5.40 10.32
C PRO A 17 8.16 -5.74 10.71
N PRO A 18 7.24 -4.79 10.46
CA PRO A 18 5.82 -4.97 10.78
C PRO A 18 5.14 -5.99 9.88
N ALA A 19 4.32 -6.85 10.49
CA ALA A 19 3.63 -7.88 9.73
C ALA A 19 2.86 -7.29 8.56
N PRO A 20 3.20 -7.75 7.34
CA PRO A 20 2.57 -7.27 6.11
C PRO A 20 1.11 -7.73 5.99
N PRO A 21 0.29 -6.94 5.29
CA PRO A 21 -1.13 -7.23 5.09
C PRO A 21 -1.33 -8.43 4.16
N GLN A 22 -2.57 -8.90 4.08
CA GLN A 22 -2.91 -10.03 3.23
C GLN A 22 -4.25 -9.81 2.52
N ASP A 23 -4.68 -10.81 1.76
CA ASP A 23 -5.94 -10.72 1.03
C ASP A 23 -5.96 -9.49 0.13
N VAL A 24 -4.82 -9.17 -0.45
CA VAL A 24 -4.71 -8.01 -1.33
C VAL A 24 -5.48 -8.23 -2.63
N THR A 25 -6.27 -7.25 -3.02
CA THR A 25 -7.06 -7.33 -4.25
C THR A 25 -7.36 -5.95 -4.81
N VAL A 26 -7.90 -5.92 -6.02
CA VAL A 26 -8.24 -4.66 -6.67
C VAL A 26 -9.70 -4.62 -7.09
N GLN A 27 -10.49 -3.80 -6.41
CA GLN A 27 -11.91 -3.67 -6.71
C GLN A 27 -12.15 -2.60 -7.77
N ALA A 28 -12.05 -1.34 -7.36
CA ALA A 28 -12.27 -0.22 -8.28
C ALA A 28 -12.01 1.11 -7.58
N GLY A 29 -11.26 1.99 -8.25
CA GLY A 29 -10.95 3.29 -7.68
C GLY A 29 -12.02 4.32 -7.97
N VAL A 30 -12.27 5.19 -7.00
CA VAL A 30 -13.29 6.23 -7.16
C VAL A 30 -13.33 6.75 -8.59
N THR A 31 -12.16 6.85 -9.21
CA THR A 31 -12.06 7.32 -10.59
C THR A 31 -11.52 6.24 -11.51
N PRO A 32 -11.82 6.37 -12.82
CA PRO A 32 -11.37 5.41 -13.83
C PRO A 32 -9.87 5.46 -14.06
N ALA A 33 -9.19 6.31 -13.29
CA ALA A 33 -7.75 6.46 -13.42
C ALA A 33 -7.03 5.91 -12.19
N THR A 34 -7.80 5.35 -11.26
CA THR A 34 -7.24 4.80 -10.03
C THR A 34 -7.92 3.49 -9.66
N ILE A 35 -7.40 2.82 -8.64
CA ILE A 35 -7.96 1.56 -8.18
C ILE A 35 -8.07 1.52 -6.67
N ARG A 36 -8.78 0.53 -6.14
CA ARG A 36 -8.97 0.38 -4.71
C ARG A 36 -8.33 -0.91 -4.21
N VAL A 37 -7.10 -0.81 -3.72
CA VAL A 37 -6.37 -1.97 -3.21
C VAL A 37 -6.85 -2.34 -1.82
N SER A 38 -7.70 -3.37 -1.74
CA SER A 38 -8.23 -3.82 -0.46
C SER A 38 -7.39 -4.97 0.11
N TRP A 39 -7.24 -4.99 1.43
CA TRP A 39 -6.46 -6.03 2.09
C TRP A 39 -6.98 -6.27 3.50
N ARG A 40 -6.29 -7.14 4.24
CA ARG A 40 -6.67 -7.45 5.60
C ARG A 40 -5.57 -7.07 6.59
N PRO A 41 -5.82 -5.98 7.35
CA PRO A 41 -4.86 -5.47 8.33
C PRO A 41 -4.73 -6.39 9.54
N PRO A 42 -3.49 -6.80 9.84
CA PRO A 42 -3.20 -7.68 10.97
C PRO A 42 -3.42 -7.00 12.32
N VAL A 43 -3.72 -7.80 13.33
CA VAL A 43 -3.95 -7.27 14.68
C VAL A 43 -2.76 -6.46 15.17
N LEU A 44 -3.03 -5.42 15.95
CA LEU A 44 -1.97 -4.56 16.48
C LEU A 44 -1.99 -4.58 18.01
N THR A 45 -0.81 -4.80 18.60
CA THR A 45 -0.68 -4.83 20.05
C THR A 45 -1.58 -3.79 20.71
N PRO A 46 -1.91 -4.01 21.99
CA PRO A 46 -2.76 -3.10 22.76
C PRO A 46 -2.09 -1.78 23.06
N THR A 47 -1.00 -1.49 22.33
CA THR A 47 -0.26 -0.25 22.53
C THR A 47 -0.08 0.48 21.20
N GLY A 48 -0.24 -0.24 20.10
CA GLY A 48 -0.10 0.36 18.78
C GLY A 48 1.15 -0.13 18.06
N LEU A 49 1.30 -1.45 17.96
CA LEU A 49 2.45 -2.03 17.30
C LEU A 49 2.11 -3.41 16.73
N SER A 50 2.49 -3.64 15.48
CA SER A 50 2.22 -4.91 14.82
C SER A 50 3.25 -5.95 15.22
N ASN A 51 4.46 -5.82 14.69
CA ASN A 51 5.54 -6.76 14.98
C ASN A 51 6.68 -6.06 15.73
N GLY A 52 6.32 -5.05 16.52
CA GLY A 52 7.32 -4.32 17.28
C GLY A 52 7.54 -2.91 16.75
N ALA A 53 7.10 -2.66 15.51
CA ALA A 53 7.25 -1.36 14.90
C ALA A 53 5.97 -0.54 15.03
N ASN A 54 6.11 0.78 14.99
CA ASN A 54 4.96 1.68 15.12
C ASN A 54 4.29 1.89 13.76
N VAL A 55 3.39 0.98 13.40
CA VAL A 55 2.69 1.07 12.14
C VAL A 55 1.86 2.36 12.05
N THR A 56 2.28 3.27 11.18
CA THR A 56 1.58 4.53 11.00
C THR A 56 0.76 4.54 9.73
N GLY A 57 0.90 3.48 8.93
CA GLY A 57 0.15 3.38 7.69
C GLY A 57 0.74 2.35 6.74
N TYR A 58 0.18 2.26 5.54
CA TYR A 58 0.64 1.31 4.54
C TYR A 58 1.17 2.03 3.30
N GLY A 59 1.74 1.26 2.38
CA GLY A 59 2.26 1.84 1.16
C GLY A 59 2.08 0.93 -0.04
N VAL A 60 1.58 1.51 -1.14
CA VAL A 60 1.36 0.74 -2.36
C VAL A 60 2.52 0.89 -3.33
N TYR A 61 2.92 -0.22 -3.94
CA TYR A 61 4.03 -0.21 -4.89
C TYR A 61 3.69 -1.04 -6.13
N ALA A 62 4.37 -0.74 -7.23
CA ALA A 62 4.14 -1.46 -8.48
C ALA A 62 5.43 -2.10 -8.99
N LYS A 63 6.37 -1.26 -9.42
CA LYS A 63 7.65 -1.75 -9.93
C LYS A 63 8.80 -1.17 -9.12
N GLY A 64 8.69 -1.21 -7.80
CA GLY A 64 9.73 -0.68 -6.94
C GLY A 64 9.62 0.81 -6.74
N GLN A 65 8.46 1.37 -7.07
CA GLN A 65 8.22 2.80 -6.91
C GLN A 65 6.91 3.07 -6.17
N ARG A 66 7.03 3.63 -4.96
CA ARG A 66 5.86 3.93 -4.15
C ARG A 66 4.82 4.71 -4.96
N VAL A 67 3.71 4.04 -5.29
CA VAL A 67 2.65 4.67 -6.06
C VAL A 67 1.67 5.38 -5.14
N ALA A 68 1.34 4.75 -4.02
CA ALA A 68 0.41 5.33 -3.06
C ALA A 68 0.86 5.07 -1.63
N GLU A 69 0.15 5.66 -0.67
CA GLU A 69 0.49 5.49 0.73
C GLU A 69 -0.64 5.98 1.63
N VAL A 70 -1.10 5.12 2.53
CA VAL A 70 -2.18 5.47 3.45
C VAL A 70 -1.67 5.58 4.88
N ILE A 71 -1.87 6.75 5.47
CA ILE A 71 -1.43 7.00 6.85
C ILE A 71 -2.40 6.37 7.85
N PHE A 72 -2.80 5.14 7.58
CA PHE A 72 -3.72 4.42 8.46
C PHE A 72 -3.26 2.99 8.69
N PRO A 73 -2.92 2.67 9.94
CA PRO A 73 -2.44 1.33 10.32
C PRO A 73 -3.56 0.30 10.27
N THR A 74 -4.79 0.74 10.52
CA THR A 74 -5.94 -0.15 10.50
C THR A 74 -6.73 -0.02 9.20
N ALA A 75 -6.03 0.38 8.14
CA ALA A 75 -6.65 0.55 6.83
C ALA A 75 -6.92 -0.80 6.17
N ASP A 76 -7.98 -0.87 5.37
CA ASP A 76 -8.34 -2.11 4.68
C ASP A 76 -8.43 -1.88 3.18
N SER A 77 -8.29 -0.63 2.76
CA SER A 77 -8.36 -0.28 1.34
C SER A 77 -7.80 1.12 1.10
N THR A 78 -7.11 1.28 -0.01
CA THR A 78 -6.52 2.57 -0.36
C THR A 78 -6.60 2.83 -1.87
N ALA A 79 -6.44 4.09 -2.26
CA ALA A 79 -6.50 4.46 -3.66
C ALA A 79 -5.11 4.53 -4.27
N VAL A 80 -4.99 4.14 -5.54
CA VAL A 80 -3.71 4.16 -6.23
C VAL A 80 -3.88 4.63 -7.67
N GLU A 81 -2.93 5.45 -8.13
CA GLU A 81 -2.97 5.97 -9.49
C GLU A 81 -2.59 4.89 -10.50
N LEU A 82 -3.47 4.68 -11.48
CA LEU A 82 -3.24 3.68 -12.51
C LEU A 82 -2.14 4.13 -13.48
N VAL A 83 -2.05 5.44 -13.69
CA VAL A 83 -1.05 6.01 -14.58
C VAL A 83 0.36 5.59 -14.17
N ARG A 84 0.62 5.62 -12.87
CA ARG A 84 1.93 5.25 -12.34
C ARG A 84 2.29 3.83 -12.74
N LEU A 85 1.26 3.02 -13.02
CA LEU A 85 1.48 1.63 -13.41
C LEU A 85 1.75 1.52 -14.91
N ARG A 86 1.27 2.52 -15.67
CA ARG A 86 1.46 2.53 -17.11
C ARG A 86 2.92 2.81 -17.46
N SER A 87 3.44 3.93 -16.99
CA SER A 87 4.82 4.31 -17.26
C SER A 87 5.77 3.16 -16.95
N LEU A 88 5.46 2.42 -15.88
CA LEU A 88 6.29 1.29 -15.48
C LEU A 88 5.78 0.00 -16.10
N GLU A 89 4.55 0.03 -16.60
CA GLU A 89 3.94 -1.15 -17.22
C GLU A 89 3.78 -2.27 -16.21
N ALA A 90 3.44 -1.91 -14.98
CA ALA A 90 3.25 -2.90 -13.92
C ALA A 90 1.87 -3.53 -14.01
N LYS A 91 1.85 -4.87 -14.06
CA LYS A 91 0.59 -5.60 -14.15
C LYS A 91 0.15 -6.10 -12.78
N GLY A 92 0.57 -5.39 -11.74
CA GLY A 92 0.22 -5.77 -10.39
C GLY A 92 0.75 -4.80 -9.34
N VAL A 93 0.12 -4.79 -8.17
CA VAL A 93 0.53 -3.91 -7.09
C VAL A 93 0.76 -4.68 -5.80
N THR A 94 1.35 -4.00 -4.81
CA THR A 94 1.62 -4.63 -3.53
C THR A 94 1.44 -3.64 -2.39
N VAL A 95 1.27 -4.17 -1.18
CA VAL A 95 1.08 -3.33 0.00
C VAL A 95 2.16 -3.60 1.05
N ARG A 96 2.75 -2.53 1.58
CA ARG A 96 3.80 -2.66 2.59
C ARG A 96 3.42 -1.91 3.86
N THR A 97 3.54 -2.59 4.99
CA THR A 97 3.21 -1.99 6.28
C THR A 97 4.24 -0.96 6.69
N LEU A 98 3.90 0.31 6.54
CA LEU A 98 4.80 1.40 6.90
C LEU A 98 4.88 1.58 8.40
N SER A 99 6.06 1.97 8.89
CA SER A 99 6.27 2.16 10.32
C SER A 99 7.56 2.94 10.57
N ALA A 100 7.65 3.57 11.74
CA ALA A 100 8.82 4.35 12.11
C ALA A 100 10.10 3.52 11.97
N GLN A 101 9.99 2.22 12.25
CA GLN A 101 11.12 1.32 12.15
C GLN A 101 11.50 1.07 10.70
N GLY A 102 10.51 1.14 9.81
CA GLY A 102 10.76 0.92 8.41
C GLY A 102 9.61 0.20 7.72
N GLU A 103 9.67 0.11 6.39
CA GLU A 103 8.64 -0.56 5.63
C GLU A 103 8.81 -2.07 5.68
N SER A 104 7.77 -2.80 5.29
CA SER A 104 7.80 -4.25 5.30
C SER A 104 7.83 -4.81 3.88
N VAL A 105 7.82 -6.13 3.77
CA VAL A 105 7.83 -6.80 2.47
C VAL A 105 6.59 -6.45 1.66
N ASP A 106 6.63 -6.77 0.37
CA ASP A 106 5.50 -6.49 -0.52
C ASP A 106 4.47 -7.61 -0.44
N SER A 107 3.25 -7.27 -0.02
CA SER A 107 2.18 -8.23 0.09
C SER A 107 1.96 -8.97 -1.22
N ALA A 108 1.04 -9.93 -1.23
CA ALA A 108 0.73 -10.71 -2.42
C ALA A 108 0.43 -9.79 -3.61
N VAL A 109 1.36 -9.73 -4.55
CA VAL A 109 1.19 -8.90 -5.74
C VAL A 109 -0.18 -9.12 -6.37
N ALA A 110 -1.08 -8.15 -6.17
CA ALA A 110 -2.42 -8.23 -6.72
C ALA A 110 -2.46 -7.72 -8.16
N ALA A 111 -2.42 -8.65 -9.11
CA ALA A 111 -2.45 -8.30 -10.53
C ALA A 111 -3.68 -7.45 -10.85
N VAL A 112 -3.45 -6.18 -11.22
CA VAL A 112 -4.54 -5.28 -11.55
C VAL A 112 -5.22 -5.71 -12.84
N PRO A 113 -6.57 -5.62 -12.85
CA PRO A 113 -7.37 -5.99 -14.02
C PRO A 113 -7.21 -5.02 -15.18
N PRO A 114 -7.26 -5.54 -16.41
CA PRO A 114 -7.12 -4.73 -17.62
C PRO A 114 -8.31 -3.82 -17.86
N GLU A 115 -9.45 -4.20 -17.30
CA GLU A 115 -10.68 -3.42 -17.44
C GLU A 115 -10.54 -2.06 -16.75
N LEU A 116 -9.92 -2.07 -15.57
CA LEU A 116 -9.73 -0.85 -14.80
C LEU A 116 -8.54 -0.05 -15.33
N LEU A 117 -7.55 -0.76 -15.87
CA LEU A 117 -6.36 -0.12 -16.42
C LEU A 117 -6.71 0.73 -17.64
N VAL A 118 -7.62 0.23 -18.46
CA VAL A 118 -8.04 0.94 -19.66
C VAL A 118 -9.05 2.04 -19.32
N PRO A 119 -8.79 3.26 -19.81
CA PRO A 119 -9.66 4.42 -19.58
C PRO A 119 -10.99 4.30 -20.30
N PRO A 120 -12.07 4.68 -19.62
CA PRO A 120 -13.43 4.62 -20.19
C PRO A 120 -13.64 5.66 -21.30
N THR A 121 -14.84 5.70 -21.85
CA THR A 121 -15.17 6.64 -22.91
C THR A 121 -16.54 7.28 -22.68
N PRO A 122 -16.64 8.57 -23.00
CA PRO A 122 -17.89 9.33 -22.83
C PRO A 122 -18.97 8.90 -23.83
N HIS A 123 -19.90 8.07 -23.37
CA HIS A 123 -20.97 7.59 -24.22
C HIS A 123 -21.51 8.70 -25.12
N PRO A 124 -21.62 8.42 -26.42
CA PRO A 124 -22.12 9.38 -27.41
C PRO A 124 -23.60 9.67 -27.23
N SER A 125 -24.05 10.82 -27.76
CA SER A 125 -25.44 11.21 -27.66
C SER A 125 -25.73 12.42 -28.55
N GLY A 126 -27.01 12.65 -28.82
CA GLY A 126 -27.40 13.77 -29.66
C GLY A 126 -28.51 14.60 -29.05
N PRO A 127 -28.82 15.73 -29.69
CA PRO A 127 -29.88 16.63 -29.23
C PRO A 127 -31.27 16.04 -29.39
N SER A 128 -32.00 15.92 -28.29
CA SER A 128 -33.34 15.36 -28.31
C SER A 128 -34.37 16.39 -27.86
N SER A 129 -35.55 16.36 -28.47
CA SER A 129 -36.62 17.29 -28.13
C SER A 129 -36.77 17.41 -26.61
N GLY A 130 -36.92 16.26 -25.95
CA GLY A 130 -37.07 16.27 -24.50
C GLY A 130 -36.50 15.02 -23.86
#